data_8OZ7
#
_entry.id   8OZ7
#
_cell.length_a   84.090
_cell.length_b   86.100
_cell.length_c   117.010
_cell.angle_alpha   99.320
_cell.angle_beta   90.180
_cell.angle_gamma   90.270
#
_symmetry.space_group_name_H-M   'P 1'
#
loop_
_entity.id
_entity.type
_entity.pdbx_description
1 polymer AbiA
2 polymer "DNA (5'-D(*AP*AP*AP*AP*AP*AP*AP*AP*T)-3')"
3 non-polymer 'MAGNESIUM ION'
4 water water
#
loop_
_entity_poly.entity_id
_entity_poly.type
_entity_poly.pdbx_seq_one_letter_code
_entity_poly.pdbx_strand_id
1 'polypeptide(L)'
;MGSSHHHHHHSSGLVPRGSHMEGEYIKLKVIGQDSSEIHFKVKMTTHLKKLKESYCQRQGVPMNSLRFLFEGQRIADNHT
PKELGMEEEDVIEVYQEQTGGSMITLQHQDWERAVNMIKNIPPSAKNKYFQTFPFFLLSETSWEELLSENFFYSYIKSGE
FLTYQENLSFYDRTIQKSHGAYRQTRIVSPIIYIFLIAIASQVERIYVEKRTNDMSVYFSGSFEKEKNTAHYKQSYNTYM
TELNACQEEFDYYFQTDFSTFFHLVDTDNLFNKIDRLDPKSALVYSSLIKMIGQGRMPIVDGNSGLSFLNTVVYLDDFDK
EIIDSLKTIVEIESFKLVRYVDDLHIFIKCANKDLDFLNYKVYNLLCEKATKHHLEINSSKTKSFTPTSELSTKMNTDLY
NFFVYNEDVDFEQYFSKNTLIEFLDKLNNMSVNADFSEYEKEVLYTLENPEIVSDGSYILNAIVYNKSTWSQDYDIKNKI
SLLVNSNYRKLRYSAKALITLVLNTRDGDIIKGLLNNLFTTFKNGTNDIIDEIILIEYLVQRKFNHKDLMTILKADDHGI
KEYIKAYQTSDFIKSLEKNKVIFYTNQKEVYPLISKDKILNFIYFRAKYFESLDLVLESFAYYKNYFDRFVAHAMFCTGI
DSGRKPNYKLYYTEGKLIDGLKQLNFLSSDEITKIINEAHKIRNSNPVSHSSAGLLQNEDFSRYRVKSSLNDLKIIIEQL
STLLQNKNRL
;
A,B,C,D
2 'polydeoxyribonucleotide' (DA)(DA)(DA)(DA)(DA)(DA)(DA)(DA)(DT) E,F,G,H
#
loop_
_chem_comp.id
_chem_comp.type
_chem_comp.name
_chem_comp.formula
DA DNA linking 2'-DEOXYADENOSINE-5'-MONOPHOSPHATE 'C10 H14 N5 O6 P'
DT DNA linking THYMIDINE-5'-MONOPHOSPHATE 'C10 H15 N2 O8 P'
MG non-polymer 'MAGNESIUM ION' 'Mg 2'
#
# COMPACT_ATOMS: atom_id res chain seq x y z
N SER A 102 2.74 -4.96 35.26
CA SER A 102 2.37 -3.86 34.39
C SER A 102 1.01 -4.12 33.74
N MET A 103 -0.01 -3.38 34.15
CA MET A 103 -1.33 -3.55 33.57
C MET A 103 -1.58 -2.64 32.38
N ILE A 104 -0.68 -1.69 32.12
CA ILE A 104 -0.69 -0.92 30.87
C ILE A 104 0.75 -0.86 30.37
N THR A 105 0.92 -1.12 29.08
CA THR A 105 2.25 -1.07 28.47
C THR A 105 2.67 0.33 28.05
N LEU A 106 1.93 1.35 28.48
CA LEU A 106 2.32 2.73 28.24
C LEU A 106 3.69 3.00 28.83
N GLN A 107 4.50 3.77 28.11
CA GLN A 107 5.85 4.10 28.55
C GLN A 107 5.90 5.51 29.11
N HIS A 108 6.96 5.78 29.87
CA HIS A 108 7.15 7.12 30.43
C HIS A 108 7.32 8.15 29.32
N GLN A 109 7.99 7.79 28.23
CA GLN A 109 8.15 8.70 27.12
C GLN A 109 6.79 9.12 26.55
N ASP A 110 5.84 8.18 26.52
CA ASP A 110 4.50 8.49 26.02
C ASP A 110 3.80 9.50 26.92
N TRP A 111 3.84 9.27 28.24
CA TRP A 111 3.27 10.24 29.17
C TRP A 111 4.03 11.56 29.14
N GLU A 112 5.36 11.50 29.10
CA GLU A 112 6.15 12.72 29.01
C GLU A 112 5.78 13.52 27.77
N ARG A 113 5.65 12.84 26.63
CA ARG A 113 5.23 13.51 25.40
C ARG A 113 3.87 14.18 25.59
N ALA A 114 2.90 13.45 26.16
CA ALA A 114 1.56 14.00 26.35
C ALA A 114 1.59 15.30 27.17
N VAL A 115 2.38 15.34 28.24
CA VAL A 115 2.44 16.55 29.06
C VAL A 115 3.18 17.66 28.33
N ASN A 116 4.16 17.32 27.50
CA ASN A 116 4.95 18.33 26.82
C ASN A 116 4.11 19.07 25.77
N MET A 117 3.33 18.34 24.98
CA MET A 117 2.55 19.01 23.94
C MET A 117 1.46 19.87 24.55
N ILE A 118 0.94 19.50 25.72
CA ILE A 118 0.01 20.38 26.41
C ILE A 118 0.74 21.61 26.94
N LYS A 119 1.91 21.41 27.55
CA LYS A 119 2.70 22.53 28.05
C LYS A 119 3.14 23.45 26.92
N ASN A 120 3.43 22.88 25.74
CA ASN A 120 3.87 23.67 24.61
C ASN A 120 2.79 24.61 24.09
N ILE A 121 1.53 24.40 24.47
CA ILE A 121 0.46 25.32 24.06
C ILE A 121 0.75 26.71 24.63
N PRO A 122 0.65 27.77 23.84
CA PRO A 122 0.91 29.10 24.37
C PRO A 122 -0.06 29.42 25.49
N PRO A 123 0.37 30.18 26.50
CA PRO A 123 -0.53 30.48 27.62
C PRO A 123 -1.78 31.25 27.21
N SER A 124 -1.64 32.21 26.29
CA SER A 124 -2.79 32.98 25.83
C SER A 124 -3.79 32.15 25.04
N ALA A 125 -3.40 30.95 24.61
CA ALA A 125 -4.34 29.98 24.06
C ALA A 125 -4.81 28.95 25.07
N LYS A 126 -4.02 28.69 26.11
CA LYS A 126 -4.42 27.75 27.15
C LYS A 126 -5.68 28.24 27.87
N ASN A 127 -5.72 29.53 28.20
CA ASN A 127 -6.82 30.11 28.96
C ASN A 127 -8.06 30.40 28.12
N LYS A 128 -8.10 29.92 26.88
CA LYS A 128 -9.24 30.18 26.00
C LYS A 128 -10.24 29.02 25.97
N TYR A 129 -9.88 27.86 26.49
CA TYR A 129 -10.72 26.67 26.41
C TYR A 129 -10.99 26.13 27.81
N PHE A 130 -12.10 25.39 27.93
CA PHE A 130 -12.49 24.80 29.21
C PHE A 130 -11.51 23.72 29.64
N GLN A 131 -11.16 22.81 28.73
CA GLN A 131 -10.38 21.64 29.10
C GLN A 131 -8.93 21.98 29.43
N THR A 132 -8.40 23.08 28.89
CA THR A 132 -6.99 23.42 29.06
C THR A 132 -6.75 24.51 30.10
N PHE A 133 -7.80 25.11 30.64
CA PHE A 133 -7.63 26.17 31.63
C PHE A 133 -6.98 25.68 32.92
N PRO A 134 -7.29 24.46 33.42
CA PRO A 134 -6.52 23.95 34.56
C PRO A 134 -5.01 24.03 34.39
N PHE A 135 -4.49 23.68 33.21
CA PHE A 135 -3.05 23.72 33.00
C PHE A 135 -2.51 25.15 32.98
N PHE A 136 -3.35 26.14 32.75
CA PHE A 136 -2.92 27.53 32.80
C PHE A 136 -2.58 27.97 34.22
N LEU A 137 -3.12 27.28 35.23
CA LEU A 137 -2.86 27.59 36.63
C LEU A 137 -1.76 26.74 37.23
N LEU A 138 -1.23 25.77 36.49
CA LEU A 138 -0.22 24.87 37.02
C LEU A 138 1.08 25.61 37.28
N SER A 139 1.62 25.43 38.49
CA SER A 139 2.93 25.98 38.81
C SER A 139 4.02 25.22 38.08
N GLU A 140 5.19 25.85 38.00
CA GLU A 140 6.33 25.20 37.34
C GLU A 140 6.74 23.93 38.07
N THR A 141 6.64 23.92 39.41
CA THR A 141 6.93 22.71 40.16
C THR A 141 5.91 21.61 39.84
N SER A 142 4.65 21.99 39.60
CA SER A 142 3.65 21.01 39.22
C SER A 142 3.96 20.42 37.85
N TRP A 143 4.47 21.24 36.93
CA TRP A 143 4.90 20.71 35.64
C TRP A 143 6.06 19.74 35.81
N GLU A 144 7.02 20.07 36.67
CA GLU A 144 8.13 19.17 36.94
C GLU A 144 7.63 17.84 37.48
N GLU A 145 6.63 17.87 38.34
CA GLU A 145 6.12 16.64 38.93
C GLU A 145 5.47 15.76 37.87
N LEU A 146 4.71 16.35 36.95
CA LEU A 146 4.03 15.56 35.92
C LEU A 146 5.04 14.81 35.06
N LEU A 147 6.16 15.46 34.72
CA LEU A 147 7.21 14.80 33.94
C LEU A 147 8.13 13.94 34.80
N SER A 148 8.03 14.03 36.13
CA SER A 148 8.93 13.27 36.99
C SER A 148 8.68 11.77 36.85
N GLU A 149 9.77 11.01 36.96
CA GLU A 149 9.68 9.56 36.82
C GLU A 149 8.86 8.95 37.95
N ASN A 150 8.98 9.50 39.16
CA ASN A 150 8.25 8.94 40.30
C ASN A 150 6.74 9.08 40.10
N PHE A 151 6.28 10.22 39.57
CA PHE A 151 4.86 10.45 39.42
C PHE A 151 4.24 9.51 38.39
N PHE A 152 4.98 9.14 37.35
CA PHE A 152 4.41 8.27 36.32
C PHE A 152 4.29 6.84 36.82
N TYR A 153 5.34 6.31 37.46
CA TYR A 153 5.35 4.92 37.86
C TYR A 153 4.53 4.66 39.11
N SER A 154 4.33 5.66 39.97
CA SER A 154 3.60 5.47 41.22
C SER A 154 2.14 5.91 41.15
N TYR A 155 1.72 6.57 40.07
CA TYR A 155 0.38 7.11 40.00
C TYR A 155 -0.30 6.77 38.69
N ILE A 156 0.46 6.64 37.60
CA ILE A 156 -0.11 6.42 36.28
C ILE A 156 0.02 4.96 35.88
N LYS A 157 1.25 4.47 35.77
CA LYS A 157 1.47 3.09 35.34
C LYS A 157 0.98 2.09 36.36
N SER A 158 0.79 2.50 37.61
CA SER A 158 0.25 1.63 38.65
C SER A 158 -1.27 1.59 38.66
N GLY A 159 -1.94 2.51 37.94
CA GLY A 159 -3.37 2.57 37.94
C GLY A 159 -3.99 3.26 39.13
N GLU A 160 -3.19 3.89 39.99
CA GLU A 160 -3.73 4.57 41.16
C GLU A 160 -4.65 5.72 40.77
N PHE A 161 -4.42 6.34 39.61
CA PHE A 161 -5.23 7.48 39.20
C PHE A 161 -6.64 7.05 38.79
N LEU A 162 -6.85 5.78 38.47
CA LEU A 162 -8.16 5.27 38.10
C LEU A 162 -8.96 4.81 39.30
N THR A 163 -8.51 5.11 40.53
CA THR A 163 -9.23 4.74 41.74
C THR A 163 -9.77 5.95 42.49
N TYR A 164 -9.56 7.16 41.99
CA TYR A 164 -10.10 8.37 42.61
C TYR A 164 -11.31 8.84 41.81
N GLN A 165 -12.39 9.17 42.52
CA GLN A 165 -13.63 9.59 41.87
C GLN A 165 -13.42 10.79 40.96
N GLU A 166 -12.41 11.61 41.24
CA GLU A 166 -12.15 12.80 40.42
C GLU A 166 -11.81 12.42 38.98
N ASN A 167 -11.18 11.27 38.78
CA ASN A 167 -10.78 10.81 37.45
C ASN A 167 -11.76 9.84 36.82
N LEU A 168 -12.86 9.51 37.51
CA LEU A 168 -13.89 8.65 36.95
C LEU A 168 -15.23 9.36 36.83
N SER A 169 -15.26 10.68 36.99
CA SER A 169 -16.47 11.48 36.90
C SER A 169 -16.39 12.36 35.66
N PHE A 170 -17.32 12.17 34.74
CA PHE A 170 -17.38 12.94 33.51
C PHE A 170 -18.75 13.59 33.40
N TYR A 171 -18.77 14.81 32.86
CA TYR A 171 -19.98 15.61 32.77
C TYR A 171 -20.23 16.01 31.33
N ASP A 172 -21.51 16.14 30.98
CA ASP A 172 -21.90 16.56 29.64
C ASP A 172 -21.68 18.05 29.46
N ARG A 173 -21.49 18.46 28.21
CA ARG A 173 -21.39 19.87 27.86
C ARG A 173 -21.71 20.03 26.37
N THR A 174 -22.66 20.90 26.06
CA THR A 174 -23.11 21.12 24.71
C THR A 174 -22.47 22.39 24.16
N ILE A 175 -21.64 22.24 23.14
CA ILE A 175 -21.04 23.37 22.47
C ILE A 175 -21.80 23.65 21.18
N GLN A 176 -21.57 24.83 20.60
CA GLN A 176 -22.28 25.25 19.39
C GLN A 176 -21.54 24.78 18.15
N LYS A 177 -22.31 24.35 17.16
CA LYS A 177 -21.75 23.91 15.88
C LYS A 177 -21.55 25.11 14.96
N HIS A 179 -23.76 25.39 11.98
CA HIS A 179 -25.09 25.63 11.41
C HIS A 179 -26.15 25.71 12.51
N GLY A 180 -25.69 25.94 13.74
CA GLY A 180 -26.62 26.05 14.86
C GLY A 180 -27.09 24.74 15.43
N ALA A 181 -26.27 23.71 15.41
CA ALA A 181 -26.62 22.41 15.94
C ALA A 181 -26.01 22.22 17.33
N TYR A 182 -26.17 21.03 17.89
CA TYR A 182 -25.69 20.70 19.22
C TYR A 182 -24.59 19.65 19.10
N ARG A 183 -23.40 19.96 19.60
CA ARG A 183 -22.33 19.00 19.77
C ARG A 183 -22.28 18.61 21.24
N GLN A 184 -22.70 17.39 21.55
CA GLN A 184 -22.68 16.88 22.91
C GLN A 184 -21.27 16.39 23.23
N THR A 185 -20.59 17.09 24.14
CA THR A 185 -19.22 16.76 24.54
C THR A 185 -19.20 16.19 25.95
N ARG A 186 -18.06 15.62 26.31
CA ARG A 186 -17.85 15.00 27.62
C ARG A 186 -16.60 15.59 28.25
N ILE A 187 -16.75 16.23 29.40
CA ILE A 187 -15.66 16.89 30.09
C ILE A 187 -14.95 15.88 30.98
N VAL A 188 -13.63 15.77 30.80
CA VAL A 188 -12.81 14.84 31.56
C VAL A 188 -11.91 15.61 32.51
N SER A 189 -11.35 14.89 33.48
CA SER A 189 -10.43 15.48 34.43
C SER A 189 -9.08 15.77 33.77
N PRO A 190 -8.31 16.72 34.31
CA PRO A 190 -7.02 17.06 33.70
C PRO A 190 -6.07 15.89 33.57
N ILE A 191 -6.08 14.97 34.53
CA ILE A 191 -5.23 13.79 34.42
C ILE A 191 -5.73 12.88 33.29
N ILE A 192 -7.05 12.71 33.19
CA ILE A 192 -7.62 11.90 32.12
C ILE A 192 -7.37 12.56 30.77
N TYR A 193 -7.41 13.89 30.71
CA TYR A 193 -7.12 14.59 29.47
C TYR A 193 -5.71 14.30 28.97
N ILE A 194 -4.76 14.12 29.89
CA ILE A 194 -3.40 13.78 29.49
C ILE A 194 -3.31 12.32 29.06
N PHE A 195 -4.01 11.44 29.77
CA PHE A 195 -3.88 10.01 29.50
C PHE A 195 -4.33 9.65 28.09
N LEU A 196 -5.45 10.22 27.64
CA LEU A 196 -5.90 9.98 26.27
C LEU A 196 -4.84 10.39 25.26
N ILE A 197 -4.13 11.48 25.55
CA ILE A 197 -3.05 11.92 24.68
C ILE A 197 -1.86 10.99 24.79
N ALA A 198 -1.57 10.48 25.99
CA ALA A 198 -0.49 9.53 26.15
C ALA A 198 -0.79 8.21 25.44
N ILE A 199 -2.07 7.80 25.42
CA ILE A 199 -2.46 6.61 24.67
C ILE A 199 -2.13 6.79 23.20
N ALA A 200 -2.47 7.97 22.65
CA ALA A 200 -2.17 8.25 21.25
C ALA A 200 -0.67 8.24 20.99
N SER A 201 0.13 8.64 21.97
CA SER A 201 1.57 8.66 21.80
C SER A 201 2.14 7.25 21.64
N GLN A 202 1.68 6.31 22.46
CA GLN A 202 2.14 4.93 22.33
C GLN A 202 1.68 4.33 21.00
N VAL A 203 0.46 4.65 20.57
CA VAL A 203 -0.05 4.14 19.31
C VAL A 203 0.75 4.72 18.15
N GLU A 204 1.09 6.01 18.21
CA GLU A 204 1.84 6.64 17.13
C GLU A 204 3.20 5.99 16.94
N ARG A 205 3.79 5.45 18.02
CA ARG A 205 5.11 4.84 17.92
C ARG A 205 5.06 3.44 17.33
N ILE A 206 3.93 2.74 17.46
CA ILE A 206 3.85 1.32 17.13
C ILE A 206 2.85 1.02 16.03
N TYR A 207 2.15 2.01 15.50
CA TYR A 207 1.19 1.78 14.43
C TYR A 207 1.83 2.02 13.07
N VAL A 208 1.53 1.14 12.11
CA VAL A 208 2.07 1.21 10.76
C VAL A 208 0.94 1.67 9.84
N GLU A 209 1.10 2.86 9.27
CA GLU A 209 0.07 3.41 8.39
C GLU A 209 0.01 2.63 7.08
N LYS A 210 -1.21 2.34 6.64
CA LYS A 210 -1.41 1.69 5.35
C LYS A 210 -1.50 2.68 4.20
N ARG A 211 -1.95 3.90 4.47
CA ARG A 211 -1.99 4.94 3.45
C ARG A 211 -0.57 5.33 3.02
N THR A 212 -0.46 5.82 1.79
CA THR A 212 0.82 6.18 1.23
C THR A 212 0.99 7.70 1.27
N ASN A 213 2.07 8.18 0.67
CA ASN A 213 2.32 9.62 0.61
C ASN A 213 1.52 10.31 -0.48
N ASP A 214 0.64 9.59 -1.18
CA ASP A 214 -0.34 10.21 -2.07
C ASP A 214 -1.34 11.01 -1.23
N MET A 215 -1.21 10.89 0.09
CA MET A 215 -2.15 11.47 1.02
C MET A 215 -1.42 12.23 2.12
N SER A 216 -2.05 13.29 2.58
CA SER A 216 -1.59 14.09 3.71
C SER A 216 -2.70 14.15 4.74
N VAL A 217 -2.41 13.68 5.95
CA VAL A 217 -3.38 13.58 7.03
C VAL A 217 -2.98 14.54 8.14
N TYR A 218 -3.94 15.34 8.62
CA TYR A 218 -3.73 16.24 9.74
C TYR A 218 -4.80 15.97 10.80
N PHE A 219 -4.46 16.27 12.05
CA PHE A 219 -5.40 16.15 13.15
C PHE A 219 -5.19 17.32 14.11
N SER A 220 -6.02 17.38 15.14
CA SER A 220 -5.99 18.47 16.12
C SER A 220 -4.81 18.25 17.06
N GLY A 221 -3.63 18.60 16.58
CA GLY A 221 -2.39 18.41 17.30
C GLY A 221 -1.30 17.92 16.36
N SER A 222 -0.15 17.60 16.92
CA SER A 222 0.98 17.17 16.10
C SER A 222 1.95 16.33 16.92
N PHE A 223 2.45 15.26 16.31
CA PHE A 223 3.51 14.43 16.88
C PHE A 223 4.85 14.64 16.19
N GLU A 224 5.02 15.76 15.47
CA GLU A 224 6.26 16.04 14.78
C GLU A 224 7.43 16.06 15.76
N LYS A 225 8.63 15.81 15.23
CA LYS A 225 9.79 15.62 16.11
C LYS A 225 10.04 16.85 16.96
N GLU A 226 10.19 18.02 16.32
CA GLU A 226 10.56 19.23 17.04
C GLU A 226 9.38 20.17 17.28
N LYS A 227 8.16 19.76 16.95
CA LYS A 227 6.97 20.61 17.07
C LYS A 227 5.83 19.84 17.72
N ASN A 228 6.10 19.30 18.91
CA ASN A 228 5.06 18.63 19.69
C ASN A 228 4.09 19.67 20.25
N THR A 229 2.81 19.53 19.89
CA THR A 229 1.81 20.47 20.39
C THR A 229 0.47 19.79 20.52
N ALA A 230 -0.27 20.17 21.56
CA ALA A 230 -1.62 19.66 21.79
C ALA A 230 -2.70 20.62 21.29
N HIS A 231 -2.31 21.73 20.68
CA HIS A 231 -3.23 22.69 20.08
C HIS A 231 -3.40 22.40 18.60
N TYR A 232 -4.46 22.97 18.01
CA TYR A 232 -4.79 22.73 16.61
C TYR A 232 -4.28 23.82 15.67
N LYS A 233 -3.83 24.96 16.20
CA LYS A 233 -3.47 26.09 15.34
C LYS A 233 -2.32 25.74 14.41
N GLN A 234 -1.33 24.99 14.91
CA GLN A 234 -0.18 24.62 14.09
C GLN A 234 -0.59 23.75 12.91
N SER A 235 -1.24 22.62 13.18
CA SER A 235 -1.60 21.69 12.11
C SER A 235 -2.61 22.29 11.16
N TYR A 236 -3.54 23.11 11.67
CA TYR A 236 -4.55 23.70 10.81
C TYR A 236 -3.93 24.70 9.85
N ASN A 237 -2.88 25.40 10.26
CA ASN A 237 -2.21 26.32 9.35
C ASN A 237 -1.42 25.57 8.29
N THR A 238 -0.73 24.50 8.68
CA THR A 238 -0.08 23.65 7.68
C THR A 238 -1.10 23.02 6.74
N TYR A 239 -2.26 22.64 7.28
CA TYR A 239 -3.32 22.09 6.45
C TYR A 239 -3.86 23.13 5.47
N MET A 240 -4.04 24.38 5.93
CA MET A 240 -4.49 25.44 5.03
C MET A 240 -3.44 25.75 3.97
N THR A 241 -2.15 25.59 4.32
CA THR A 241 -1.10 25.88 3.35
C THR A 241 -1.04 24.82 2.25
N GLU A 242 -1.20 23.54 2.62
CA GLU A 242 -1.19 22.49 1.61
C GLU A 242 -2.41 22.57 0.70
N LEU A 243 -3.56 23.02 1.22
CA LEU A 243 -4.72 23.23 0.37
C LEU A 243 -4.46 24.32 -0.66
N ASN A 244 -3.62 25.31 -0.33
CA ASN A 244 -3.27 26.36 -1.29
C ASN A 244 -2.30 25.86 -2.33
N ALA A 245 -1.35 25.01 -1.93
CA ALA A 245 -0.42 24.42 -2.89
C ALA A 245 -1.14 23.48 -3.84
N CYS A 246 -2.08 22.68 -3.31
CA CYS A 246 -2.88 21.79 -4.15
C CYS A 246 -3.79 22.56 -5.09
N GLN A 247 -4.14 23.79 -4.76
CA GLN A 247 -4.96 24.60 -5.66
C GLN A 247 -4.16 25.07 -6.86
N GLU A 248 -2.90 25.43 -6.64
CA GLU A 248 -2.07 25.99 -7.72
C GLU A 248 -1.53 24.93 -8.66
N GLU A 249 -1.72 23.65 -8.37
CA GLU A 249 -1.17 22.60 -9.21
C GLU A 249 -2.22 21.70 -9.85
N PHE A 250 -3.37 21.51 -9.21
CA PHE A 250 -4.40 20.62 -9.73
C PHE A 250 -5.54 21.42 -10.36
N ASP A 251 -6.46 20.69 -11.01
CA ASP A 251 -7.54 21.28 -11.78
C ASP A 251 -8.87 21.29 -11.02
N TYR A 252 -9.25 20.16 -10.45
CA TYR A 252 -10.52 20.05 -9.74
C TYR A 252 -10.31 19.35 -8.40
N TYR A 253 -11.20 19.62 -7.46
CA TYR A 253 -11.16 19.00 -6.15
C TYR A 253 -12.54 18.49 -5.75
N PHE A 254 -12.54 17.44 -4.92
CA PHE A 254 -13.75 16.78 -4.46
C PHE A 254 -13.73 16.76 -2.94
N GLN A 255 -14.68 17.47 -2.32
CA GLN A 255 -14.75 17.58 -0.87
C GLN A 255 -15.73 16.56 -0.30
N THR A 256 -15.36 15.97 0.83
CA THR A 256 -16.19 14.99 1.50
C THR A 256 -16.08 15.19 3.01
N ASP A 257 -17.03 14.60 3.73
CA ASP A 257 -17.09 14.73 5.18
C ASP A 257 -17.98 13.62 5.73
N PHE A 258 -17.72 13.24 6.97
CA PHE A 258 -18.48 12.21 7.67
C PHE A 258 -19.40 12.84 8.70
N SER A 259 -20.63 12.37 8.77
CA SER A 259 -21.61 12.86 9.72
C SER A 259 -21.56 12.01 10.98
N THR A 260 -21.74 12.65 12.13
CA THR A 260 -21.58 12.03 13.45
C THR A 260 -20.37 11.10 13.47
N PHE A 261 -19.23 11.65 13.05
CA PHE A 261 -18.05 10.83 12.83
C PHE A 261 -17.56 10.19 14.11
N PHE A 262 -17.39 10.98 15.18
CA PHE A 262 -16.90 10.44 16.44
C PHE A 262 -17.89 9.45 17.04
N HIS A 263 -19.18 9.78 17.03
CA HIS A 263 -20.17 8.97 17.70
C HIS A 263 -20.49 7.68 16.96
N LEU A 264 -20.04 7.52 15.72
CA LEU A 264 -20.23 6.30 14.96
C LEU A 264 -19.01 5.39 14.97
N VAL A 265 -17.92 5.82 15.61
CA VAL A 265 -16.70 5.02 15.68
C VAL A 265 -16.90 3.89 16.69
N ASP A 266 -16.43 2.69 16.33
CA ASP A 266 -16.39 1.56 17.26
C ASP A 266 -15.02 1.54 17.93
N THR A 267 -15.00 1.82 19.24
CA THR A 267 -13.74 1.89 19.96
C THR A 267 -13.03 0.55 20.00
N ASP A 268 -13.78 -0.55 20.14
CA ASP A 268 -13.15 -1.86 20.19
C ASP A 268 -12.47 -2.20 18.87
N ASN A 269 -13.12 -1.90 17.74
CA ASN A 269 -12.52 -2.17 16.44
C ASN A 269 -11.33 -1.26 16.18
N LEU A 270 -11.41 -0.01 16.63
CA LEU A 270 -10.30 0.93 16.44
C LEU A 270 -9.02 0.40 17.06
N PHE A 271 -9.07 0.02 18.34
CA PHE A 271 -7.88 -0.51 18.99
C PHE A 271 -7.48 -1.87 18.46
N ASN A 272 -8.35 -2.54 17.71
CA ASN A 272 -7.99 -3.82 17.12
C ASN A 272 -7.16 -3.69 15.86
N LYS A 273 -7.19 -2.54 15.19
CA LYS A 273 -6.32 -2.32 14.04
C LYS A 273 -4.88 -1.99 14.45
N ILE A 274 -4.61 -1.85 15.74
CA ILE A 274 -3.25 -1.61 16.23
C ILE A 274 -2.68 -2.98 16.56
N ASP A 275 -1.97 -3.57 15.58
CA ASP A 275 -1.53 -4.95 15.72
C ASP A 275 -0.54 -5.12 16.86
N ARG A 276 0.37 -4.17 17.03
CA ARG A 276 1.44 -4.30 18.01
C ARG A 276 1.02 -3.89 19.42
N LEU A 277 -0.22 -3.43 19.60
CA LEU A 277 -0.72 -3.15 20.94
C LEU A 277 -1.16 -4.44 21.61
N ASP A 278 -0.67 -4.69 22.81
CA ASP A 278 -1.03 -5.91 23.52
C ASP A 278 -2.51 -5.87 23.90
N PRO A 279 -3.17 -7.04 23.93
CA PRO A 279 -4.62 -7.04 24.17
C PRO A 279 -4.99 -6.56 25.57
N LYS A 280 -4.08 -6.66 26.54
CA LYS A 280 -4.40 -6.30 27.90
C LYS A 280 -4.36 -4.79 28.12
N SER A 281 -3.41 -4.09 27.49
CA SER A 281 -3.43 -2.63 27.52
C SER A 281 -4.55 -2.08 26.65
N ALA A 282 -4.84 -2.74 25.52
CA ALA A 282 -5.96 -2.31 24.68
C ALA A 282 -7.27 -2.44 25.43
N LEU A 283 -7.37 -3.36 26.39
CA LEU A 283 -8.59 -3.48 27.17
C LEU A 283 -8.79 -2.27 28.07
N VAL A 284 -7.72 -1.83 28.74
CA VAL A 284 -7.82 -0.67 29.62
C VAL A 284 -8.06 0.59 28.80
N TYR A 285 -7.34 0.75 27.69
CA TYR A 285 -7.48 1.96 26.88
C TYR A 285 -8.89 2.06 26.31
N SER A 286 -9.43 0.94 25.80
CA SER A 286 -10.76 0.97 25.22
C SER A 286 -11.83 1.20 26.27
N SER A 287 -11.72 0.52 27.41
CA SER A 287 -12.77 0.63 28.43
C SER A 287 -12.83 2.03 29.03
N LEU A 288 -11.68 2.69 29.17
CA LEU A 288 -11.67 4.05 29.72
C LEU A 288 -12.31 5.04 28.76
N ILE A 289 -12.03 4.90 27.46
CA ILE A 289 -12.61 5.79 26.47
C ILE A 289 -14.11 5.57 26.36
N LYS A 290 -14.55 4.30 26.39
CA LYS A 290 -15.98 4.01 26.39
C LYS A 290 -16.64 4.47 27.69
N MET A 291 -15.89 4.50 28.79
CA MET A 291 -16.46 4.97 30.05
C MET A 291 -16.81 6.45 29.97
N ILE A 292 -15.99 7.24 29.28
CA ILE A 292 -16.27 8.67 29.12
C ILE A 292 -17.51 8.88 28.26
N GLY A 293 -17.63 8.12 27.18
CA GLY A 293 -18.73 8.28 26.25
C GLY A 293 -19.95 7.43 26.58
N GLN A 294 -20.02 6.92 27.81
CA GLN A 294 -21.17 6.16 28.29
C GLN A 294 -21.46 4.94 27.41
N GLY A 295 -20.42 4.33 26.86
CA GLY A 295 -20.54 3.13 26.04
C GLY A 295 -20.06 3.30 24.61
N ARG A 296 -19.95 4.53 24.12
CA ARG A 296 -19.47 4.80 22.77
C ARG A 296 -18.30 5.77 22.83
N MET A 297 -17.77 6.11 21.65
CA MET A 297 -16.63 7.03 21.59
C MET A 297 -17.10 8.45 21.91
N PRO A 298 -16.47 9.14 22.85
CA PRO A 298 -16.95 10.46 23.25
C PRO A 298 -16.38 11.57 22.38
N ILE A 299 -16.75 12.80 22.71
CA ILE A 299 -16.15 13.98 22.11
C ILE A 299 -15.58 14.80 23.27
N VAL A 300 -14.29 14.60 23.55
CA VAL A 300 -13.58 15.47 24.47
C VAL A 300 -13.08 16.67 23.69
N ASP A 301 -13.53 17.86 24.09
CA ASP A 301 -13.29 19.08 23.32
C ASP A 301 -11.81 19.34 23.07
N GLY A 302 -11.38 19.19 21.81
CA GLY A 302 -10.04 19.55 21.42
C GLY A 302 -8.96 18.60 21.86
N ASN A 303 -9.31 17.39 22.30
CA ASN A 303 -8.31 16.46 22.78
C ASN A 303 -7.53 15.89 21.61
N SER A 304 -6.20 16.07 21.64
CA SER A 304 -5.35 15.56 20.57
C SER A 304 -5.34 14.04 20.54
N GLY A 305 -5.46 13.38 21.70
CA GLY A 305 -5.36 11.94 21.74
C GLY A 305 -6.46 11.25 20.96
N LEU A 306 -7.71 11.67 21.18
CA LEU A 306 -8.82 11.10 20.42
C LEU A 306 -8.81 11.59 18.98
N SER A 307 -8.34 12.82 18.75
CA SER A 307 -8.25 13.34 17.39
C SER A 307 -7.27 12.51 16.56
N PHE A 308 -6.15 12.09 17.15
CA PHE A 308 -5.17 11.33 16.40
C PHE A 308 -5.68 9.91 16.10
N LEU A 309 -6.25 9.26 17.11
CA LEU A 309 -6.67 7.87 16.95
C LEU A 309 -7.77 7.75 15.90
N ASN A 310 -8.76 8.64 15.93
CA ASN A 310 -9.87 8.53 14.99
C ASN A 310 -9.49 8.97 13.59
N THR A 311 -8.49 9.83 13.45
CA THR A 311 -8.10 10.32 12.13
C THR A 311 -7.02 9.46 11.49
N VAL A 312 -5.96 9.14 12.24
CA VAL A 312 -4.83 8.46 11.65
C VAL A 312 -5.04 6.96 11.62
N VAL A 313 -5.56 6.39 12.70
CA VAL A 313 -5.67 4.94 12.83
C VAL A 313 -6.99 4.41 12.30
N TYR A 314 -8.10 4.99 12.74
CA TYR A 314 -9.41 4.45 12.38
C TYR A 314 -9.66 4.57 10.88
N LEU A 315 -9.30 5.70 10.28
CA LEU A 315 -9.58 5.98 8.88
C LEU A 315 -8.52 5.43 7.93
N ASP A 316 -7.53 4.70 8.45
CA ASP A 316 -6.44 4.22 7.61
C ASP A 316 -6.95 3.25 6.56
N ASP A 317 -7.74 2.26 6.97
CA ASP A 317 -8.24 1.25 6.03
C ASP A 317 -9.07 1.90 4.93
N PHE A 318 -9.92 2.86 5.28
CA PHE A 318 -10.73 3.55 4.29
C PHE A 318 -9.86 4.40 3.37
N ASP A 319 -8.87 5.09 3.94
CA ASP A 319 -8.07 6.03 3.15
C ASP A 319 -7.20 5.31 2.13
N LYS A 320 -6.61 4.17 2.50
CA LYS A 320 -5.79 3.44 1.54
C LYS A 320 -6.63 2.85 0.42
N GLU A 321 -7.87 2.43 0.72
CA GLU A 321 -8.72 1.87 -0.31
C GLU A 321 -9.06 2.91 -1.39
N ILE A 322 -9.22 4.16 -0.98
CA ILE A 322 -9.45 5.22 -1.96
C ILE A 322 -8.19 5.47 -2.78
N ILE A 323 -7.02 5.40 -2.14
CA ILE A 323 -5.77 5.64 -2.85
C ILE A 323 -5.55 4.57 -3.90
N ASP A 324 -5.78 3.30 -3.55
CA ASP A 324 -5.57 2.22 -4.50
C ASP A 324 -6.58 2.26 -5.64
N SER A 325 -7.82 2.66 -5.33
CA SER A 325 -8.86 2.68 -6.36
C SER A 325 -8.73 3.88 -7.29
N LEU A 326 -8.24 5.01 -6.78
CA LEU A 326 -8.07 6.18 -7.63
C LEU A 326 -6.94 5.97 -8.63
N LYS A 327 -5.94 5.15 -8.28
CA LYS A 327 -4.83 4.90 -9.19
C LYS A 327 -5.24 4.09 -10.41
N THR A 328 -6.32 3.32 -10.33
CA THR A 328 -6.76 2.50 -11.45
C THR A 328 -7.57 3.26 -12.49
N ILE A 329 -7.96 4.50 -12.19
CA ILE A 329 -8.75 5.30 -13.13
C ILE A 329 -7.77 5.96 -14.12
N VAL A 330 -7.87 5.57 -15.39
CA VAL A 330 -6.94 6.08 -16.40
C VAL A 330 -7.25 7.53 -16.77
N GLU A 331 -8.45 8.01 -16.50
CA GLU A 331 -8.80 9.39 -16.78
C GLU A 331 -8.15 10.37 -15.80
N ILE A 332 -7.66 9.89 -14.67
CA ILE A 332 -6.98 10.72 -13.69
C ILE A 332 -5.50 10.73 -14.04
N GLU A 333 -4.97 11.90 -14.42
CA GLU A 333 -3.53 12.01 -14.67
C GLU A 333 -2.75 11.90 -13.37
N SER A 334 -3.10 12.72 -12.38
CA SER A 334 -2.46 12.69 -11.07
C SER A 334 -3.46 13.16 -10.03
N PHE A 335 -3.20 12.81 -8.77
CA PHE A 335 -4.10 13.18 -7.69
C PHE A 335 -3.34 13.30 -6.39
N LYS A 336 -3.83 14.18 -5.51
CA LYS A 336 -3.31 14.34 -4.16
C LYS A 336 -4.49 14.46 -3.20
N LEU A 337 -4.38 13.80 -2.05
CA LEU A 337 -5.44 13.71 -1.07
C LEU A 337 -5.03 14.44 0.19
N VAL A 338 -5.89 15.34 0.68
CA VAL A 338 -5.62 16.12 1.88
C VAL A 338 -6.77 15.92 2.87
N ARG A 339 -6.43 15.68 4.14
CA ARG A 339 -7.42 15.34 5.16
C ARG A 339 -7.18 16.13 6.43
N TYR A 340 -8.26 16.63 7.01
CA TYR A 340 -8.25 17.22 8.36
C TYR A 340 -9.38 16.59 9.15
N VAL A 341 -9.02 15.68 10.06
CA VAL A 341 -9.98 14.86 10.81
C VAL A 341 -10.87 14.13 9.81
N ASP A 342 -12.16 14.48 9.78
CA ASP A 342 -13.08 13.84 8.85
C ASP A 342 -13.22 14.59 7.54
N ASP A 343 -12.78 15.85 7.48
CA ASP A 343 -12.81 16.59 6.22
C ASP A 343 -11.81 16.00 5.23
N LEU A 344 -12.20 15.94 3.96
CA LEU A 344 -11.36 15.33 2.94
C LEU A 344 -11.50 16.08 1.63
N HIS A 345 -10.37 16.29 0.95
CA HIS A 345 -10.33 16.88 -0.38
C HIS A 345 -9.63 15.95 -1.33
N ILE A 346 -10.21 15.76 -2.52
CA ILE A 346 -9.62 14.91 -3.55
C ILE A 346 -9.25 15.82 -4.72
N PHE A 347 -7.99 16.23 -4.77
CA PHE A 347 -7.50 17.03 -5.89
C PHE A 347 -7.06 16.11 -7.03
N ILE A 348 -7.50 16.43 -8.25
CA ILE A 348 -7.14 15.63 -9.41
C ILE A 348 -6.71 16.56 -10.55
N LYS A 349 -5.95 15.98 -11.47
CA LYS A 349 -5.59 16.61 -12.74
C LYS A 349 -6.18 15.76 -13.85
N CYS A 350 -7.05 16.34 -14.67
CA CYS A 350 -7.73 15.58 -15.71
C CYS A 350 -8.20 16.54 -16.79
N ALA A 351 -8.82 15.98 -17.83
CA ALA A 351 -9.41 16.75 -18.91
C ALA A 351 -10.89 17.00 -18.62
N ASN A 352 -11.37 18.16 -19.05
CA ASN A 352 -12.75 18.55 -18.78
C ASN A 352 -13.77 17.59 -19.39
N LYS A 353 -13.39 16.84 -20.43
CA LYS A 353 -14.34 15.96 -21.09
C LYS A 353 -14.70 14.73 -20.25
N ASP A 354 -13.87 14.37 -19.27
CA ASP A 354 -14.13 13.21 -18.44
C ASP A 354 -14.71 13.59 -17.07
N LEU A 355 -15.12 14.84 -16.90
CA LEU A 355 -15.59 15.29 -15.59
C LEU A 355 -16.88 14.59 -15.18
N ASP A 356 -17.80 14.38 -16.13
CA ASP A 356 -19.05 13.69 -15.79
C ASP A 356 -18.80 12.25 -15.38
N PHE A 357 -17.93 11.55 -16.11
CA PHE A 357 -17.61 10.17 -15.76
C PHE A 357 -16.86 10.09 -14.44
N LEU A 358 -15.96 11.05 -14.19
CA LEU A 358 -15.16 11.02 -12.97
C LEU A 358 -16.02 11.32 -11.74
N ASN A 359 -16.96 12.26 -11.87
CA ASN A 359 -17.86 12.54 -10.76
C ASN A 359 -18.66 11.31 -10.37
N TYR A 360 -19.20 10.60 -11.36
CA TYR A 360 -19.94 9.38 -11.08
C TYR A 360 -19.02 8.27 -10.56
N LYS A 361 -17.77 8.23 -11.03
CA LYS A 361 -16.86 7.18 -10.59
C LYS A 361 -16.33 7.45 -9.19
N VAL A 362 -15.91 8.69 -8.93
CA VAL A 362 -15.31 9.01 -7.64
C VAL A 362 -16.35 9.01 -6.53
N TYR A 363 -17.52 9.62 -6.78
CA TYR A 363 -18.54 9.72 -5.74
C TYR A 363 -19.06 8.35 -5.34
N ASN A 364 -19.37 7.49 -6.33
CA ASN A 364 -19.86 6.16 -6.01
C ASN A 364 -18.82 5.32 -5.30
N LEU A 365 -17.54 5.49 -5.67
CA LEU A 365 -16.48 4.80 -4.96
C LEU A 365 -16.39 5.26 -3.51
N LEU A 366 -16.59 6.56 -3.28
CA LEU A 366 -16.62 7.07 -1.91
C LEU A 366 -17.78 6.47 -1.12
N CYS A 367 -18.96 6.42 -1.73
CA CYS A 367 -20.13 5.87 -1.04
C CYS A 367 -19.97 4.37 -0.78
N GLU A 368 -19.35 3.65 -1.72
CA GLU A 368 -19.21 2.21 -1.57
C GLU A 368 -18.26 1.86 -0.42
N LYS A 369 -17.08 2.47 -0.40
CA LYS A 369 -16.08 2.12 0.61
C LYS A 369 -16.45 2.68 1.98
N ALA A 370 -17.08 3.85 2.04
CA ALA A 370 -17.50 4.40 3.32
C ALA A 370 -18.52 3.49 3.99
N THR A 371 -19.50 3.01 3.24
CA THR A 371 -20.44 2.05 3.77
C THR A 371 -19.75 0.76 4.19
N LYS A 372 -18.67 0.38 3.50
CA LYS A 372 -17.97 -0.85 3.82
C LYS A 372 -17.34 -0.79 5.21
N HIS A 373 -16.88 0.39 5.62
CA HIS A 373 -16.24 0.58 6.91
C HIS A 373 -17.13 1.28 7.91
N HIS A 374 -18.44 1.25 7.70
CA HIS A 374 -19.43 1.78 8.64
C HIS A 374 -19.28 3.29 8.84
N LEU A 375 -18.80 3.99 7.82
CA LEU A 375 -18.75 5.45 7.84
C LEU A 375 -19.97 6.00 7.12
N GLU A 376 -20.58 7.01 7.71
CA GLU A 376 -21.74 7.68 7.12
C GLU A 376 -21.26 8.97 6.46
N ILE A 377 -21.33 9.00 5.13
CA ILE A 377 -20.89 10.16 4.37
C ILE A 377 -21.95 11.25 4.50
N ASN A 378 -21.51 12.46 4.82
CA ASN A 378 -22.39 13.62 4.86
C ASN A 378 -22.71 14.06 3.42
N SER A 379 -24.00 14.16 3.12
CA SER A 379 -24.44 14.58 1.79
C SER A 379 -24.50 16.09 1.64
N SER A 380 -24.74 16.83 2.73
CA SER A 380 -24.84 18.28 2.61
C SER A 380 -23.48 18.92 2.41
N LYS A 381 -22.41 18.27 2.86
CA LYS A 381 -21.07 18.82 2.77
C LYS A 381 -20.24 18.21 1.64
N THR A 382 -20.82 17.27 0.88
CA THR A 382 -20.10 16.61 -0.21
C THR A 382 -20.43 17.33 -1.52
N LYS A 383 -19.42 17.98 -2.10
CA LYS A 383 -19.56 18.69 -3.35
C LYS A 383 -18.81 17.97 -4.45
N SER A 384 -19.36 18.01 -5.66
CA SER A 384 -18.76 17.33 -6.81
C SER A 384 -17.44 18.02 -7.20
N PHE A 385 -16.82 17.50 -8.25
CA PHE A 385 -15.53 18.01 -8.71
C PHE A 385 -15.63 19.46 -9.18
N THR A 386 -15.24 20.38 -8.31
CA THR A 386 -15.21 21.83 -8.49
C THR A 386 -13.81 22.29 -8.87
N PRO A 387 -13.70 23.24 -9.81
CA PRO A 387 -12.37 23.75 -10.17
C PRO A 387 -11.63 24.30 -8.95
N THR A 388 -10.31 24.13 -8.97
CA THR A 388 -9.48 24.49 -7.81
C THR A 388 -9.50 25.99 -7.54
N SER A 389 -9.80 26.81 -8.54
CA SER A 389 -9.84 28.26 -8.35
C SER A 389 -10.93 28.71 -7.39
N GLU A 390 -11.84 27.82 -7.00
CA GLU A 390 -12.92 28.16 -6.08
C GLU A 390 -12.62 27.58 -4.69
N LEU A 391 -11.67 28.21 -4.02
CA LEU A 391 -11.26 27.81 -2.68
C LEU A 391 -11.19 29.03 -1.77
N SER A 392 -11.67 28.86 -0.54
CA SER A 392 -11.68 29.95 0.44
C SER A 392 -10.66 29.70 1.54
N ASP A 410 -6.31 48.52 5.61
CA ASP A 410 -6.88 47.76 4.51
C ASP A 410 -8.13 46.99 4.95
N PHE A 411 -8.26 46.75 6.25
CA PHE A 411 -9.45 46.08 6.76
C PHE A 411 -10.63 47.05 6.88
N GLU A 412 -10.38 48.23 7.45
CA GLU A 412 -11.41 49.26 7.55
C GLU A 412 -11.90 49.74 6.18
N GLN A 413 -11.18 49.39 5.10
CA GLN A 413 -11.61 49.76 3.77
C GLN A 413 -12.93 49.10 3.39
N TYR A 414 -13.23 47.95 3.99
CA TYR A 414 -14.44 47.19 3.67
C TYR A 414 -15.40 47.13 4.86
N PHE A 415 -14.94 46.63 6.00
CA PHE A 415 -15.77 46.52 7.20
C PHE A 415 -15.41 47.62 8.17
N SER A 416 -16.43 48.31 8.69
CA SER A 416 -16.25 49.49 9.50
C SER A 416 -17.10 49.38 10.76
N LYS A 417 -17.00 50.39 11.63
CA LYS A 417 -17.87 50.45 12.79
C LYS A 417 -19.33 50.55 12.38
N ASN A 418 -19.61 51.25 11.28
CA ASN A 418 -20.98 51.35 10.77
C ASN A 418 -21.53 50.00 10.35
N THR A 419 -20.67 49.13 9.83
CA THR A 419 -21.09 47.77 9.50
C THR A 419 -21.53 47.03 10.75
N LEU A 420 -20.79 47.20 11.85
CA LEU A 420 -21.18 46.58 13.11
C LEU A 420 -22.42 47.25 13.69
N ILE A 421 -22.61 48.54 13.43
CA ILE A 421 -23.82 49.22 13.87
C ILE A 421 -25.04 48.66 13.16
N GLU A 422 -24.91 48.38 11.85
CA GLU A 422 -26.00 47.75 11.12
C GLU A 422 -26.24 46.33 11.58
N PHE A 423 -25.19 45.63 12.03
CA PHE A 423 -25.35 44.26 12.52
C PHE A 423 -26.14 44.24 13.82
N LEU A 424 -25.72 45.04 14.80
CA LEU A 424 -26.41 45.08 16.07
C LEU A 424 -27.83 45.62 15.93
N ASP A 425 -28.08 46.45 14.91
CA ASP A 425 -29.41 46.99 14.69
C ASP A 425 -30.38 45.88 14.28
N LYS A 426 -30.05 45.16 13.21
CA LYS A 426 -30.94 44.09 12.74
C LYS A 426 -31.07 42.98 13.78
N LEU A 427 -30.01 42.72 14.54
CA LEU A 427 -30.10 41.72 15.61
C LEU A 427 -31.08 42.16 16.69
N ASN A 428 -31.13 43.46 16.98
CA ASN A 428 -32.03 43.95 18.01
C ASN A 428 -33.48 44.04 17.51
N ASN A 429 -33.68 44.27 16.21
CA ASN A 429 -35.03 44.27 15.66
C ASN A 429 -35.57 42.86 15.43
N MET A 430 -34.69 41.87 15.26
CA MET A 430 -35.13 40.50 15.06
C MET A 430 -35.60 39.91 16.38
N SER A 431 -36.75 39.24 16.35
CA SER A 431 -37.31 38.65 17.56
C SER A 431 -36.48 37.47 18.02
N VAL A 432 -36.50 37.22 19.33
CA VAL A 432 -35.78 36.08 19.88
C VAL A 432 -36.37 34.77 19.37
N ASN A 433 -37.64 34.77 18.96
CA ASN A 433 -38.28 33.57 18.42
C ASN A 433 -37.70 33.14 17.08
N ALA A 434 -36.89 33.98 16.44
CA ALA A 434 -36.32 33.64 15.15
C ALA A 434 -35.35 32.46 15.27
N ASP A 435 -35.24 31.69 14.19
CA ASP A 435 -34.35 30.55 14.16
C ASP A 435 -32.99 30.95 13.57
N PHE A 436 -32.10 29.96 13.43
CA PHE A 436 -30.76 30.25 12.95
C PHE A 436 -30.75 30.68 11.49
N SER A 437 -31.69 30.18 10.69
CA SER A 437 -31.75 30.57 9.28
C SER A 437 -32.12 32.04 9.13
N GLU A 438 -33.10 32.50 9.90
CA GLU A 438 -33.46 33.92 9.86
C GLU A 438 -32.33 34.79 10.39
N TYR A 439 -31.56 34.29 11.36
CA TYR A 439 -30.42 35.04 11.86
C TYR A 439 -29.31 35.10 10.81
N GLU A 440 -28.96 33.95 10.24
CA GLU A 440 -27.87 33.91 9.27
C GLU A 440 -28.21 34.69 7.99
N LYS A 441 -29.47 34.63 7.55
CA LYS A 441 -29.83 35.26 6.28
C LYS A 441 -30.07 36.76 6.43
N GLU A 442 -30.70 37.18 7.53
CA GLU A 442 -31.08 38.57 7.70
C GLU A 442 -30.08 39.39 8.51
N VAL A 443 -29.51 38.81 9.57
CA VAL A 443 -28.62 39.56 10.46
C VAL A 443 -27.16 39.38 10.07
N LEU A 444 -26.72 38.13 9.91
CA LEU A 444 -25.32 37.87 9.59
C LEU A 444 -24.95 38.35 8.18
N TYR A 445 -25.93 38.64 7.33
CA TYR A 445 -25.63 39.09 5.98
C TYR A 445 -25.11 40.51 5.95
N THR A 446 -25.54 41.36 6.89
CA THR A 446 -25.14 42.75 6.89
C THR A 446 -23.63 42.92 7.10
N LEU A 447 -22.95 41.90 7.61
CA LEU A 447 -21.50 41.97 7.74
C LEU A 447 -20.78 41.65 6.45
N GLU A 448 -21.45 41.00 5.50
CA GLU A 448 -20.81 40.62 4.26
C GLU A 448 -20.62 41.83 3.36
N ASN A 449 -19.57 41.77 2.55
CA ASN A 449 -19.21 42.79 1.58
C ASN A 449 -19.21 42.19 0.17
N PRO A 450 -19.84 42.88 -0.80
CA PRO A 450 -19.88 42.37 -2.18
C PRO A 450 -18.55 42.39 -2.91
N GLU A 451 -17.44 42.64 -2.23
CA GLU A 451 -16.12 42.57 -2.85
C GLU A 451 -15.26 41.44 -2.32
N ILE A 452 -15.63 40.83 -1.19
CA ILE A 452 -14.88 39.73 -0.60
C ILE A 452 -15.81 38.54 -0.46
N VAL A 453 -15.28 37.35 -0.75
CA VAL A 453 -15.99 36.09 -0.55
C VAL A 453 -15.78 35.67 0.90
N SER A 454 -16.74 35.99 1.76
CA SER A 454 -16.62 35.69 3.19
C SER A 454 -18.00 35.68 3.83
N ASP A 455 -18.27 34.65 4.63
CA ASP A 455 -19.49 34.61 5.44
C ASP A 455 -19.34 35.62 6.57
N GLY A 456 -20.46 36.18 7.00
CA GLY A 456 -20.46 37.08 8.14
C GLY A 456 -19.91 36.46 9.41
N SER A 457 -19.88 35.13 9.49
CA SER A 457 -19.31 34.46 10.66
C SER A 457 -17.82 34.75 10.78
N TYR A 458 -17.08 34.56 9.69
CA TYR A 458 -15.65 34.86 9.71
C TYR A 458 -15.40 36.35 9.87
N ILE A 459 -16.32 37.19 9.39
CA ILE A 459 -16.16 38.64 9.54
C ILE A 459 -16.42 39.05 10.99
N LEU A 460 -17.44 38.44 11.62
CA LEU A 460 -17.73 38.73 13.02
C LEU A 460 -16.58 38.30 13.92
N ASN A 461 -15.95 37.17 13.60
CA ASN A 461 -14.80 36.71 14.38
C ASN A 461 -13.65 37.69 14.27
N ALA A 462 -13.46 38.30 13.10
CA ALA A 462 -12.37 39.26 12.94
C ALA A 462 -12.63 40.53 13.73
N ILE A 463 -13.90 40.91 13.92
CA ILE A 463 -14.19 42.14 14.64
C ILE A 463 -13.99 41.96 16.13
N VAL A 464 -14.46 40.84 16.69
CA VAL A 464 -14.37 40.66 18.14
C VAL A 464 -12.95 40.32 18.57
N TYR A 465 -12.16 39.71 17.69
CA TYR A 465 -10.81 39.27 18.05
C TYR A 465 -9.72 40.24 17.62
N ASN A 466 -9.97 41.07 16.59
CA ASN A 466 -8.98 42.04 16.13
C ASN A 466 -9.43 43.48 16.25
N LYS A 467 -10.72 43.75 16.45
CA LYS A 467 -11.19 45.10 16.69
C LYS A 467 -11.86 45.19 18.04
N SER A 468 -11.12 44.88 19.10
CA SER A 468 -11.69 44.85 20.45
C SER A 468 -12.17 46.23 20.88
N THR A 469 -11.50 47.29 20.40
CA THR A 469 -11.88 48.64 20.79
C THR A 469 -13.17 49.12 20.12
N TRP A 470 -13.64 48.42 19.08
CA TRP A 470 -14.87 48.84 18.42
C TRP A 470 -16.07 48.74 19.34
N SER A 471 -16.08 47.77 20.25
CA SER A 471 -17.19 47.60 21.18
C SER A 471 -17.26 48.70 22.23
N GLN A 472 -16.26 49.58 22.29
CA GLN A 472 -16.26 50.70 23.22
C GLN A 472 -16.75 51.99 22.58
N ASP A 473 -17.09 51.97 21.29
CA ASP A 473 -17.67 53.12 20.64
C ASP A 473 -18.99 53.50 21.30
N TYR A 474 -19.32 54.79 21.25
CA TYR A 474 -20.51 55.27 21.95
C TYR A 474 -21.78 54.63 21.41
N ASP A 475 -22.01 54.75 20.10
CA ASP A 475 -23.22 54.20 19.51
C ASP A 475 -23.24 52.67 19.60
N ILE A 476 -22.08 52.03 19.40
CA ILE A 476 -22.03 50.58 19.42
C ILE A 476 -22.30 50.06 20.83
N LYS A 477 -21.68 50.67 21.84
CA LYS A 477 -21.82 50.18 23.21
C LYS A 477 -23.26 50.28 23.70
N ASN A 478 -24.03 51.25 23.19
CA ASN A 478 -25.41 51.40 23.63
C ASN A 478 -26.29 50.30 23.08
N LYS A 479 -26.06 49.88 21.83
CA LYS A 479 -26.86 48.82 21.24
C LYS A 479 -26.47 47.45 21.79
N ILE A 480 -25.22 47.30 22.24
CA ILE A 480 -24.83 46.07 22.93
C ILE A 480 -25.53 45.97 24.27
N SER A 481 -25.58 47.09 25.01
CA SER A 481 -26.33 47.10 26.26
C SER A 481 -27.81 46.82 26.02
N LEU A 482 -28.36 47.38 24.93
CA LEU A 482 -29.73 47.05 24.56
C LEU A 482 -29.88 45.59 24.20
N LEU A 483 -28.82 44.98 23.66
CA LEU A 483 -28.87 43.58 23.28
C LEU A 483 -28.91 42.67 24.51
N VAL A 484 -28.15 43.02 25.55
CA VAL A 484 -28.08 42.18 26.76
C VAL A 484 -29.17 42.51 27.77
N ASN A 485 -29.87 43.64 27.62
CA ASN A 485 -30.93 44.02 28.53
C ASN A 485 -32.32 43.65 28.03
N SER A 486 -32.53 43.64 26.72
CA SER A 486 -33.81 43.23 26.15
C SER A 486 -34.00 41.73 26.32
N ASN A 487 -33.16 40.94 25.65
CA ASN A 487 -33.20 39.49 25.80
C ASN A 487 -31.81 38.96 25.47
N TYR A 488 -31.09 38.48 26.49
CA TYR A 488 -29.75 37.95 26.29
C TYR A 488 -29.75 36.63 25.51
N ARG A 489 -30.92 36.00 25.35
CA ARG A 489 -30.97 34.75 24.59
C ARG A 489 -30.76 34.97 23.10
N LYS A 490 -30.70 36.22 22.64
CA LYS A 490 -30.32 36.49 21.26
C LYS A 490 -28.84 36.19 21.00
N LEU A 491 -28.02 36.13 22.05
CA LEU A 491 -26.61 35.80 21.88
C LEU A 491 -26.39 34.34 21.49
N ARG A 492 -27.43 33.50 21.56
CA ARG A 492 -27.24 32.08 21.33
C ARG A 492 -26.90 31.75 19.87
N TYR A 493 -27.14 32.68 18.95
CA TYR A 493 -26.85 32.41 17.54
C TYR A 493 -25.35 32.33 17.28
N SER A 494 -24.58 33.24 17.88
CA SER A 494 -23.11 33.22 17.84
C SER A 494 -22.64 33.34 19.28
N ALA A 495 -22.74 32.26 20.04
CA ALA A 495 -22.48 32.29 21.47
C ALA A 495 -21.05 32.75 21.76
N LYS A 496 -20.06 32.11 21.13
CA LYS A 496 -18.66 32.46 21.40
C LYS A 496 -18.35 33.88 20.93
N ALA A 497 -18.77 34.22 19.71
CA ALA A 497 -18.38 35.51 19.12
C ALA A 497 -19.11 36.66 19.79
N LEU A 498 -20.42 36.52 20.02
CA LEU A 498 -21.18 37.63 20.60
C LEU A 498 -20.82 37.87 22.06
N ILE A 499 -20.41 36.83 22.79
CA ILE A 499 -19.92 37.03 24.14
C ILE A 499 -18.65 37.86 24.12
N THR A 500 -17.73 37.55 23.19
CA THR A 500 -16.51 38.35 23.04
C THR A 500 -16.84 39.79 22.70
N LEU A 501 -17.89 40.01 21.90
CA LEU A 501 -18.30 41.37 21.58
C LEU A 501 -18.76 42.11 22.83
N VAL A 502 -19.47 41.42 23.73
CA VAL A 502 -19.91 42.05 24.97
C VAL A 502 -18.72 42.33 25.89
N LEU A 503 -17.83 41.36 26.03
CA LEU A 503 -16.67 41.56 26.90
C LEU A 503 -15.68 42.56 26.32
N ASN A 504 -15.72 42.82 25.02
CA ASN A 504 -14.85 43.82 24.42
C ASN A 504 -15.27 45.24 24.74
N THR A 505 -16.49 45.44 25.26
CA THR A 505 -16.92 46.78 25.64
C THR A 505 -16.18 47.31 26.85
N ARG A 506 -15.60 46.43 27.67
CA ARG A 506 -14.87 46.79 28.88
C ARG A 506 -15.75 47.63 29.82
N ASP A 507 -17.04 47.34 29.84
CA ASP A 507 -18.02 48.09 30.61
C ASP A 507 -18.50 47.23 31.78
N GLY A 508 -18.33 47.75 32.99
CA GLY A 508 -18.73 46.98 34.17
C GLY A 508 -20.22 46.72 34.23
N ASP A 509 -21.01 47.76 34.00
CA ASP A 509 -22.46 47.60 34.09
C ASP A 509 -23.01 46.70 32.98
N ILE A 510 -22.33 46.67 31.83
CA ILE A 510 -22.79 45.82 30.73
C ILE A 510 -22.40 44.37 30.97
N ILE A 511 -21.16 44.13 31.40
CA ILE A 511 -20.70 42.76 31.63
C ILE A 511 -21.38 42.16 32.85
N LYS A 512 -21.50 42.93 33.94
CA LYS A 512 -22.18 42.44 35.12
C LYS A 512 -23.67 42.29 34.90
N GLY A 513 -24.24 43.09 33.99
CA GLY A 513 -25.66 42.96 33.69
C GLY A 513 -25.99 41.62 33.07
N LEU A 514 -25.12 41.12 32.19
CA LEU A 514 -25.35 39.80 31.59
C LEU A 514 -25.27 38.70 32.64
N LEU A 515 -24.39 38.86 33.63
CA LEU A 515 -24.30 37.86 34.69
C LEU A 515 -25.54 37.86 35.57
N ASN A 516 -26.09 39.05 35.85
CA ASN A 516 -27.27 39.13 36.70
C ASN A 516 -28.50 38.53 36.03
N ASN A 517 -28.64 38.71 34.72
CA ASN A 517 -29.79 38.14 34.01
C ASN A 517 -29.69 36.63 33.95
N LEU A 518 -28.47 36.09 33.80
CA LEU A 518 -28.28 34.65 33.82
C LEU A 518 -28.56 34.08 35.22
N PHE A 519 -28.17 34.81 36.27
CA PHE A 519 -28.44 34.35 37.62
C PHE A 519 -29.93 34.37 37.93
N THR A 520 -30.69 35.28 37.31
CA THR A 520 -32.12 35.34 37.56
C THR A 520 -32.85 34.15 36.96
N THR A 521 -32.48 33.77 35.74
CA THR A 521 -33.12 32.61 35.12
C THR A 521 -32.72 31.30 35.80
N PHE A 522 -31.59 31.27 36.50
CA PHE A 522 -31.17 30.08 37.22
C PHE A 522 -31.77 30.01 38.61
N LYS A 523 -31.95 31.15 39.28
CA LYS A 523 -32.62 31.16 40.57
C LYS A 523 -34.11 30.87 40.42
N ASN A 524 -34.72 31.33 39.33
CA ASN A 524 -36.14 31.05 39.08
C ASN A 524 -36.39 29.61 38.68
N GLY A 525 -35.35 28.84 38.37
CA GLY A 525 -35.53 27.46 37.96
C GLY A 525 -36.12 27.28 36.58
N THR A 526 -36.06 28.32 35.73
CA THR A 526 -36.61 28.27 34.39
C THR A 526 -35.52 28.26 33.31
N ASN A 527 -34.28 27.96 33.69
CA ASN A 527 -33.18 27.93 32.73
C ASN A 527 -33.22 26.64 31.91
N ASP A 528 -32.79 26.75 30.66
CA ASP A 528 -32.71 25.62 29.75
C ASP A 528 -31.28 25.47 29.24
N ILE A 529 -31.11 24.61 28.23
CA ILE A 529 -29.77 24.33 27.72
C ILE A 529 -29.17 25.57 27.06
N ILE A 530 -29.99 26.47 26.52
CA ILE A 530 -29.48 27.68 25.90
C ILE A 530 -28.82 28.59 26.93
N ASP A 531 -29.43 28.71 28.11
CA ASP A 531 -28.85 29.53 29.17
C ASP A 531 -27.56 28.94 29.69
N GLU A 532 -27.42 27.62 29.65
CA GLU A 532 -26.18 26.99 30.10
C GLU A 532 -25.04 27.27 29.14
N ILE A 533 -25.32 27.23 27.83
CA ILE A 533 -24.28 27.50 26.83
C ILE A 533 -23.76 28.91 26.98
N ILE A 534 -24.66 29.88 27.15
CA ILE A 534 -24.23 31.27 27.32
C ILE A 534 -23.50 31.43 28.65
N LEU A 535 -23.91 30.69 29.68
CA LEU A 535 -23.30 30.86 31.00
C LEU A 535 -21.89 30.30 31.03
N ILE A 536 -21.69 29.09 30.48
CA ILE A 536 -20.38 28.46 30.52
C ILE A 536 -19.40 29.20 29.61
N GLU A 537 -19.85 29.58 28.42
CA GLU A 537 -18.99 30.36 27.53
C GLU A 537 -18.63 31.71 28.15
N TYR A 538 -19.56 32.31 28.89
CA TYR A 538 -19.27 33.54 29.60
C TYR A 538 -18.23 33.32 30.70
N LEU A 539 -18.35 32.21 31.44
CA LEU A 539 -17.42 31.94 32.52
C LEU A 539 -16.04 31.57 31.99
N VAL A 540 -15.97 30.89 30.84
CA VAL A 540 -14.68 30.56 30.26
C VAL A 540 -14.02 31.80 29.68
N GLN A 541 -14.80 32.65 29.02
CA GLN A 541 -14.22 33.85 28.40
C GLN A 541 -13.78 34.86 29.44
N ARG A 542 -14.47 34.93 30.59
CA ARG A 542 -14.06 35.80 31.68
C ARG A 542 -13.02 35.15 32.59
N LYS A 543 -12.47 34.01 32.18
CA LYS A 543 -11.37 33.34 32.87
C LYS A 543 -11.74 32.93 34.29
N PHE A 544 -13.00 32.54 34.48
CA PHE A 544 -13.52 32.09 35.78
C PHE A 544 -13.23 33.12 36.87
N ASN A 545 -13.82 34.31 36.67
CA ASN A 545 -13.61 35.42 37.60
C ASN A 545 -14.11 35.05 38.98
N HIS A 546 -13.39 35.51 40.01
CA HIS A 546 -13.71 35.15 41.38
C HIS A 546 -15.08 35.69 41.78
N LYS A 547 -15.36 36.96 41.47
CA LYS A 547 -16.65 37.54 41.82
C LYS A 547 -17.78 36.81 41.10
N ASP A 548 -17.55 36.39 39.86
CA ASP A 548 -18.58 35.67 39.12
C ASP A 548 -18.80 34.27 39.67
N LEU A 549 -17.74 33.62 40.15
CA LEU A 549 -17.88 32.27 40.70
C LEU A 549 -18.68 32.29 41.99
N MET A 550 -18.44 33.28 42.86
CA MET A 550 -19.21 33.37 44.10
C MET A 550 -20.67 33.68 43.84
N THR A 551 -20.98 34.34 42.72
CA THR A 551 -22.37 34.65 42.39
C THR A 551 -23.09 33.48 41.75
N ILE A 552 -22.38 32.67 40.96
CA ILE A 552 -23.03 31.60 40.21
C ILE A 552 -23.20 30.35 41.07
N LEU A 553 -22.12 29.87 41.66
CA LEU A 553 -22.18 28.64 42.45
C LEU A 553 -21.93 28.91 43.93
N GLY A 559 -23.92 19.55 37.91
CA GLY A 559 -22.79 18.63 37.85
C GLY A 559 -21.56 19.25 37.22
N ILE A 560 -21.77 20.00 36.13
CA ILE A 560 -20.66 20.66 35.45
C ILE A 560 -20.03 21.72 36.35
N LYS A 561 -20.83 22.37 37.20
CA LYS A 561 -20.31 23.36 38.13
C LYS A 561 -19.38 22.74 39.17
N GLU A 562 -19.53 21.44 39.47
CA GLU A 562 -18.61 20.80 40.39
C GLU A 562 -17.21 20.71 39.81
N TYR A 563 -17.10 20.45 38.50
CA TYR A 563 -15.81 20.48 37.84
C TYR A 563 -15.17 21.86 37.94
N ILE A 564 -15.99 22.92 37.90
CA ILE A 564 -15.45 24.27 38.01
C ILE A 564 -14.78 24.48 39.37
N LYS A 565 -15.43 24.03 40.44
CA LYS A 565 -14.86 24.21 41.78
C LYS A 565 -13.62 23.34 41.96
N ALA A 566 -13.62 22.14 41.41
CA ALA A 566 -12.54 21.18 41.66
C ALA A 566 -11.31 21.40 40.80
N TYR A 567 -11.38 22.23 39.76
CA TYR A 567 -10.27 22.28 38.80
C TYR A 567 -9.96 23.68 38.30
N GLN A 568 -10.99 24.51 38.09
CA GLN A 568 -10.79 25.81 37.45
C GLN A 568 -10.43 26.90 38.45
N THR A 569 -10.08 26.54 39.68
CA THR A 569 -9.83 27.54 40.71
C THR A 569 -8.41 27.53 41.27
N SER A 570 -7.66 26.44 41.13
CA SER A 570 -6.34 26.35 41.74
C SER A 570 -5.50 25.32 41.00
N ASP A 571 -4.29 25.11 41.50
CA ASP A 571 -3.38 24.09 40.98
C ASP A 571 -3.93 22.70 41.29
N PHE A 572 -4.27 21.94 40.25
CA PHE A 572 -4.86 20.63 40.46
C PHE A 572 -3.84 19.57 40.85
N ILE A 573 -2.55 19.84 40.65
CA ILE A 573 -1.52 18.93 41.14
C ILE A 573 -1.32 19.11 42.64
N LYS A 574 -1.27 20.36 43.10
CA LYS A 574 -1.19 20.61 44.53
C LYS A 574 -2.45 20.12 45.24
N SER A 575 -3.62 20.30 44.63
CA SER A 575 -4.84 19.78 45.24
C SER A 575 -4.89 18.26 45.19
N LEU A 576 -4.19 17.66 44.23
CA LEU A 576 -4.16 16.21 44.12
C LEU A 576 -3.46 15.57 45.32
N GLU A 577 -2.35 16.14 45.76
CA GLU A 577 -1.59 15.58 46.87
C GLU A 577 -2.18 15.93 48.23
N LYS A 578 -2.93 17.02 48.34
CA LYS A 578 -3.59 17.36 49.59
C LYS A 578 -4.86 16.54 49.84
N ASN A 579 -5.40 15.90 48.80
CA ASN A 579 -6.60 15.08 48.93
C ASN A 579 -6.30 13.62 48.64
N LYS A 580 -5.10 13.16 48.99
CA LYS A 580 -4.72 11.76 48.81
C LYS A 580 -4.94 11.00 50.11
N VAL A 581 -5.59 9.83 50.01
CA VAL A 581 -5.91 9.04 51.20
C VAL A 581 -4.63 8.42 51.75
N ILE A 582 -4.50 8.45 53.08
CA ILE A 582 -3.34 7.91 53.79
C ILE A 582 -3.85 6.83 54.72
N PHE A 583 -3.31 5.61 54.58
CA PHE A 583 -3.72 4.48 55.40
C PHE A 583 -2.67 4.19 56.46
N TYR A 584 -3.13 4.11 57.72
CA TYR A 584 -2.25 3.86 58.85
C TYR A 584 -2.42 2.43 59.35
N THR A 585 -1.31 1.80 59.70
CA THR A 585 -1.34 0.45 60.24
C THR A 585 -1.68 0.48 61.72
N ASN A 586 -1.65 -0.70 62.35
CA ASN A 586 -1.87 -0.78 63.79
C ASN A 586 -0.69 -0.23 64.58
N GLN A 587 0.48 -0.12 63.95
CA GLN A 587 1.66 0.47 64.57
C GLN A 587 1.79 1.96 64.26
N LYS A 588 0.70 2.62 63.86
CA LYS A 588 0.68 4.06 63.57
C LYS A 588 1.67 4.43 62.47
N GLU A 589 1.90 3.53 61.52
CA GLU A 589 2.77 3.78 60.39
C GLU A 589 1.97 3.79 59.10
N VAL A 590 2.54 4.40 58.05
CA VAL A 590 1.86 4.47 56.77
C VAL A 590 1.80 3.10 56.13
N TYR A 591 0.64 2.75 55.57
CA TYR A 591 0.44 1.51 54.84
C TYR A 591 0.48 1.80 53.36
N PRO A 592 1.60 1.59 52.68
CA PRO A 592 1.73 1.98 51.26
C PRO A 592 1.47 0.87 50.25
N LEU A 593 0.92 -0.27 50.67
CA LEU A 593 0.77 -1.40 49.75
C LEU A 593 -0.50 -1.33 48.91
N ILE A 594 -1.50 -0.57 49.36
CA ILE A 594 -2.77 -0.53 48.63
C ILE A 594 -2.62 0.29 47.35
N SER A 595 -1.99 1.47 47.45
CA SER A 595 -1.86 2.34 46.30
C SER A 595 -0.96 1.73 45.23
N LYS A 596 0.08 1.01 45.64
CA LYS A 596 0.99 0.38 44.69
C LYS A 596 0.47 -0.94 44.16
N ASP A 597 -0.70 -1.37 44.58
CA ASP A 597 -1.28 -2.64 44.12
C ASP A 597 -1.80 -2.46 42.71
N LYS A 598 -1.05 -2.94 41.73
CA LYS A 598 -1.49 -2.85 40.34
C LYS A 598 -2.70 -3.73 40.08
N ILE A 599 -2.80 -4.87 40.77
CA ILE A 599 -3.94 -5.77 40.56
C ILE A 599 -5.20 -5.17 41.15
N LEU A 600 -5.11 -4.61 42.36
CA LEU A 600 -6.30 -4.06 43.00
C LEU A 600 -6.83 -2.84 42.26
N ASN A 601 -5.93 -1.98 41.76
CA ASN A 601 -6.37 -0.74 41.14
C ASN A 601 -7.13 -1.00 39.85
N PHE A 602 -6.62 -1.90 39.00
CA PHE A 602 -7.27 -2.15 37.71
CA PHE A 602 -7.29 -2.12 37.72
C PHE A 602 -8.57 -2.94 37.88
N ILE A 603 -8.62 -3.84 38.86
CA ILE A 603 -9.87 -4.55 39.13
C ILE A 603 -10.95 -3.58 39.57
N TYR A 604 -10.58 -2.61 40.41
CA TYR A 604 -11.53 -1.58 40.82
C TYR A 604 -11.97 -0.73 39.63
N PHE A 605 -11.05 -0.42 38.72
CA PHE A 605 -11.38 0.41 37.57
C PHE A 605 -12.37 -0.29 36.65
N ARG A 606 -12.24 -1.61 36.49
CA ARG A 606 -13.19 -2.34 35.67
C ARG A 606 -14.56 -2.42 36.33
N ALA A 607 -14.60 -2.51 37.66
CA ALA A 607 -15.88 -2.56 38.36
C ALA A 607 -16.64 -1.24 38.21
N LYS A 608 -15.93 -0.11 38.32
CA LYS A 608 -16.57 1.18 38.15
C LYS A 608 -16.87 1.48 36.68
N TYR A 609 -16.14 0.85 35.76
CA TYR A 609 -16.45 1.02 34.34
C TYR A 609 -17.77 0.33 33.99
N PHE A 610 -17.95 -0.91 34.45
CA PHE A 610 -19.20 -1.62 34.19
C PHE A 610 -20.36 -1.00 34.95
N GLU A 611 -20.10 -0.43 36.13
CA GLU A 611 -21.15 0.24 36.88
C GLU A 611 -21.65 1.48 36.14
N SER A 612 -20.73 2.22 35.50
CA SER A 612 -21.13 3.39 34.73
C SER A 612 -22.00 3.02 33.54
N LEU A 613 -21.77 1.85 32.94
CA LEU A 613 -22.60 1.35 31.86
C LEU A 613 -23.84 0.60 32.37
N ASP A 614 -24.08 0.62 33.68
CA ASP A 614 -25.26 0.00 34.29
C ASP A 614 -25.35 -1.51 33.98
N LEU A 615 -24.19 -2.16 33.83
CA LEU A 615 -24.13 -3.60 33.57
C LEU A 615 -23.88 -4.29 34.91
N VAL A 616 -24.97 -4.68 35.57
CA VAL A 616 -24.88 -5.07 36.98
C VAL A 616 -24.12 -6.38 37.16
N LEU A 617 -24.24 -7.31 36.22
CA LEU A 617 -23.62 -8.62 36.40
C LEU A 617 -22.10 -8.52 36.35
N GLU A 618 -21.57 -7.82 35.34
CA GLU A 618 -20.12 -7.68 35.26
C GLU A 618 -19.59 -6.72 36.32
N SER A 619 -20.38 -5.74 36.72
CA SER A 619 -19.93 -4.81 37.75
C SER A 619 -19.85 -5.48 39.11
N PHE A 620 -20.78 -6.38 39.41
CA PHE A 620 -20.73 -7.08 40.68
C PHE A 620 -19.55 -8.04 40.73
N ALA A 621 -19.30 -8.78 39.64
CA ALA A 621 -18.24 -9.77 39.65
C ALA A 621 -16.87 -9.14 39.82
N TYR A 622 -16.66 -7.94 39.27
CA TYR A 622 -15.38 -7.27 39.42
C TYR A 622 -15.26 -6.59 40.77
N TYR A 623 -16.36 -6.02 41.28
CA TYR A 623 -16.29 -5.37 42.58
C TYR A 623 -16.10 -6.38 43.70
N LYS A 624 -16.71 -7.57 43.57
CA LYS A 624 -16.50 -8.61 44.56
C LYS A 624 -15.03 -9.01 44.64
N ASN A 625 -14.36 -9.06 43.49
CA ASN A 625 -12.92 -9.33 43.50
C ASN A 625 -12.15 -8.20 44.14
N TYR A 626 -12.55 -6.95 43.86
CA TYR A 626 -11.93 -5.80 44.53
C TYR A 626 -12.25 -5.82 46.02
N PHE A 627 -13.47 -6.21 46.39
CA PHE A 627 -13.85 -6.28 47.80
C PHE A 627 -12.99 -7.30 48.55
N ASP A 628 -12.77 -8.47 47.96
CA ASP A 628 -11.99 -9.50 48.62
C ASP A 628 -10.54 -9.05 48.84
N ARG A 629 -9.96 -8.37 47.85
CA ARG A 629 -8.57 -7.95 47.97
C ARG A 629 -8.40 -6.76 48.90
N PHE A 630 -9.41 -5.87 48.98
CA PHE A 630 -9.30 -4.74 49.88
C PHE A 630 -9.39 -5.18 51.34
N VAL A 631 -10.23 -6.17 51.64
CA VAL A 631 -10.29 -6.70 53.00
C VAL A 631 -8.99 -7.39 53.36
N ALA A 632 -8.39 -8.10 52.40
CA ALA A 632 -7.10 -8.75 52.65
C ALA A 632 -6.02 -7.73 53.00
N HIS A 633 -6.08 -6.53 52.39
CA HIS A 633 -5.13 -5.48 52.74
C HIS A 633 -5.42 -4.94 54.13
N ALA A 634 -6.68 -4.70 54.46
CA ALA A 634 -7.04 -4.22 55.79
C ALA A 634 -6.68 -5.23 56.86
N MET A 635 -6.57 -6.50 56.50
CA MET A 635 -6.20 -7.53 57.47
C MET A 635 -4.70 -7.50 57.77
N PHE A 636 -3.88 -7.32 56.74
CA PHE A 636 -2.45 -7.09 56.96
C PHE A 636 -2.22 -5.75 57.64
N CYS A 637 -2.90 -4.70 57.17
CA CYS A 637 -2.66 -3.36 57.69
C CYS A 637 -2.94 -3.28 59.19
N THR A 638 -4.03 -3.91 59.64
CA THR A 638 -4.37 -3.88 61.06
C THR A 638 -3.57 -4.87 61.88
N GLY A 639 -2.64 -5.60 61.27
CA GLY A 639 -1.82 -6.56 61.99
C GLY A 639 -2.47 -7.87 62.30
N ILE A 640 -3.74 -8.07 61.91
CA ILE A 640 -4.41 -9.34 62.16
C ILE A 640 -3.70 -10.45 61.39
N ASP A 641 -3.22 -10.15 60.19
CA ASP A 641 -2.44 -11.08 59.39
C ASP A 641 -0.99 -10.64 59.40
N SER A 642 -0.08 -11.58 59.64
CA SER A 642 1.34 -11.32 59.70
C SER A 642 2.03 -11.94 58.48
N GLY A 643 3.33 -11.70 58.38
CA GLY A 643 4.13 -12.23 57.30
C GLY A 643 4.67 -11.13 56.39
N ARG A 644 5.02 -11.54 55.18
CA ARG A 644 5.58 -10.61 54.19
C ARG A 644 4.48 -9.93 53.38
N LYS A 645 3.70 -10.71 52.65
CA LYS A 645 2.64 -10.19 51.80
C LYS A 645 1.27 -10.53 52.38
N PRO A 646 0.25 -9.72 52.08
CA PRO A 646 -1.11 -10.05 52.53
C PRO A 646 -1.58 -11.37 51.94
N ASN A 647 -2.32 -12.14 52.75
CA ASN A 647 -2.86 -13.43 52.32
C ASN A 647 -4.13 -13.18 51.53
N TYR A 648 -3.95 -12.86 50.24
CA TYR A 648 -5.09 -12.54 49.38
C TYR A 648 -5.97 -13.77 49.16
N LYS A 649 -5.37 -14.94 48.97
CA LYS A 649 -6.11 -16.13 48.61
C LYS A 649 -7.07 -16.59 49.72
N LEU A 650 -6.77 -16.24 50.97
CA LEU A 650 -7.58 -16.76 52.07
C LEU A 650 -8.92 -16.05 52.19
N TYR A 651 -9.04 -14.84 51.64
CA TYR A 651 -10.27 -14.05 51.75
C TYR A 651 -11.13 -14.11 50.49
N TYR A 652 -10.93 -15.13 49.65
CA TYR A 652 -11.74 -15.32 48.46
C TYR A 652 -13.04 -16.06 48.74
N THR A 653 -13.18 -16.66 49.91
CA THR A 653 -14.32 -17.49 50.24
C THR A 653 -15.24 -16.77 51.23
N GLU A 654 -16.45 -17.32 51.37
CA GLU A 654 -17.46 -16.73 52.25
C GLU A 654 -16.97 -16.69 53.69
N GLY A 655 -16.57 -17.84 54.23
CA GLY A 655 -16.28 -17.99 55.64
C GLY A 655 -15.21 -17.08 56.20
N LYS A 656 -13.99 -17.17 55.67
CA LYS A 656 -12.89 -16.37 56.22
C LYS A 656 -13.14 -14.87 56.04
N LEU A 657 -13.88 -14.49 55.00
CA LEU A 657 -14.18 -13.08 54.78
C LEU A 657 -15.09 -12.53 55.87
N ILE A 658 -16.00 -13.33 56.39
CA ILE A 658 -16.88 -12.86 57.47
C ILE A 658 -16.10 -12.75 58.77
N ASP A 659 -15.18 -13.70 59.02
CA ASP A 659 -14.40 -13.66 60.24
C ASP A 659 -13.52 -12.42 60.32
N GLY A 660 -12.89 -12.06 59.20
CA GLY A 660 -12.03 -10.88 59.20
C GLY A 660 -12.80 -9.60 59.47
N LEU A 661 -14.00 -9.48 58.89
CA LEU A 661 -14.81 -8.29 59.13
C LEU A 661 -15.34 -8.26 60.56
N LYS A 662 -15.57 -9.43 61.16
CA LYS A 662 -15.99 -9.47 62.56
C LYS A 662 -14.85 -9.05 63.48
N GLN A 663 -13.62 -9.39 63.13
CA GLN A 663 -12.48 -9.10 64.00
C GLN A 663 -12.22 -7.61 64.13
N LEU A 664 -12.46 -6.84 63.07
CA LEU A 664 -12.18 -5.40 63.11
C LEU A 664 -13.09 -4.66 64.09
N ASN A 665 -14.24 -5.24 64.45
CA ASN A 665 -15.15 -4.67 65.45
C ASN A 665 -15.58 -3.27 65.06
N PHE A 666 -15.95 -3.07 63.79
CA PHE A 666 -16.41 -1.78 63.32
C PHE A 666 -17.81 -1.80 62.73
N LEU A 667 -18.42 -2.97 62.57
CA LEU A 667 -19.80 -3.10 62.11
C LEU A 667 -20.54 -4.09 62.98
N SER A 668 -21.85 -4.16 62.79
CA SER A 668 -22.66 -5.17 63.47
C SER A 668 -22.24 -6.56 63.02
N SER A 669 -22.06 -7.46 63.98
CA SER A 669 -21.62 -8.81 63.66
C SER A 669 -22.66 -9.55 62.82
N ASP A 670 -23.94 -9.20 62.97
CA ASP A 670 -24.99 -9.87 62.21
C ASP A 670 -25.10 -9.30 60.79
N GLU A 671 -24.96 -7.99 60.64
CA GLU A 671 -25.07 -7.38 59.32
C GLU A 671 -23.96 -7.84 58.40
N ILE A 672 -22.77 -8.12 58.94
CA ILE A 672 -21.69 -8.68 58.12
C ILE A 672 -22.11 -10.03 57.57
N THR A 673 -22.79 -10.84 58.39
CA THR A 673 -23.23 -12.17 57.93
C THR A 673 -24.28 -12.05 56.84
N LYS A 674 -25.23 -11.13 56.99
CA LYS A 674 -26.31 -11.01 56.01
C LYS A 674 -25.78 -10.47 54.68
N ILE A 675 -24.90 -9.48 54.72
CA ILE A 675 -24.41 -8.86 53.49
C ILE A 675 -23.54 -9.82 52.71
N ILE A 676 -22.62 -10.53 53.39
CA ILE A 676 -21.71 -11.42 52.70
C ILE A 676 -22.44 -12.66 52.19
N ASN A 677 -23.42 -13.14 52.95
CA ASN A 677 -24.21 -14.29 52.51
C ASN A 677 -24.95 -13.97 51.21
N GLU A 678 -25.61 -12.81 51.16
CA GLU A 678 -26.29 -12.41 49.94
C GLU A 678 -25.31 -12.12 48.81
N ALA A 679 -24.13 -11.56 49.15
CA ALA A 679 -23.14 -11.27 48.11
C ALA A 679 -22.62 -12.55 47.48
N HIS A 680 -22.35 -13.59 48.28
CA HIS A 680 -21.89 -14.84 47.71
C HIS A 680 -23.02 -15.61 47.05
N LYS A 681 -24.27 -15.35 47.43
CA LYS A 681 -25.40 -15.94 46.71
C LYS A 681 -25.43 -15.44 45.27
N ILE A 682 -25.14 -14.16 45.05
CA ILE A 682 -25.15 -13.59 43.71
C ILE A 682 -23.96 -14.10 42.90
N ARG A 683 -22.80 -14.25 43.57
CA ARG A 683 -21.61 -14.71 42.86
C ARG A 683 -21.80 -16.13 42.33
N ASN A 684 -22.49 -16.99 43.08
CA ASN A 684 -22.68 -18.37 42.68
C ASN A 684 -23.64 -18.53 41.52
N SER A 685 -24.41 -17.50 41.18
CA SER A 685 -25.35 -17.56 40.07
C SER A 685 -24.97 -16.61 38.94
N ASN A 686 -23.82 -15.96 39.02
CA ASN A 686 -23.40 -15.02 37.98
C ASN A 686 -22.85 -15.78 36.79
N PRO A 687 -23.44 -15.65 35.60
CA PRO A 687 -22.93 -16.40 34.44
C PRO A 687 -21.59 -15.90 33.93
N VAL A 688 -21.17 -14.69 34.30
CA VAL A 688 -19.87 -14.17 33.85
C VAL A 688 -18.76 -14.42 34.85
N SER A 689 -19.05 -15.10 35.96
CA SER A 689 -18.03 -15.38 36.98
C SER A 689 -17.03 -16.43 36.48
N GLU A 699 -31.96 -18.21 38.14
CA GLU A 699 -32.75 -16.98 38.12
C GLU A 699 -32.95 -16.45 39.53
N ASP A 700 -34.08 -15.76 39.74
CA ASP A 700 -34.47 -15.12 40.99
C ASP A 700 -33.55 -13.96 41.38
N PHE A 701 -32.60 -13.59 40.53
CA PHE A 701 -31.66 -12.49 40.80
C PHE A 701 -31.95 -11.36 39.82
N SER A 702 -32.65 -10.33 40.30
CA SER A 702 -33.02 -9.19 39.49
C SER A 702 -31.91 -8.15 39.47
N ARG A 703 -32.12 -7.08 38.71
CA ARG A 703 -31.16 -5.98 38.70
C ARG A 703 -31.15 -5.25 40.03
N TYR A 704 -32.34 -5.03 40.61
CA TYR A 704 -32.42 -4.36 41.92
C TYR A 704 -31.68 -5.14 42.98
N ARG A 705 -31.87 -6.47 43.01
CA ARG A 705 -31.23 -7.28 44.04
C ARG A 705 -29.72 -7.24 43.91
N VAL A 706 -29.21 -7.30 42.68
CA VAL A 706 -27.76 -7.22 42.48
C VAL A 706 -27.24 -5.85 42.89
N LYS A 707 -27.94 -4.78 42.51
CA LYS A 707 -27.48 -3.44 42.85
C LYS A 707 -27.49 -3.20 44.36
N SER A 708 -28.43 -3.81 45.09
CA SER A 708 -28.48 -3.61 46.53
C SER A 708 -27.30 -4.26 47.22
N SER A 709 -26.90 -5.44 46.76
CA SER A 709 -25.74 -6.11 47.35
C SER A 709 -24.45 -5.36 47.04
N LEU A 710 -24.37 -4.76 45.85
CA LEU A 710 -23.20 -3.95 45.51
C LEU A 710 -23.13 -2.70 46.36
N ASN A 711 -24.29 -2.11 46.70
CA ASN A 711 -24.28 -0.93 47.56
C ASN A 711 -23.85 -1.28 48.97
N ASP A 712 -24.36 -2.38 49.52
CA ASP A 712 -23.94 -2.82 50.85
C ASP A 712 -22.45 -3.14 50.87
N LEU A 713 -21.94 -3.74 49.79
CA LEU A 713 -20.51 -3.96 49.68
C LEU A 713 -19.76 -2.63 49.59
N LYS A 714 -20.34 -1.65 48.89
CA LYS A 714 -19.72 -0.34 48.79
C LYS A 714 -19.75 0.39 50.12
N ILE A 715 -20.84 0.24 50.88
CA ILE A 715 -20.95 0.91 52.17
C ILE A 715 -19.91 0.38 53.15
N ILE A 716 -19.70 -0.94 53.15
CA ILE A 716 -18.72 -1.53 54.04
C ILE A 716 -17.32 -1.00 53.74
N ILE A 717 -17.02 -0.80 52.46
CA ILE A 717 -15.71 -0.29 52.08
C ILE A 717 -15.52 1.14 52.58
N GLU A 718 -16.58 1.95 52.53
CA GLU A 718 -16.50 3.31 53.05
C GLU A 718 -16.15 3.30 54.54
N GLN A 719 -16.76 2.41 55.31
CA GLN A 719 -16.44 2.31 56.73
C GLN A 719 -15.05 1.71 56.94
N LEU A 720 -14.68 0.74 56.11
CA LEU A 720 -13.35 0.14 56.22
C LEU A 720 -12.26 1.15 55.86
N SER A 721 -12.49 1.96 54.83
CA SER A 721 -11.52 2.97 54.46
C SER A 721 -11.38 4.02 55.56
N THR A 722 -12.51 4.54 56.04
CA THR A 722 -12.48 5.53 57.12
C THR A 722 -11.73 5.01 58.33
N LEU A 723 -11.95 3.74 58.68
CA LEU A 723 -11.25 3.15 59.81
C LEU A 723 -9.75 3.03 59.55
N LEU A 724 -9.36 2.90 58.28
CA LEU A 724 -7.95 2.70 57.97
C LEU A 724 -7.16 4.02 57.99
N GLN A 725 -7.79 5.13 57.62
CA GLN A 725 -7.13 6.43 57.69
C GLN A 725 -7.19 7.05 59.08
N ASN A 726 -7.50 6.25 60.09
CA ASN A 726 -7.51 6.69 61.48
C ASN A 726 -6.25 6.12 62.15
N LYS A 727 -5.32 7.00 62.51
CA LYS A 727 -4.07 6.55 63.11
C LYS A 727 -4.29 6.02 64.51
N ASN A 728 -4.85 6.85 65.39
CA ASN A 728 -5.09 6.47 66.79
C ASN A 728 -6.51 5.92 66.91
N ARG A 729 -6.66 4.65 66.57
CA ARG A 729 -7.95 3.96 66.62
C ARG A 729 -7.85 2.79 67.59
N LEU A 730 -8.88 1.93 67.57
CA LEU A 730 -8.99 0.78 68.46
C LEU A 730 -8.96 1.20 69.93
N SER B 102 -33.93 -20.92 32.67
CA SER B 102 -33.01 -20.43 33.70
C SER B 102 -31.98 -19.47 33.12
N MET B 103 -31.49 -19.78 31.92
CA MET B 103 -30.50 -18.94 31.25
C MET B 103 -31.17 -17.90 30.36
N ILE B 104 -32.14 -18.31 29.54
CA ILE B 104 -33.01 -17.37 28.82
C ILE B 104 -34.37 -17.40 29.51
N THR B 105 -34.84 -16.25 29.98
CA THR B 105 -36.14 -16.19 30.64
C THR B 105 -37.30 -16.16 29.64
N LEU B 106 -37.03 -16.34 28.36
CA LEU B 106 -38.08 -16.39 27.36
C LEU B 106 -38.99 -17.59 27.64
N GLN B 107 -40.29 -17.38 27.45
CA GLN B 107 -41.26 -18.46 27.58
C GLN B 107 -41.69 -18.93 26.20
N HIS B 108 -42.26 -20.15 26.17
CA HIS B 108 -42.70 -20.70 24.90
C HIS B 108 -43.75 -19.82 24.23
N GLN B 109 -44.59 -19.16 25.03
CA GLN B 109 -45.62 -18.28 24.46
C GLN B 109 -44.99 -17.16 23.64
N ASP B 110 -43.80 -16.70 24.02
CA ASP B 110 -43.12 -15.66 23.25
C ASP B 110 -42.62 -16.20 21.92
N TRP B 111 -41.94 -17.36 21.95
CA TRP B 111 -41.50 -17.99 20.71
C TRP B 111 -42.69 -18.35 19.83
N GLU B 112 -43.77 -18.88 20.43
CA GLU B 112 -44.98 -19.14 19.66
C GLU B 112 -45.50 -17.87 19.01
N ARG B 113 -45.64 -16.80 19.79
CA ARG B 113 -46.10 -15.53 19.25
C ARG B 113 -45.20 -15.09 18.10
N ALA B 114 -43.88 -15.17 18.29
CA ALA B 114 -42.95 -14.79 17.24
C ALA B 114 -43.18 -15.59 15.96
N VAL B 115 -43.31 -16.92 16.08
CA VAL B 115 -43.51 -17.75 14.91
C VAL B 115 -44.85 -17.45 14.26
N ASN B 116 -45.87 -17.14 15.07
CA ASN B 116 -47.20 -16.89 14.53
C ASN B 116 -47.25 -15.59 13.72
N MET B 117 -46.50 -14.58 14.15
CA MET B 117 -46.49 -13.31 13.42
C MET B 117 -45.92 -13.48 12.02
N ILE B 118 -44.89 -14.32 11.87
CA ILE B 118 -44.30 -14.55 10.56
C ILE B 118 -45.22 -15.41 9.71
N LYS B 119 -45.84 -16.43 10.31
CA LYS B 119 -46.76 -17.28 9.57
C LYS B 119 -48.02 -16.52 9.15
N ASN B 120 -48.44 -15.54 9.96
CA ASN B 120 -49.62 -14.76 9.61
C ASN B 120 -49.40 -13.89 8.38
N ILE B 121 -48.15 -13.62 8.02
CA ILE B 121 -47.87 -12.90 6.77
C ILE B 121 -48.46 -13.69 5.60
N PRO B 122 -49.23 -13.07 4.70
CA PRO B 122 -49.81 -13.80 3.58
C PRO B 122 -48.74 -14.47 2.74
N PRO B 123 -48.95 -15.74 2.35
CA PRO B 123 -47.95 -16.42 1.51
C PRO B 123 -47.59 -15.65 0.26
N SER B 124 -48.51 -14.85 -0.27
CA SER B 124 -48.22 -13.98 -1.41
C SER B 124 -47.37 -12.78 -1.01
N ALA B 125 -47.01 -12.64 0.26
CA ALA B 125 -46.12 -11.57 0.69
C ALA B 125 -44.80 -12.07 1.26
N LYS B 126 -44.73 -13.33 1.72
CA LYS B 126 -43.48 -13.84 2.27
C LYS B 126 -42.39 -13.93 1.20
N ASN B 127 -42.76 -14.16 -0.05
CA ASN B 127 -41.80 -14.40 -1.12
C ASN B 127 -41.48 -13.15 -1.92
N LYS B 128 -41.84 -11.98 -1.43
CA LYS B 128 -41.46 -10.72 -2.06
C LYS B 128 -40.25 -10.07 -1.41
N TYR B 129 -39.72 -10.65 -0.33
CA TYR B 129 -38.58 -10.10 0.38
C TYR B 129 -37.51 -11.17 0.54
N PHE B 130 -36.26 -10.71 0.63
CA PHE B 130 -35.13 -11.64 0.76
C PHE B 130 -35.17 -12.37 2.09
N GLN B 131 -35.38 -11.64 3.18
CA GLN B 131 -35.25 -12.23 4.52
C GLN B 131 -36.42 -13.13 4.88
N THR B 132 -37.61 -12.88 4.33
CA THR B 132 -38.79 -13.68 4.65
C THR B 132 -39.02 -14.81 3.65
N PHE B 133 -38.19 -14.91 2.62
CA PHE B 133 -38.35 -16.01 1.66
C PHE B 133 -38.14 -17.40 2.27
N PRO B 134 -37.15 -17.64 3.15
CA PRO B 134 -37.00 -19.00 3.70
C PRO B 134 -38.23 -19.48 4.46
N PHE B 135 -39.01 -18.56 5.04
CA PHE B 135 -40.26 -18.95 5.67
C PHE B 135 -41.35 -19.23 4.66
N PHE B 136 -41.22 -18.71 3.44
CA PHE B 136 -42.19 -19.01 2.39
C PHE B 136 -42.06 -20.46 1.92
N LEU B 137 -40.84 -21.00 1.94
CA LEU B 137 -40.59 -22.38 1.53
C LEU B 137 -40.87 -23.39 2.64
N LEU B 138 -41.52 -22.98 3.73
CA LEU B 138 -41.73 -23.85 4.88
C LEU B 138 -42.98 -24.69 4.69
N SER B 139 -42.84 -26.00 4.88
CA SER B 139 -43.97 -26.90 4.81
C SER B 139 -44.82 -26.78 6.08
N GLU B 140 -46.06 -27.25 5.97
CA GLU B 140 -46.97 -27.18 7.12
C GLU B 140 -46.48 -28.04 8.27
N THR B 141 -45.92 -29.22 7.96
CA THR B 141 -45.36 -30.06 9.02
C THR B 141 -44.14 -29.41 9.66
N SER B 142 -43.36 -28.66 8.87
CA SER B 142 -42.23 -27.92 9.44
C SER B 142 -42.70 -26.79 10.34
N TRP B 143 -43.85 -26.19 10.04
CA TRP B 143 -44.40 -25.17 10.92
C TRP B 143 -44.76 -25.76 12.28
N GLU B 144 -45.48 -26.88 12.28
CA GLU B 144 -45.92 -27.51 13.53
C GLU B 144 -44.75 -27.78 14.46
N GLU B 145 -43.58 -28.10 13.91
CA GLU B 145 -42.40 -28.31 14.76
C GLU B 145 -41.96 -27.01 15.42
N LEU B 146 -42.14 -25.88 14.74
CA LEU B 146 -41.70 -24.60 15.31
C LEU B 146 -42.53 -24.23 16.54
N LEU B 147 -43.86 -24.29 16.43
CA LEU B 147 -44.71 -24.00 17.58
C LEU B 147 -44.72 -25.12 18.61
N SER B 148 -44.10 -26.26 18.33
CA SER B 148 -44.08 -27.35 19.29
C SER B 148 -43.11 -27.03 20.44
N GLU B 149 -43.56 -27.30 21.67
CA GLU B 149 -42.71 -27.02 22.83
C GLU B 149 -41.51 -27.95 22.90
N ASN B 150 -41.59 -29.13 22.30
CA ASN B 150 -40.43 -30.01 22.23
C ASN B 150 -39.27 -29.29 21.56
N PHE B 151 -39.53 -28.66 20.41
CA PHE B 151 -38.50 -27.94 19.69
C PHE B 151 -38.03 -26.71 20.46
N PHE B 152 -38.90 -26.14 21.31
CA PHE B 152 -38.54 -24.92 22.03
C PHE B 152 -37.64 -25.22 23.22
N TYR B 153 -38.08 -26.09 24.12
CA TYR B 153 -37.33 -26.36 25.34
C TYR B 153 -36.01 -27.08 25.09
N SER B 154 -35.91 -27.82 23.99
CA SER B 154 -34.72 -28.62 23.72
C SER B 154 -33.75 -27.96 22.74
N TYR B 155 -34.16 -26.90 22.04
CA TYR B 155 -33.31 -26.31 21.02
C TYR B 155 -33.21 -24.81 21.21
N ILE B 156 -34.28 -24.17 21.70
CA ILE B 156 -34.30 -22.72 21.83
C ILE B 156 -33.96 -22.32 23.26
N LYS B 157 -34.77 -22.76 24.22
CA LYS B 157 -34.54 -22.37 25.61
C LYS B 157 -33.25 -22.96 26.17
N SER B 158 -32.83 -24.13 25.68
CA SER B 158 -31.58 -24.73 26.14
C SER B 158 -30.36 -23.99 25.62
N GLY B 159 -30.52 -23.03 24.72
CA GLY B 159 -29.38 -22.38 24.11
C GLY B 159 -28.61 -23.23 23.12
N GLU B 160 -29.17 -24.36 22.70
CA GLU B 160 -28.45 -25.23 21.77
C GLU B 160 -28.33 -24.60 20.40
N PHE B 161 -29.31 -23.78 20.00
CA PHE B 161 -29.27 -23.16 18.68
C PHE B 161 -28.15 -22.13 18.55
N LEU B 162 -27.66 -21.59 19.66
CA LEU B 162 -26.55 -20.66 19.64
C LEU B 162 -25.19 -21.36 19.64
N THR B 163 -25.15 -22.66 19.35
CA THR B 163 -23.90 -23.40 19.26
C THR B 163 -23.58 -23.87 17.85
N TYR B 164 -24.48 -23.66 16.88
CA TYR B 164 -24.26 -24.03 15.50
C TYR B 164 -23.82 -22.82 14.69
N GLN B 165 -22.77 -23.02 13.87
CA GLN B 165 -22.20 -21.91 13.11
C GLN B 165 -23.22 -21.27 12.19
N GLU B 166 -24.24 -22.03 11.75
CA GLU B 166 -25.25 -21.47 10.85
CA GLU B 166 -25.25 -21.47 10.85
C GLU B 166 -26.05 -20.36 11.51
N ASN B 167 -26.17 -20.39 12.84
CA ASN B 167 -26.94 -19.37 13.57
C ASN B 167 -26.07 -18.25 14.11
N LEU B 168 -24.75 -18.36 14.00
CA LEU B 168 -23.84 -17.30 14.41
C LEU B 168 -23.19 -16.60 13.23
N SER B 169 -23.51 -17.01 12.01
CA SER B 169 -22.95 -16.41 10.80
C SER B 169 -23.90 -15.35 10.26
N PHE B 170 -23.37 -14.19 9.94
CA PHE B 170 -24.16 -13.09 9.41
C PHE B 170 -23.50 -12.59 8.12
N TYR B 171 -24.30 -11.90 7.30
CA TYR B 171 -23.83 -11.45 6.00
C TYR B 171 -24.29 -10.01 5.77
N ASP B 172 -23.48 -9.27 5.03
CA ASP B 172 -23.80 -7.90 4.66
C ASP B 172 -24.68 -7.87 3.42
N ARG B 173 -25.59 -6.89 3.39
CA ARG B 173 -26.47 -6.70 2.24
C ARG B 173 -26.82 -5.22 2.15
N THR B 174 -26.48 -4.61 1.03
CA THR B 174 -26.73 -3.18 0.82
C THR B 174 -28.04 -3.02 0.05
N ILE B 175 -28.98 -2.28 0.64
CA ILE B 175 -30.24 -1.96 -0.01
C ILE B 175 -30.24 -0.47 -0.36
N GLN B 176 -31.15 -0.11 -1.26
CA GLN B 176 -31.21 1.26 -1.77
C GLN B 176 -32.15 2.10 -0.93
N LYS B 177 -31.70 3.29 -0.54
CA LYS B 177 -32.57 4.25 0.11
C LYS B 177 -33.51 4.87 -0.92
N SER B 178 -34.54 5.57 -0.41
CA SER B 178 -35.55 6.12 -1.29
C SER B 178 -35.00 7.24 -2.17
N HIS B 179 -34.05 8.02 -1.66
CA HIS B 179 -33.51 9.17 -2.40
C HIS B 179 -32.05 8.95 -2.83
N GLY B 180 -31.59 7.71 -2.84
CA GLY B 180 -30.30 7.40 -3.43
C GLY B 180 -29.15 7.29 -2.45
N ALA B 181 -29.41 6.74 -1.27
CA ALA B 181 -28.40 6.53 -0.25
C ALA B 181 -28.23 5.03 -0.02
N TYR B 182 -27.27 4.69 0.83
CA TYR B 182 -26.95 3.29 1.15
C TYR B 182 -27.43 2.98 2.55
N ARG B 183 -28.34 2.02 2.66
CA ARG B 183 -28.81 1.48 3.93
C ARG B 183 -28.18 0.11 4.11
N GLN B 184 -27.10 0.04 4.90
CA GLN B 184 -26.37 -1.20 5.11
C GLN B 184 -27.10 -2.07 6.13
N THR B 185 -27.51 -3.26 5.71
CA THR B 185 -28.25 -4.20 6.54
C THR B 185 -27.43 -5.46 6.79
N ARG B 186 -27.91 -6.26 7.74
CA ARG B 186 -27.28 -7.52 8.10
C ARG B 186 -28.29 -8.65 7.95
N ILE B 187 -27.89 -9.71 7.25
CA ILE B 187 -28.74 -10.87 7.02
C ILE B 187 -28.44 -11.92 8.07
N VAL B 188 -29.49 -12.41 8.74
CA VAL B 188 -29.33 -13.43 9.77
C VAL B 188 -30.07 -14.69 9.34
N SER B 189 -29.70 -15.81 9.98
CA SER B 189 -30.35 -17.07 9.69
C SER B 189 -31.83 -16.99 10.05
N PRO B 190 -32.68 -17.81 9.42
CA PRO B 190 -34.12 -17.75 9.74
C PRO B 190 -34.42 -18.01 11.21
N ILE B 191 -33.65 -18.88 11.87
CA ILE B 191 -33.88 -19.13 13.29
C ILE B 191 -33.62 -17.86 14.10
N ILE B 192 -32.53 -17.16 13.80
CA ILE B 192 -32.23 -15.91 14.51
C ILE B 192 -33.29 -14.86 14.25
N TYR B 193 -33.85 -14.85 13.03
CA TYR B 193 -34.91 -13.90 12.72
C TYR B 193 -36.12 -14.08 13.63
N ILE B 194 -36.43 -15.32 13.99
CA ILE B 194 -37.51 -15.57 14.93
C ILE B 194 -37.12 -15.12 16.32
N PHE B 195 -35.87 -15.37 16.71
CA PHE B 195 -35.44 -15.07 18.08
C PHE B 195 -35.53 -13.59 18.39
N LEU B 196 -35.19 -12.73 17.42
CA LEU B 196 -35.30 -11.30 17.63
C LEU B 196 -36.74 -10.90 17.91
N ILE B 197 -37.71 -11.53 17.23
CA ILE B 197 -39.11 -11.21 17.46
C ILE B 197 -39.57 -11.78 18.81
N ALA B 198 -39.08 -12.97 19.17
CA ALA B 198 -39.43 -13.55 20.45
C ALA B 198 -38.96 -12.68 21.62
N ILE B 199 -37.76 -12.11 21.50
CA ILE B 199 -37.27 -11.19 22.53
C ILE B 199 -38.21 -10.01 22.67
N ALA B 200 -38.65 -9.44 21.55
CA ALA B 200 -39.60 -8.33 21.61
C ALA B 200 -40.94 -8.77 22.18
N SER B 201 -41.29 -10.05 22.00
CA SER B 201 -42.54 -10.56 22.57
C SER B 201 -42.47 -10.60 24.10
N GLN B 202 -41.33 -11.03 24.64
CA GLN B 202 -41.15 -11.02 26.09
C GLN B 202 -41.11 -9.59 26.61
N VAL B 203 -40.45 -8.68 25.88
CA VAL B 203 -40.34 -7.31 26.33
C VAL B 203 -41.70 -6.62 26.34
N GLU B 204 -42.51 -6.86 25.31
CA GLU B 204 -43.84 -6.25 25.26
C GLU B 204 -44.69 -6.67 26.45
N ARG B 205 -44.47 -7.87 26.98
CA ARG B 205 -45.25 -8.37 28.10
C ARG B 205 -44.84 -7.72 29.42
N ILE B 206 -43.56 -7.40 29.60
CA ILE B 206 -43.03 -7.00 30.91
C ILE B 206 -42.59 -5.54 30.94
N TYR B 207 -42.66 -4.82 29.82
CA TYR B 207 -42.25 -3.43 29.80
C TYR B 207 -43.44 -2.52 30.06
N VAL B 208 -43.25 -1.54 30.95
CA VAL B 208 -44.28 -0.56 31.28
C VAL B 208 -43.94 0.73 30.55
N GLU B 209 -44.80 1.11 29.60
CA GLU B 209 -44.54 2.30 28.80
C GLU B 209 -44.67 3.57 29.64
N LYS B 210 -43.85 4.57 29.31
CA LYS B 210 -43.90 5.85 29.97
C LYS B 210 -44.72 6.89 29.22
N ARG B 211 -44.77 6.80 27.89
CA ARG B 211 -45.57 7.73 27.11
C ARG B 211 -47.05 7.53 27.40
N THR B 212 -47.78 8.64 27.46
CA THR B 212 -49.20 8.60 27.75
C THR B 212 -50.00 8.33 26.47
N ASN B 213 -51.32 8.28 26.61
CA ASN B 213 -52.18 8.12 25.45
C ASN B 213 -52.30 9.39 24.63
N ASP B 214 -51.53 10.43 24.96
CA ASP B 214 -51.40 11.59 24.09
C ASP B 214 -50.62 11.30 22.83
N MET B 215 -50.14 10.07 22.65
CA MET B 215 -49.36 9.72 21.48
C MET B 215 -49.62 8.27 21.09
N SER B 216 -49.76 8.03 19.78
CA SER B 216 -49.82 6.70 19.21
C SER B 216 -48.46 6.32 18.66
N VAL B 217 -48.12 5.04 18.75
CA VAL B 217 -46.83 4.52 18.32
C VAL B 217 -47.04 3.29 17.46
N TYR B 218 -46.29 3.21 16.35
CA TYR B 218 -46.35 2.08 15.44
C TYR B 218 -44.93 1.68 15.03
N PHE B 219 -44.77 0.41 14.68
CA PHE B 219 -43.51 -0.12 14.20
C PHE B 219 -43.80 -1.11 13.07
N SER B 220 -42.74 -1.75 12.56
CA SER B 220 -42.89 -2.72 11.48
C SER B 220 -43.52 -4.01 11.98
N GLY B 221 -44.70 -3.91 12.56
CA GLY B 221 -45.37 -5.05 13.16
C GLY B 221 -46.43 -4.58 14.12
N SER B 222 -47.10 -5.55 14.72
CA SER B 222 -48.20 -5.24 15.65
C SER B 222 -48.38 -6.40 16.61
N PHE B 223 -48.31 -6.13 17.91
CA PHE B 223 -48.61 -7.10 18.94
C PHE B 223 -50.08 -7.06 19.37
N GLU B 224 -50.93 -6.39 18.60
CA GLU B 224 -52.33 -6.27 18.96
C GLU B 224 -53.00 -7.65 18.97
N LYS B 225 -53.92 -7.84 19.91
CA LYS B 225 -54.54 -9.15 20.10
C LYS B 225 -55.28 -9.58 18.84
N GLU B 226 -55.12 -10.86 18.47
CA GLU B 226 -55.76 -11.48 17.31
C GLU B 226 -55.38 -10.79 16.00
N LYS B 227 -54.30 -10.00 16.01
CA LYS B 227 -53.82 -9.34 14.80
C LYS B 227 -52.30 -9.30 14.77
N ASN B 228 -51.65 -10.31 15.34
CA ASN B 228 -50.19 -10.37 15.35
C ASN B 228 -49.68 -10.58 13.92
N THR B 229 -48.70 -9.78 13.53
CA THR B 229 -48.14 -9.87 12.18
C THR B 229 -46.75 -9.27 12.18
N ALA B 230 -45.83 -9.95 11.48
CA ALA B 230 -44.46 -9.47 11.32
C ALA B 230 -44.30 -8.58 10.10
N HIS B 231 -45.40 -8.19 9.45
CA HIS B 231 -45.36 -7.33 8.29
C HIS B 231 -45.74 -5.90 8.67
N TYR B 232 -45.47 -4.96 7.76
CA TYR B 232 -45.69 -3.55 8.04
C TYR B 232 -47.02 -3.03 7.53
N LYS B 233 -47.71 -3.77 6.66
CA LYS B 233 -48.90 -3.25 5.99
C LYS B 233 -49.98 -2.83 6.99
N GLN B 234 -50.35 -3.75 7.89
CA GLN B 234 -51.43 -3.48 8.82
C GLN B 234 -51.12 -2.27 9.71
N SER B 235 -49.90 -2.21 10.24
CA SER B 235 -49.53 -1.11 11.13
C SER B 235 -49.37 0.20 10.35
N TYR B 236 -48.77 0.14 9.16
CA TYR B 236 -48.56 1.35 8.38
C TYR B 236 -49.89 1.92 7.88
N ASN B 237 -50.81 1.04 7.46
CA ASN B 237 -52.12 1.50 7.02
C ASN B 237 -52.89 2.15 8.17
N THR B 238 -52.85 1.52 9.36
CA THR B 238 -53.45 2.15 10.53
C THR B 238 -52.72 3.45 10.87
N TYR B 239 -51.40 3.50 10.66
CA TYR B 239 -50.63 4.70 10.92
C TYR B 239 -51.05 5.85 10.00
N MET B 240 -51.23 5.55 8.71
CA MET B 240 -51.63 6.61 7.78
C MET B 240 -53.09 7.00 7.97
N THR B 241 -53.92 6.09 8.47
CA THR B 241 -55.32 6.43 8.74
C THR B 241 -55.41 7.43 9.88
N GLU B 242 -54.58 7.26 10.91
CA GLU B 242 -54.60 8.22 12.02
C GLU B 242 -54.01 9.56 11.61
N LEU B 243 -53.03 9.57 10.71
CA LEU B 243 -52.48 10.84 10.23
C LEU B 243 -53.55 11.66 9.52
N ASN B 244 -54.51 11.00 8.85
CA ASN B 244 -55.63 11.72 8.25
C ASN B 244 -56.59 12.23 9.31
N ALA B 245 -56.81 11.43 10.36
CA ALA B 245 -57.68 11.89 11.46
C ALA B 245 -57.10 13.13 12.13
N CYS B 246 -55.80 13.13 12.38
CA CYS B 246 -55.15 14.32 12.93
C CYS B 246 -55.08 15.45 11.92
N GLN B 247 -55.18 15.14 10.62
CA GLN B 247 -55.12 16.17 9.59
C GLN B 247 -56.36 17.05 9.63
N GLU B 248 -57.52 16.46 9.92
CA GLU B 248 -58.76 17.21 9.96
C GLU B 248 -59.01 17.86 11.32
N GLU B 249 -58.57 17.22 12.41
CA GLU B 249 -58.87 17.71 13.74
C GLU B 249 -58.01 18.92 14.10
N PHE B 250 -56.70 18.82 13.88
CA PHE B 250 -55.78 19.87 14.31
C PHE B 250 -55.49 20.83 13.17
N ASP B 251 -54.77 21.90 13.51
CA ASP B 251 -54.48 22.99 12.56
C ASP B 251 -53.10 22.86 11.92
N TYR B 252 -52.06 22.77 12.74
CA TYR B 252 -50.69 22.68 12.25
C TYR B 252 -50.02 21.42 12.77
N TYR B 253 -48.95 21.02 12.09
CA TYR B 253 -48.21 19.82 12.48
C TYR B 253 -46.72 20.06 12.33
N PHE B 254 -45.95 19.42 13.22
CA PHE B 254 -44.50 19.45 13.20
C PHE B 254 -44.00 18.04 12.92
N GLN B 255 -42.97 17.94 12.07
CA GLN B 255 -42.42 16.66 11.67
C GLN B 255 -40.92 16.65 11.93
N THR B 256 -40.46 15.61 12.64
CA THR B 256 -39.05 15.43 12.92
C THR B 256 -38.67 13.98 12.63
N ASP B 257 -37.36 13.73 12.56
CA ASP B 257 -36.86 12.41 12.21
C ASP B 257 -35.44 12.28 12.75
N PHE B 258 -35.03 11.04 13.02
CA PHE B 258 -33.72 10.75 13.54
C PHE B 258 -32.83 10.19 12.43
N SER B 259 -31.59 10.69 12.34
CA SER B 259 -30.63 10.22 11.36
C SER B 259 -29.82 9.06 11.92
N THR B 260 -29.56 8.07 11.07
CA THR B 260 -28.87 6.84 11.45
C THR B 260 -29.39 6.32 12.78
N PHE B 261 -30.71 6.14 12.84
CA PHE B 261 -31.37 5.83 14.09
C PHE B 261 -30.84 4.53 14.69
N PHE B 262 -30.91 3.44 13.95
CA PHE B 262 -30.50 2.15 14.48
C PHE B 262 -29.01 2.12 14.80
N HIS B 263 -28.18 2.71 13.94
CA HIS B 263 -26.74 2.65 14.13
C HIS B 263 -26.28 3.48 15.33
N LEU B 264 -27.11 4.41 15.81
CA LEU B 264 -26.79 5.21 16.98
C LEU B 264 -27.47 4.70 18.25
N VAL B 265 -28.17 3.57 18.17
CA VAL B 265 -28.84 3.00 19.34
C VAL B 265 -27.81 2.30 20.21
N ASP B 266 -27.81 2.62 21.50
CA ASP B 266 -26.98 1.91 22.47
C ASP B 266 -27.73 0.66 22.92
N THR B 267 -27.32 -0.49 22.39
CA THR B 267 -28.00 -1.75 22.68
C THR B 267 -27.98 -2.06 24.17
N ASP B 268 -26.87 -1.78 24.84
CA ASP B 268 -26.80 -2.05 26.28
C ASP B 268 -27.75 -1.14 27.04
N ASN B 269 -27.82 0.13 26.66
CA ASN B 269 -28.74 1.05 27.31
C ASN B 269 -30.19 0.66 27.03
N LEU B 270 -30.47 0.09 25.86
CA LEU B 270 -31.84 -0.27 25.51
C LEU B 270 -32.37 -1.38 26.42
N PHE B 271 -31.55 -2.39 26.70
CA PHE B 271 -31.98 -3.46 27.57
C PHE B 271 -31.93 -3.10 29.05
N ASN B 272 -31.25 -2.01 29.41
CA ASN B 272 -31.15 -1.61 30.80
C ASN B 272 -32.37 -0.85 31.28
N LYS B 273 -33.15 -0.26 30.38
CA LYS B 273 -34.35 0.46 30.78
C LYS B 273 -35.56 -0.46 30.96
N ILE B 274 -35.39 -1.76 30.78
CA ILE B 274 -36.42 -2.75 31.04
C ILE B 274 -36.16 -3.30 32.44
N ASP B 275 -36.89 -2.78 33.42
CA ASP B 275 -36.58 -3.08 34.83
C ASP B 275 -36.75 -4.56 35.14
N ARG B 276 -37.91 -5.12 34.82
CA ARG B 276 -38.21 -6.50 35.18
C ARG B 276 -37.55 -7.51 34.27
N LEU B 277 -36.70 -7.10 33.33
CA LEU B 277 -35.95 -8.04 32.52
C LEU B 277 -34.80 -8.61 33.33
N ASP B 278 -34.72 -9.94 33.38
CA ASP B 278 -33.67 -10.60 34.13
C ASP B 278 -32.31 -10.20 33.57
N PRO B 279 -31.37 -9.74 34.40
CA PRO B 279 -30.08 -9.27 33.86
C PRO B 279 -29.27 -10.37 33.19
N LYS B 280 -29.37 -11.61 33.68
CA LYS B 280 -28.67 -12.72 33.04
C LYS B 280 -29.25 -13.00 31.65
N SER B 281 -30.54 -12.71 31.45
CA SER B 281 -31.14 -12.88 30.13
C SER B 281 -30.88 -11.68 29.23
N ALA B 282 -30.89 -10.47 29.81
CA ALA B 282 -30.57 -9.28 29.02
C ALA B 282 -29.13 -9.32 28.53
N LEU B 283 -28.25 -10.03 29.22
CA LEU B 283 -26.87 -10.18 28.75
C LEU B 283 -26.84 -11.06 27.51
N VAL B 284 -27.66 -12.11 27.47
CA VAL B 284 -27.69 -12.99 26.32
C VAL B 284 -28.32 -12.29 25.12
N TYR B 285 -29.42 -11.57 25.34
CA TYR B 285 -30.09 -10.88 24.25
C TYR B 285 -29.19 -9.82 23.64
N SER B 286 -28.63 -8.94 24.48
CA SER B 286 -27.82 -7.84 23.98
C SER B 286 -26.54 -8.34 23.31
N SER B 287 -26.00 -9.47 23.76
CA SER B 287 -24.79 -9.99 23.13
C SER B 287 -25.08 -10.49 21.72
N LEU B 288 -26.21 -11.18 21.54
CA LEU B 288 -26.55 -11.69 20.21
C LEU B 288 -26.82 -10.54 19.24
N ILE B 289 -27.63 -9.56 19.67
CA ILE B 289 -27.95 -8.43 18.82
C ILE B 289 -26.70 -7.65 18.44
N LYS B 290 -25.86 -7.35 19.43
CA LYS B 290 -24.62 -6.63 19.15
C LYS B 290 -23.68 -7.48 18.29
N MET B 291 -23.74 -8.80 18.42
CA MET B 291 -22.90 -9.66 17.60
C MET B 291 -23.34 -9.62 16.15
N ILE B 292 -24.64 -9.48 15.89
CA ILE B 292 -25.13 -9.34 14.52
C ILE B 292 -24.59 -8.05 13.89
N GLY B 293 -24.57 -6.97 14.66
CA GLY B 293 -24.07 -5.69 14.21
C GLY B 293 -22.58 -5.45 14.44
N GLN B 294 -21.81 -6.49 14.77
CA GLN B 294 -20.37 -6.37 14.96
C GLN B 294 -20.03 -5.31 16.00
N GLY B 295 -20.86 -5.22 17.04
CA GLY B 295 -20.63 -4.33 18.17
C GLY B 295 -21.71 -3.28 18.34
N ARG B 296 -22.43 -2.94 17.28
CA ARG B 296 -23.45 -1.92 17.29
C ARG B 296 -24.80 -2.55 16.98
N MET B 297 -25.83 -1.73 17.03
CA MET B 297 -27.18 -2.19 16.73
C MET B 297 -27.33 -2.43 15.24
N PRO B 298 -27.56 -3.66 14.80
CA PRO B 298 -27.66 -3.95 13.37
C PRO B 298 -28.99 -3.48 12.79
N ILE B 299 -29.08 -3.61 11.48
CA ILE B 299 -30.30 -3.36 10.74
C ILE B 299 -30.69 -4.67 10.08
N VAL B 300 -31.54 -5.44 10.77
CA VAL B 300 -32.20 -6.60 10.17
C VAL B 300 -33.48 -6.08 9.54
N ASP B 301 -33.45 -5.87 8.23
CA ASP B 301 -34.51 -5.16 7.54
C ASP B 301 -35.85 -5.87 7.70
N GLY B 302 -36.85 -5.13 8.16
CA GLY B 302 -38.19 -5.66 8.32
C GLY B 302 -38.42 -6.46 9.59
N ASN B 303 -37.38 -6.74 10.37
CA ASN B 303 -37.52 -7.55 11.57
C ASN B 303 -38.29 -6.77 12.62
N SER B 304 -39.52 -7.21 12.91
CA SER B 304 -40.35 -6.51 13.88
C SER B 304 -39.74 -6.51 15.28
N GLY B 305 -38.90 -7.49 15.58
CA GLY B 305 -38.25 -7.51 16.89
C GLY B 305 -37.45 -6.26 17.16
N LEU B 306 -36.52 -5.93 16.26
CA LEU B 306 -35.71 -4.73 16.43
C LEU B 306 -36.53 -3.47 16.22
N SER B 307 -37.61 -3.56 15.42
CA SER B 307 -38.46 -2.38 15.21
C SER B 307 -39.22 -2.01 16.47
N PHE B 308 -39.81 -3.00 17.15
CA PHE B 308 -40.54 -2.72 18.38
C PHE B 308 -39.62 -2.24 19.48
N LEU B 309 -38.45 -2.87 19.62
CA LEU B 309 -37.53 -2.52 20.71
C LEU B 309 -37.00 -1.10 20.55
N ASN B 310 -36.70 -0.68 19.33
CA ASN B 310 -36.12 0.64 19.10
C ASN B 310 -37.17 1.74 19.12
N THR B 311 -38.44 1.43 18.84
CA THR B 311 -39.48 2.45 18.79
C THR B 311 -40.22 2.59 20.12
N VAL B 312 -40.60 1.48 20.73
CA VAL B 312 -41.43 1.52 21.92
C VAL B 312 -40.60 1.67 23.19
N VAL B 313 -39.48 0.96 23.28
CA VAL B 313 -38.66 0.97 24.48
C VAL B 313 -37.64 2.10 24.42
N TYR B 314 -36.78 2.09 23.39
CA TYR B 314 -35.65 3.01 23.37
C TYR B 314 -36.11 4.47 23.29
N LEU B 315 -37.17 4.75 22.54
CA LEU B 315 -37.66 6.12 22.40
C LEU B 315 -38.69 6.48 23.47
N ASP B 316 -38.93 5.61 24.45
CA ASP B 316 -39.94 5.87 25.46
C ASP B 316 -39.59 7.11 26.29
N ASP B 317 -38.38 7.15 26.85
CA ASP B 317 -37.99 8.28 27.69
C ASP B 317 -38.09 9.60 26.94
N PHE B 318 -37.58 9.64 25.70
CA PHE B 318 -37.61 10.87 24.91
C PHE B 318 -39.05 11.31 24.64
N ASP B 319 -39.89 10.39 24.18
CA ASP B 319 -41.28 10.75 23.87
C ASP B 319 -42.02 11.24 25.10
N LYS B 320 -41.72 10.67 26.27
CA LYS B 320 -42.37 11.12 27.50
C LYS B 320 -42.03 12.56 27.83
N GLU B 321 -40.74 12.93 27.73
CA GLU B 321 -40.34 14.30 28.03
C GLU B 321 -40.94 15.29 27.05
N ILE B 322 -41.11 14.90 25.78
CA ILE B 322 -41.77 15.78 24.81
C ILE B 322 -43.24 15.96 25.18
N ILE B 323 -43.91 14.87 25.57
CA ILE B 323 -45.32 14.95 25.92
C ILE B 323 -45.52 15.84 27.14
N ASP B 324 -44.68 15.65 28.17
CA ASP B 324 -44.84 16.40 29.40
C ASP B 324 -44.55 17.88 29.20
N SER B 325 -43.53 18.20 28.41
CA SER B 325 -43.19 19.60 28.20
C SER B 325 -44.23 20.30 27.34
N LEU B 326 -44.80 19.60 26.36
CA LEU B 326 -45.82 20.19 25.51
C LEU B 326 -47.07 20.57 26.29
N LYS B 327 -47.31 19.93 27.44
CA LYS B 327 -48.47 20.28 28.25
C LYS B 327 -48.26 21.59 28.99
N THR B 328 -47.01 21.94 29.30
CA THR B 328 -46.75 23.19 30.01
C THR B 328 -46.95 24.41 29.13
N ILE B 329 -46.87 24.26 27.80
CA ILE B 329 -47.05 25.39 26.90
C ILE B 329 -48.53 25.74 26.85
N VAL B 330 -48.89 26.88 27.43
CA VAL B 330 -50.29 27.29 27.50
C VAL B 330 -50.83 27.69 26.12
N GLU B 331 -49.94 28.09 25.20
CA GLU B 331 -50.37 28.51 23.88
C GLU B 331 -50.92 27.38 23.03
N ILE B 332 -50.70 26.13 23.42
CA ILE B 332 -51.21 24.98 22.69
C ILE B 332 -52.55 24.57 23.29
N GLU B 333 -53.62 24.65 22.48
CA GLU B 333 -54.93 24.22 22.95
C GLU B 333 -54.96 22.72 23.19
N SER B 334 -54.68 21.94 22.14
CA SER B 334 -54.57 20.50 22.25
C SER B 334 -53.46 20.03 21.32
N PHE B 335 -53.00 18.80 21.54
CA PHE B 335 -51.94 18.26 20.72
C PHE B 335 -52.06 16.74 20.68
N LYS B 336 -51.43 16.15 19.67
CA LYS B 336 -51.39 14.70 19.50
C LYS B 336 -50.12 14.34 18.76
N LEU B 337 -49.45 13.28 19.23
CA LEU B 337 -48.22 12.80 18.63
C LEU B 337 -48.47 11.46 17.96
N VAL B 338 -48.00 11.32 16.72
CA VAL B 338 -48.06 10.04 16.02
C VAL B 338 -46.64 9.72 15.57
N ARG B 339 -46.20 8.49 15.79
CA ARG B 339 -44.83 8.09 15.53
C ARG B 339 -44.80 6.76 14.80
N TYR B 340 -43.96 6.69 13.77
CA TYR B 340 -43.66 5.44 13.06
C TYR B 340 -42.15 5.29 13.07
N VAL B 341 -41.65 4.33 13.85
CA VAL B 341 -40.22 4.14 14.10
C VAL B 341 -39.62 5.49 14.53
N ASP B 342 -38.76 6.07 13.69
CA ASP B 342 -38.13 7.33 14.04
C ASP B 342 -38.91 8.55 13.58
N ASP B 343 -39.82 8.40 12.61
CA ASP B 343 -40.63 9.51 12.17
C ASP B 343 -41.61 9.92 13.26
N LEU B 344 -41.71 11.23 13.53
CA LEU B 344 -42.61 11.75 14.54
C LEU B 344 -43.39 12.92 13.98
N HIS B 345 -44.70 12.93 14.22
CA HIS B 345 -45.57 14.04 13.83
C HIS B 345 -46.19 14.65 15.09
N ILE B 346 -46.20 15.97 15.15
CA ILE B 346 -46.68 16.71 16.32
C ILE B 346 -47.80 17.62 15.84
N PHE B 347 -49.04 17.11 15.89
CA PHE B 347 -50.20 17.92 15.57
C PHE B 347 -50.61 18.74 16.78
N ILE B 348 -51.01 20.00 16.54
CA ILE B 348 -51.37 20.92 17.60
C ILE B 348 -52.56 21.77 17.17
N LYS B 349 -53.18 22.40 18.17
CA LYS B 349 -54.23 23.38 17.97
C LYS B 349 -53.78 24.68 18.65
N CYS B 350 -53.80 25.78 17.92
CA CYS B 350 -53.30 27.05 18.45
C CYS B 350 -53.81 28.18 17.57
N ALA B 351 -53.58 29.40 18.06
CA ALA B 351 -53.89 30.59 17.28
C ALA B 351 -52.76 30.87 16.30
N ASN B 352 -53.12 31.48 15.16
CA ASN B 352 -52.10 31.80 14.15
C ASN B 352 -51.09 32.81 14.67
N LYS B 353 -51.52 33.70 15.58
CA LYS B 353 -50.63 34.72 16.13
C LYS B 353 -49.53 34.15 17.00
N ASP B 354 -49.64 32.90 17.42
CA ASP B 354 -48.65 32.26 18.28
C ASP B 354 -47.78 31.26 17.53
N LEU B 355 -47.87 31.23 16.20
CA LEU B 355 -47.15 30.21 15.44
C LEU B 355 -45.64 30.43 15.50
N ASP B 356 -45.18 31.67 15.57
CA ASP B 356 -43.74 31.93 15.59
C ASP B 356 -43.12 31.48 16.91
N PHE B 357 -43.74 31.85 18.02
CA PHE B 357 -43.23 31.45 19.33
C PHE B 357 -43.30 29.95 19.53
N LEU B 358 -44.36 29.32 19.01
CA LEU B 358 -44.50 27.88 19.13
C LEU B 358 -43.44 27.15 18.31
N ASN B 359 -43.09 27.69 17.14
CA ASN B 359 -42.00 27.10 16.36
C ASN B 359 -40.68 27.25 17.09
N TYR B 360 -40.48 28.39 17.76
CA TYR B 360 -39.26 28.58 18.54
C TYR B 360 -39.25 27.69 19.78
N LYS B 361 -40.40 27.50 20.40
CA LYS B 361 -40.47 26.71 21.63
C LYS B 361 -40.35 25.22 21.34
N VAL B 362 -41.08 24.73 20.34
CA VAL B 362 -41.16 23.29 20.10
C VAL B 362 -39.86 22.77 19.48
N TYR B 363 -39.28 23.52 18.56
CA TYR B 363 -38.05 23.05 17.92
C TYR B 363 -36.89 23.03 18.91
N ASN B 364 -36.78 24.05 19.76
CA ASN B 364 -35.75 24.02 20.80
C ASN B 364 -36.03 22.94 21.82
N LEU B 365 -37.30 22.59 22.03
CA LEU B 365 -37.62 21.49 22.94
C LEU B 365 -37.18 20.16 22.35
N LEU B 366 -37.34 19.99 21.03
CA LEU B 366 -36.93 18.74 20.39
C LEU B 366 -35.42 18.59 20.39
N CYS B 367 -34.69 19.67 20.08
CA CYS B 367 -33.23 19.60 20.01
C CYS B 367 -32.62 19.32 21.38
N GLU B 368 -33.13 19.98 22.42
CA GLU B 368 -32.55 19.79 23.75
C GLU B 368 -32.77 18.37 24.26
N LYS B 369 -33.97 17.82 24.06
CA LYS B 369 -34.26 16.48 24.56
C LYS B 369 -33.58 15.40 23.71
N ALA B 370 -33.46 15.63 22.40
CA ALA B 370 -32.79 14.66 21.54
C ALA B 370 -31.32 14.54 21.91
N THR B 371 -30.62 15.67 22.06
CA THR B 371 -29.23 15.64 22.50
C THR B 371 -29.10 14.99 23.87
N LYS B 372 -30.11 15.14 24.72
CA LYS B 372 -30.07 14.54 26.05
C LYS B 372 -30.08 13.02 25.98
N HIS B 373 -30.77 12.45 25.00
CA HIS B 373 -30.90 10.99 24.88
C HIS B 373 -30.05 10.43 23.74
N HIS B 374 -29.01 11.16 23.33
CA HIS B 374 -28.06 10.69 22.32
C HIS B 374 -28.76 10.41 20.99
N LEU B 375 -29.68 11.29 20.62
CA LEU B 375 -30.41 11.18 19.36
C LEU B 375 -30.07 12.38 18.49
N GLU B 376 -29.89 12.13 17.20
CA GLU B 376 -29.51 13.15 16.23
C GLU B 376 -30.70 13.46 15.34
N ILE B 377 -31.17 14.70 15.38
CA ILE B 377 -32.33 15.11 14.60
C ILE B 377 -31.93 15.30 13.15
N ASN B 378 -32.69 14.71 12.23
CA ASN B 378 -32.47 14.88 10.80
C ASN B 378 -32.89 16.29 10.40
N SER B 379 -31.92 17.20 10.27
CA SER B 379 -32.23 18.57 9.92
C SER B 379 -32.88 18.67 8.54
N SER B 380 -32.52 17.77 7.62
CA SER B 380 -33.08 17.85 6.27
C SER B 380 -34.53 17.38 6.24
N LYS B 381 -34.84 16.32 6.97
CA LYS B 381 -36.18 15.74 6.99
C LYS B 381 -37.09 16.39 8.03
N THR B 382 -36.68 17.50 8.63
CA THR B 382 -37.45 18.19 9.65
C THR B 382 -37.98 19.50 9.09
N LYS B 383 -39.29 19.71 9.20
CA LYS B 383 -39.94 20.94 8.77
C LYS B 383 -40.61 21.60 9.97
N SER B 384 -40.80 22.91 9.86
CA SER B 384 -41.41 23.69 10.93
C SER B 384 -42.92 23.39 10.99
N PHE B 385 -43.65 24.19 11.76
CA PHE B 385 -45.08 23.99 11.92
C PHE B 385 -45.81 24.36 10.64
N THR B 386 -46.30 23.35 9.92
CA THR B 386 -46.99 23.45 8.66
C THR B 386 -48.49 23.24 8.84
N PRO B 387 -49.33 23.99 8.13
CA PRO B 387 -50.78 23.71 8.17
C PRO B 387 -51.07 22.28 7.74
N THR B 388 -52.06 21.68 8.39
CA THR B 388 -52.35 20.26 8.16
C THR B 388 -52.78 19.98 6.73
N SER B 389 -53.31 20.99 6.03
CA SER B 389 -53.76 20.78 4.65
C SER B 389 -52.61 20.32 3.75
N GLU B 390 -51.39 20.74 4.04
CA GLU B 390 -50.23 20.33 3.25
C GLU B 390 -49.60 19.06 3.81
N ASP B 410 -61.15 6.82 -14.30
CA ASP B 410 -60.23 5.95 -15.03
C ASP B 410 -58.78 6.38 -14.85
N PHE B 411 -57.95 5.47 -14.32
CA PHE B 411 -56.55 5.79 -14.11
C PHE B 411 -55.81 6.03 -15.42
N GLU B 412 -56.28 5.42 -16.51
CA GLU B 412 -55.65 5.61 -17.81
C GLU B 412 -55.85 7.03 -18.35
N GLN B 413 -56.71 7.84 -17.72
CA GLN B 413 -56.88 9.23 -18.12
C GLN B 413 -55.88 10.15 -17.42
N TYR B 414 -55.55 9.86 -16.16
CA TYR B 414 -54.57 10.66 -15.44
C TYR B 414 -53.15 10.32 -15.87
N PHE B 415 -52.88 9.04 -16.15
CA PHE B 415 -51.57 8.59 -16.59
C PHE B 415 -51.77 7.58 -17.71
N SER B 416 -51.52 8.01 -18.95
CA SER B 416 -51.71 7.16 -20.11
C SER B 416 -50.41 6.43 -20.45
N LYS B 417 -50.48 5.57 -21.47
CA LYS B 417 -49.29 4.85 -21.91
C LYS B 417 -48.29 5.76 -22.62
N ASN B 418 -48.75 6.90 -23.13
CA ASN B 418 -47.83 7.85 -23.74
C ASN B 418 -46.93 8.49 -22.69
N THR B 419 -47.50 8.80 -21.51
CA THR B 419 -46.68 9.35 -20.44
C THR B 419 -45.66 8.34 -19.93
N LEU B 420 -45.92 7.05 -20.11
CA LEU B 420 -44.93 6.03 -19.76
C LEU B 420 -43.84 5.92 -20.82
N ILE B 421 -44.18 6.15 -22.09
CA ILE B 421 -43.17 6.10 -23.15
C ILE B 421 -42.17 7.22 -22.98
N GLU B 422 -42.64 8.42 -22.59
CA GLU B 422 -41.73 9.52 -22.35
C GLU B 422 -40.78 9.24 -21.20
N PHE B 423 -41.22 8.43 -20.22
CA PHE B 423 -40.35 8.06 -19.11
C PHE B 423 -39.17 7.23 -19.60
N LEU B 424 -39.45 6.19 -20.40
CA LEU B 424 -38.36 5.35 -20.90
C LEU B 424 -37.44 6.11 -21.83
N ASP B 425 -37.97 7.05 -22.60
CA ASP B 425 -37.14 7.80 -23.54
C ASP B 425 -36.22 8.78 -22.80
N LYS B 426 -36.77 9.51 -21.83
CA LYS B 426 -35.93 10.40 -21.03
C LYS B 426 -34.90 9.62 -20.21
N LEU B 427 -35.21 8.37 -19.86
CA LEU B 427 -34.27 7.54 -19.11
C LEU B 427 -33.24 6.89 -20.03
N ASN B 428 -33.67 6.44 -21.21
CA ASN B 428 -32.73 5.79 -22.13
C ASN B 428 -31.74 6.78 -22.73
N ASN B 429 -32.14 8.04 -22.89
CA ASN B 429 -31.23 9.07 -23.39
C ASN B 429 -30.39 9.70 -22.30
N MET B 430 -30.81 9.57 -21.05
CA MET B 430 -30.02 10.07 -19.94
C MET B 430 -28.75 9.25 -19.77
N SER B 431 -27.65 9.92 -19.48
CA SER B 431 -26.37 9.24 -19.30
C SER B 431 -26.39 8.40 -18.03
N VAL B 432 -25.63 7.31 -18.05
CA VAL B 432 -25.51 6.45 -16.88
C VAL B 432 -24.70 7.10 -15.77
N ASN B 433 -23.98 8.18 -16.06
CA ASN B 433 -23.23 8.91 -15.05
C ASN B 433 -24.08 9.91 -14.28
N ALA B 434 -25.35 10.05 -14.63
CA ALA B 434 -26.22 10.99 -13.92
C ALA B 434 -26.55 10.45 -12.53
N ASP B 435 -26.55 11.35 -11.55
CA ASP B 435 -26.83 10.98 -10.17
C ASP B 435 -28.34 10.84 -9.99
N PHE B 436 -28.76 10.61 -8.73
CA PHE B 436 -30.19 10.50 -8.45
C PHE B 436 -30.90 11.83 -8.66
N SER B 437 -30.21 12.95 -8.42
CA SER B 437 -30.83 14.26 -8.59
C SER B 437 -31.28 14.48 -10.03
N GLU B 438 -30.44 14.11 -11.00
CA GLU B 438 -30.83 14.27 -12.39
C GLU B 438 -31.92 13.29 -12.78
N TYR B 439 -31.92 12.09 -12.20
CA TYR B 439 -32.97 11.12 -12.51
C TYR B 439 -34.31 11.53 -11.90
N GLU B 440 -34.30 11.97 -10.64
CA GLU B 440 -35.53 12.35 -9.96
C GLU B 440 -36.12 13.64 -10.51
N LYS B 441 -35.31 14.51 -11.11
CA LYS B 441 -35.81 15.80 -11.56
C LYS B 441 -36.47 15.69 -12.93
N GLU B 442 -35.82 15.00 -13.87
CA GLU B 442 -36.34 14.92 -15.23
C GLU B 442 -37.23 13.70 -15.45
N VAL B 443 -36.70 12.51 -15.14
CA VAL B 443 -37.38 11.27 -15.51
C VAL B 443 -38.57 11.01 -14.61
N LEU B 444 -38.39 11.12 -13.29
CA LEU B 444 -39.47 10.80 -12.37
C LEU B 444 -40.60 11.83 -12.43
N TYR B 445 -40.27 13.11 -12.65
CA TYR B 445 -41.30 14.13 -12.73
C TYR B 445 -42.19 13.98 -13.96
N THR B 446 -41.70 13.29 -15.00
CA THR B 446 -42.51 13.06 -16.19
C THR B 446 -43.77 12.27 -15.89
N LEU B 447 -43.77 11.47 -14.82
CA LEU B 447 -44.93 10.67 -14.46
C LEU B 447 -45.99 11.45 -13.72
N GLU B 448 -45.61 12.55 -13.08
CA GLU B 448 -46.55 13.33 -12.27
C GLU B 448 -47.60 13.98 -13.17
N ASN B 449 -48.87 13.74 -12.87
CA ASN B 449 -49.96 14.40 -13.57
C ASN B 449 -50.40 15.63 -12.80
N PRO B 450 -50.46 16.80 -13.47
CA PRO B 450 -50.90 18.04 -12.78
C PRO B 450 -52.15 17.88 -11.94
N GLU B 451 -53.15 17.17 -12.45
CA GLU B 451 -54.40 17.00 -11.73
C GLU B 451 -54.32 15.95 -10.63
N ILE B 452 -53.31 15.07 -10.68
CA ILE B 452 -53.18 14.01 -9.69
C ILE B 452 -52.30 14.47 -8.54
N VAL B 453 -52.48 13.84 -7.38
CA VAL B 453 -51.71 14.17 -6.19
C VAL B 453 -50.82 13.00 -5.83
N SER B 454 -49.68 12.87 -6.52
CA SER B 454 -48.74 11.78 -6.27
C SER B 454 -47.38 12.16 -6.81
N ASP B 455 -46.34 11.63 -6.19
CA ASP B 455 -44.97 11.84 -6.65
C ASP B 455 -44.67 10.90 -7.81
N GLY B 456 -43.48 11.08 -8.40
CA GLY B 456 -43.08 10.25 -9.51
C GLY B 456 -42.83 8.81 -9.13
N SER B 457 -42.42 8.56 -7.89
CA SER B 457 -42.14 7.20 -7.45
C SER B 457 -43.42 6.41 -7.19
N TYR B 458 -44.43 7.07 -6.61
CA TYR B 458 -45.68 6.37 -6.31
C TYR B 458 -46.42 5.97 -7.58
N ILE B 459 -46.38 6.83 -8.60
CA ILE B 459 -47.05 6.52 -9.86
C ILE B 459 -46.36 5.38 -10.58
N LEU B 460 -45.03 5.36 -10.56
CA LEU B 460 -44.29 4.28 -11.22
C LEU B 460 -44.60 2.93 -10.60
N ASN B 461 -44.70 2.87 -9.27
CA ASN B 461 -45.03 1.61 -8.62
C ASN B 461 -46.44 1.15 -8.96
N ALA B 462 -47.36 2.08 -9.23
CA ALA B 462 -48.72 1.71 -9.56
C ALA B 462 -48.81 1.06 -10.93
N ILE B 463 -47.90 1.39 -11.84
CA ILE B 463 -47.93 0.81 -13.18
C ILE B 463 -47.43 -0.63 -13.16
N VAL B 464 -46.32 -0.87 -12.47
CA VAL B 464 -45.71 -2.20 -12.52
C VAL B 464 -46.55 -3.22 -11.76
N TYR B 465 -47.31 -2.78 -10.76
CA TYR B 465 -48.08 -3.69 -9.92
C TYR B 465 -49.55 -3.79 -10.33
N ASN B 466 -50.00 -2.99 -11.30
CA ASN B 466 -51.39 -3.04 -11.72
C ASN B 466 -51.50 -3.10 -13.24
N LYS B 467 -50.76 -2.24 -13.94
CA LYS B 467 -50.73 -2.23 -15.39
C LYS B 467 -49.59 -3.11 -15.91
N SER B 468 -49.61 -4.38 -15.47
CA SER B 468 -48.54 -5.30 -15.82
C SER B 468 -48.49 -5.58 -17.31
N THR B 469 -49.62 -5.54 -18.00
CA THR B 469 -49.65 -5.83 -19.43
C THR B 469 -49.10 -4.69 -20.28
N TRP B 470 -48.84 -3.52 -19.68
CA TRP B 470 -48.30 -2.41 -20.45
C TRP B 470 -46.88 -2.69 -20.93
N SER B 471 -46.13 -3.51 -20.19
CA SER B 471 -44.77 -3.86 -20.60
C SER B 471 -44.74 -4.81 -21.79
N GLN B 472 -45.90 -5.27 -22.26
CA GLN B 472 -45.96 -6.12 -23.44
C GLN B 472 -46.34 -5.37 -24.71
N ASP B 473 -46.49 -4.05 -24.63
CA ASP B 473 -46.66 -3.24 -25.83
C ASP B 473 -45.42 -3.36 -26.71
N TYR B 474 -45.62 -3.29 -28.02
CA TYR B 474 -44.51 -3.39 -28.95
C TYR B 474 -43.50 -2.26 -28.75
N ASP B 475 -44.00 -1.03 -28.57
CA ASP B 475 -43.10 0.10 -28.35
C ASP B 475 -42.48 0.04 -26.97
N ILE B 476 -43.28 -0.23 -25.94
CA ILE B 476 -42.78 -0.20 -24.57
C ILE B 476 -41.78 -1.32 -24.34
N LYS B 477 -42.09 -2.54 -24.79
CA LYS B 477 -41.16 -3.65 -24.61
C LYS B 477 -39.88 -3.44 -25.38
N ASN B 478 -39.94 -2.76 -26.52
CA ASN B 478 -38.72 -2.47 -27.28
C ASN B 478 -37.89 -1.41 -26.58
N LYS B 479 -38.53 -0.32 -26.12
CA LYS B 479 -37.82 0.68 -25.34
C LYS B 479 -37.26 0.09 -24.04
N ILE B 480 -37.93 -0.92 -23.49
CA ILE B 480 -37.41 -1.61 -22.32
C ILE B 480 -36.19 -2.44 -22.71
N SER B 481 -36.24 -3.10 -23.88
CA SER B 481 -35.11 -3.89 -24.33
C SER B 481 -33.87 -3.02 -24.53
N LEU B 482 -34.07 -1.79 -25.01
CA LEU B 482 -32.94 -0.88 -25.19
C LEU B 482 -32.30 -0.56 -23.85
N LEU B 483 -33.10 -0.44 -22.79
CA LEU B 483 -32.57 -0.12 -21.47
C LEU B 483 -31.68 -1.24 -20.97
N VAL B 484 -32.18 -2.48 -21.02
CA VAL B 484 -31.44 -3.61 -20.45
C VAL B 484 -30.15 -3.87 -21.22
N ASN B 485 -30.19 -3.70 -22.54
CA ASN B 485 -29.04 -4.04 -23.37
C ASN B 485 -28.03 -2.91 -23.48
N SER B 486 -28.47 -1.65 -23.45
CA SER B 486 -27.51 -0.53 -23.49
C SER B 486 -26.69 -0.49 -22.21
N ASN B 487 -27.35 -0.39 -21.06
CA ASN B 487 -26.66 -0.40 -19.78
C ASN B 487 -27.70 -0.75 -18.70
N TYR B 488 -27.59 -1.94 -18.13
CA TYR B 488 -28.48 -2.32 -17.04
C TYR B 488 -28.22 -1.52 -15.77
N ARG B 489 -27.10 -0.81 -15.70
CA ARG B 489 -26.80 0.01 -14.53
C ARG B 489 -27.84 1.12 -14.32
N LYS B 490 -28.56 1.50 -15.38
CA LYS B 490 -29.63 2.48 -15.23
C LYS B 490 -30.80 1.96 -14.41
N LEU B 491 -30.84 0.66 -14.12
CA LEU B 491 -31.87 0.09 -13.26
C LEU B 491 -31.69 0.47 -11.79
N ARG B 492 -30.54 1.03 -11.41
CA ARG B 492 -30.25 1.29 -10.01
C ARG B 492 -31.10 2.42 -9.42
N TYR B 493 -31.68 3.27 -10.27
CA TYR B 493 -32.47 4.40 -9.76
C TYR B 493 -33.76 3.94 -9.11
N SER B 494 -34.33 2.83 -9.58
CA SER B 494 -35.47 2.22 -8.91
C SER B 494 -35.44 0.70 -9.11
N ALA B 495 -34.61 0.00 -8.33
CA ALA B 495 -34.34 -1.40 -8.64
C ALA B 495 -35.61 -2.25 -8.51
N LYS B 496 -36.44 -2.01 -7.51
CA LYS B 496 -37.61 -2.85 -7.30
C LYS B 496 -38.63 -2.66 -8.43
N ALA B 497 -38.94 -1.40 -8.75
CA ALA B 497 -39.98 -1.13 -9.74
C ALA B 497 -39.50 -1.42 -11.16
N LEU B 498 -38.26 -1.04 -11.47
CA LEU B 498 -37.78 -1.19 -12.84
C LEU B 498 -37.55 -2.65 -13.21
N ILE B 499 -37.08 -3.47 -12.26
CA ILE B 499 -36.94 -4.89 -12.52
C ILE B 499 -38.30 -5.53 -12.73
N THR B 500 -39.28 -5.15 -11.91
CA THR B 500 -40.65 -5.61 -12.13
C THR B 500 -41.14 -5.19 -13.51
N LEU B 501 -40.78 -3.98 -13.94
CA LEU B 501 -41.13 -3.53 -15.29
C LEU B 501 -40.48 -4.42 -16.34
N VAL B 502 -39.23 -4.82 -16.12
CA VAL B 502 -38.57 -5.73 -17.05
C VAL B 502 -39.24 -7.10 -17.03
N LEU B 503 -39.50 -7.63 -15.83
CA LEU B 503 -40.14 -8.94 -15.73
C LEU B 503 -41.57 -8.92 -16.25
N ASN B 504 -42.23 -7.76 -16.25
CA ASN B 504 -43.58 -7.66 -16.79
C ASN B 504 -43.60 -7.77 -18.32
N THR B 505 -42.45 -7.66 -18.99
CA THR B 505 -42.41 -7.84 -20.43
C THR B 505 -42.65 -9.29 -20.83
N ARG B 506 -42.38 -10.24 -19.93
CA ARG B 506 -42.61 -11.67 -20.13
C ARG B 506 -41.84 -12.23 -21.32
N ASP B 507 -40.80 -11.52 -21.75
CA ASP B 507 -39.98 -11.92 -22.89
C ASP B 507 -38.72 -12.56 -22.35
N GLY B 508 -38.49 -13.82 -22.71
CA GLY B 508 -37.34 -14.55 -22.21
C GLY B 508 -36.01 -13.95 -22.64
N ASP B 509 -35.94 -13.42 -23.86
CA ASP B 509 -34.69 -12.84 -24.35
C ASP B 509 -34.28 -11.62 -23.53
N ILE B 510 -35.24 -10.86 -23.03
CA ILE B 510 -34.92 -9.73 -22.17
C ILE B 510 -34.55 -10.20 -20.77
N ILE B 511 -35.33 -11.13 -20.21
CA ILE B 511 -35.08 -11.60 -18.84
C ILE B 511 -33.74 -12.31 -18.75
N LYS B 512 -33.46 -13.21 -19.70
CA LYS B 512 -32.16 -13.86 -19.73
C LYS B 512 -31.05 -12.91 -20.15
N GLY B 513 -31.39 -11.83 -20.86
CA GLY B 513 -30.38 -10.86 -21.22
C GLY B 513 -29.88 -10.07 -20.02
N LEU B 514 -30.80 -9.63 -19.15
CA LEU B 514 -30.40 -8.92 -17.95
C LEU B 514 -29.57 -9.81 -17.03
N LEU B 515 -29.91 -11.10 -16.96
CA LEU B 515 -29.14 -12.01 -16.11
C LEU B 515 -27.74 -12.23 -16.68
N ASN B 516 -27.64 -12.46 -17.99
CA ASN B 516 -26.35 -12.71 -18.60
C ASN B 516 -25.47 -11.46 -18.59
N ASN B 517 -26.08 -10.28 -18.72
CA ASN B 517 -25.30 -9.04 -18.59
C ASN B 517 -24.74 -8.91 -17.18
N LEU B 518 -25.51 -9.34 -16.17
CA LEU B 518 -24.99 -9.39 -14.82
C LEU B 518 -23.91 -10.47 -14.69
N PHE B 519 -24.11 -11.60 -15.36
CA PHE B 519 -23.15 -12.70 -15.25
C PHE B 519 -21.80 -12.32 -15.84
N THR B 520 -21.80 -11.53 -16.92
CA THR B 520 -20.55 -11.16 -17.55
C THR B 520 -19.72 -10.25 -16.66
N THR B 521 -20.36 -9.29 -15.98
CA THR B 521 -19.63 -8.39 -15.10
C THR B 521 -19.10 -9.13 -13.87
N PHE B 522 -19.88 -10.09 -13.35
CA PHE B 522 -19.41 -10.90 -12.24
C PHE B 522 -18.33 -11.89 -12.68
N LYS B 523 -18.33 -12.27 -13.96
CA LYS B 523 -17.30 -13.19 -14.45
C LYS B 523 -15.97 -12.48 -14.60
N ASN B 524 -15.99 -11.24 -15.09
CA ASN B 524 -14.74 -10.48 -15.25
C ASN B 524 -14.16 -10.09 -13.90
N GLY B 525 -14.97 -9.48 -13.05
CA GLY B 525 -14.50 -9.05 -11.74
C GLY B 525 -14.86 -7.60 -11.47
N THR B 526 -15.55 -6.96 -12.41
CA THR B 526 -15.95 -5.58 -12.28
C THR B 526 -17.24 -5.40 -11.48
N ASN B 527 -17.71 -6.46 -10.81
CA ASN B 527 -18.98 -6.42 -10.08
C ASN B 527 -18.80 -5.61 -8.81
N ASP B 528 -19.39 -4.42 -8.77
CA ASP B 528 -19.37 -3.60 -7.56
C ASP B 528 -20.66 -3.83 -6.77
N ILE B 529 -21.01 -2.89 -5.91
CA ILE B 529 -22.21 -3.05 -5.10
C ILE B 529 -23.47 -2.72 -5.87
N ILE B 530 -23.37 -2.00 -6.99
CA ILE B 530 -24.53 -1.72 -7.82
C ILE B 530 -24.94 -2.95 -8.61
N ASP B 531 -23.96 -3.68 -9.17
CA ASP B 531 -24.28 -4.94 -9.83
C ASP B 531 -24.84 -5.95 -8.85
N GLU B 532 -24.49 -5.84 -7.57
CA GLU B 532 -24.99 -6.79 -6.58
C GLU B 532 -26.46 -6.55 -6.28
N ILE B 533 -26.84 -5.32 -5.97
CA ILE B 533 -28.23 -5.04 -5.57
C ILE B 533 -29.19 -5.39 -6.70
N ILE B 534 -28.79 -5.10 -7.95
CA ILE B 534 -29.62 -5.45 -9.09
C ILE B 534 -29.74 -6.97 -9.21
N LEU B 535 -28.64 -7.68 -8.98
CA LEU B 535 -28.68 -9.14 -9.05
C LEU B 535 -29.57 -9.73 -7.97
N ILE B 536 -29.42 -9.26 -6.73
CA ILE B 536 -30.23 -9.82 -5.64
C ILE B 536 -31.70 -9.46 -5.82
N GLU B 537 -31.98 -8.24 -6.28
CA GLU B 537 -33.37 -7.85 -6.57
C GLU B 537 -33.95 -8.70 -7.70
N TYR B 538 -33.11 -9.04 -8.69
CA TYR B 538 -33.55 -9.90 -9.77
C TYR B 538 -33.84 -11.31 -9.29
N LEU B 539 -32.95 -11.86 -8.46
CA LEU B 539 -33.13 -13.23 -7.99
C LEU B 539 -34.31 -13.38 -7.05
N VAL B 540 -34.62 -12.35 -6.26
CA VAL B 540 -35.76 -12.43 -5.35
C VAL B 540 -37.06 -12.37 -6.13
N GLN B 541 -37.15 -11.48 -7.12
CA GLN B 541 -38.39 -11.33 -7.88
C GLN B 541 -38.69 -12.57 -8.71
N ARG B 542 -37.68 -13.28 -9.18
CA ARG B 542 -37.87 -14.53 -9.90
C ARG B 542 -37.98 -15.73 -8.96
N LYS B 543 -38.18 -15.49 -7.66
CA LYS B 543 -38.42 -16.54 -6.68
C LYS B 543 -37.27 -17.53 -6.59
N PHE B 544 -36.04 -17.03 -6.75
CA PHE B 544 -34.83 -17.83 -6.68
C PHE B 544 -34.92 -19.07 -7.57
N ASN B 545 -35.19 -18.80 -8.86
CA ASN B 545 -35.40 -19.87 -9.82
C ASN B 545 -34.15 -20.72 -9.96
N HIS B 546 -34.35 -22.04 -10.08
CA HIS B 546 -33.24 -22.98 -10.09
C HIS B 546 -32.30 -22.73 -11.27
N LYS B 547 -32.86 -22.43 -12.44
CA LYS B 547 -32.01 -22.19 -13.61
C LYS B 547 -31.19 -20.93 -13.45
N ASP B 548 -31.74 -19.90 -12.79
CA ASP B 548 -30.98 -18.69 -12.54
C ASP B 548 -29.85 -18.96 -11.54
N LEU B 549 -30.12 -19.76 -10.52
CA LEU B 549 -29.11 -20.02 -9.49
C LEU B 549 -27.98 -20.88 -10.04
N MET B 550 -28.31 -21.84 -10.92
CA MET B 550 -27.28 -22.71 -11.48
C MET B 550 -26.26 -21.94 -12.31
N THR B 551 -26.62 -20.75 -12.79
CA THR B 551 -25.71 -19.93 -13.57
C THR B 551 -24.94 -18.93 -12.73
N ILE B 552 -25.42 -18.60 -11.53
CA ILE B 552 -24.81 -17.56 -10.71
C ILE B 552 -23.87 -18.17 -9.68
N LEU B 553 -24.38 -19.09 -8.87
CA LEU B 553 -23.55 -19.75 -7.86
C LEU B 553 -22.58 -20.72 -8.52
N HIS B 558 -18.99 -17.58 -1.71
CA HIS B 558 -18.65 -16.18 -1.48
C HIS B 558 -19.24 -15.69 -0.15
N GLY B 559 -20.06 -14.64 -0.22
CA GLY B 559 -20.68 -14.09 0.97
C GLY B 559 -22.17 -14.34 1.02
N ILE B 560 -22.96 -13.39 0.49
CA ILE B 560 -24.40 -13.55 0.46
C ILE B 560 -24.81 -14.76 -0.38
N LYS B 561 -23.96 -15.18 -1.31
CA LYS B 561 -24.25 -16.38 -2.10
C LYS B 561 -24.38 -17.61 -1.21
N GLU B 562 -23.67 -17.64 -0.07
CA GLU B 562 -23.79 -18.78 0.84
C GLU B 562 -25.18 -18.83 1.48
N TYR B 563 -25.73 -17.67 1.84
CA TYR B 563 -27.08 -17.65 2.41
C TYR B 563 -28.13 -18.07 1.39
N ILE B 564 -27.92 -17.74 0.12
CA ILE B 564 -28.88 -18.12 -0.92
C ILE B 564 -28.91 -19.63 -1.09
N LYS B 565 -27.74 -20.27 -1.11
CA LYS B 565 -27.70 -21.72 -1.24
C LYS B 565 -28.21 -22.41 0.02
N ALA B 566 -28.09 -21.75 1.18
CA ALA B 566 -28.37 -22.40 2.45
C ALA B 566 -29.87 -22.45 2.76
N TYR B 567 -30.56 -21.31 2.61
CA TYR B 567 -31.94 -21.21 3.06
C TYR B 567 -32.94 -20.83 1.98
N GLN B 568 -32.49 -20.38 0.81
CA GLN B 568 -33.41 -19.88 -0.22
C GLN B 568 -33.78 -20.94 -1.24
N THR B 569 -33.39 -22.19 -1.04
CA THR B 569 -33.76 -23.27 -1.95
C THR B 569 -34.37 -24.48 -1.27
N SER B 570 -34.43 -24.51 0.06
CA SER B 570 -34.86 -25.70 0.78
C SER B 570 -35.68 -25.29 1.99
N ASP B 571 -36.19 -26.30 2.69
CA ASP B 571 -36.91 -26.13 3.95
C ASP B 571 -35.89 -26.19 5.09
N PHE B 572 -35.62 -25.05 5.71
CA PHE B 572 -34.55 -24.99 6.71
C PHE B 572 -34.88 -25.75 7.99
N ILE B 573 -36.14 -26.14 8.19
CA ILE B 573 -36.47 -27.00 9.32
C ILE B 573 -36.07 -28.44 9.03
N LYS B 574 -36.26 -28.89 7.78
CA LYS B 574 -35.81 -30.22 7.41
C LYS B 574 -34.29 -30.32 7.42
N SER B 575 -33.61 -29.26 6.98
CA SER B 575 -32.15 -29.26 7.00
C SER B 575 -31.61 -29.08 8.41
N LEU B 576 -32.42 -28.59 9.34
CA LEU B 576 -31.96 -28.43 10.72
C LEU B 576 -31.80 -29.77 11.41
N GLU B 577 -32.73 -30.70 11.16
CA GLU B 577 -32.67 -32.01 11.81
C GLU B 577 -31.62 -32.93 11.17
N LYS B 578 -31.34 -32.74 9.88
CA LYS B 578 -30.37 -33.60 9.20
C LYS B 578 -28.96 -33.34 9.70
N ASN B 579 -28.56 -32.08 9.76
CA ASN B 579 -27.20 -31.70 10.14
C ASN B 579 -27.03 -31.57 11.66
N LYS B 580 -27.65 -32.47 12.42
CA LYS B 580 -27.54 -32.47 13.88
C LYS B 580 -26.51 -33.51 14.31
N VAL B 581 -25.63 -33.14 15.23
CA VAL B 581 -24.61 -34.03 15.73
C VAL B 581 -25.19 -34.90 16.85
N ILE B 582 -24.61 -36.09 17.01
CA ILE B 582 -25.06 -37.05 18.02
C ILE B 582 -23.85 -37.74 18.62
N PHE B 583 -23.79 -37.80 19.95
CA PHE B 583 -22.71 -38.45 20.66
C PHE B 583 -23.16 -39.82 21.16
N TYR B 584 -22.25 -40.79 21.10
CA TYR B 584 -22.53 -42.16 21.49
C TYR B 584 -21.61 -42.56 22.63
N THR B 585 -22.18 -43.25 23.62
CA THR B 585 -21.44 -43.64 24.81
C THR B 585 -20.66 -44.94 24.54
N ASN B 586 -20.10 -45.53 25.59
CA ASN B 586 -19.38 -46.79 25.44
C ASN B 586 -20.34 -47.94 25.14
N GLN B 587 -21.60 -47.83 25.58
CA GLN B 587 -22.61 -48.85 25.32
C GLN B 587 -23.37 -48.61 24.02
N LYS B 588 -22.80 -47.80 23.12
CA LYS B 588 -23.42 -47.48 21.82
C LYS B 588 -24.81 -46.86 21.98
N GLU B 589 -25.02 -46.13 23.07
CA GLU B 589 -26.27 -45.45 23.34
C GLU B 589 -26.11 -43.95 23.12
N VAL B 590 -27.22 -43.29 22.80
CA VAL B 590 -27.19 -41.86 22.48
C VAL B 590 -26.90 -41.05 23.74
N TYR B 591 -25.97 -40.11 23.63
CA TYR B 591 -25.62 -39.23 24.75
C TYR B 591 -26.27 -37.88 24.54
N PRO B 592 -27.29 -37.51 25.32
CA PRO B 592 -27.99 -36.23 25.06
C PRO B 592 -27.66 -35.14 26.06
N LEU B 593 -26.60 -35.34 26.87
CA LEU B 593 -26.34 -34.42 27.95
C LEU B 593 -25.62 -33.15 27.49
N ILE B 594 -24.86 -33.23 26.40
CA ILE B 594 -24.07 -32.08 25.96
C ILE B 594 -24.97 -30.99 25.41
N SER B 595 -25.87 -31.35 24.49
CA SER B 595 -26.71 -30.34 23.83
C SER B 595 -27.70 -29.71 24.80
N LYS B 596 -28.14 -30.46 25.82
CA LYS B 596 -29.10 -29.95 26.79
C LYS B 596 -28.44 -29.16 27.91
N ASP B 597 -27.12 -29.04 27.91
CA ASP B 597 -26.42 -28.34 28.99
C ASP B 597 -26.61 -26.83 28.84
N LYS B 598 -27.37 -26.24 29.75
CA LYS B 598 -27.61 -24.80 29.72
C LYS B 598 -26.40 -23.99 30.15
N ILE B 599 -25.34 -24.64 30.63
CA ILE B 599 -24.09 -23.96 30.96
C ILE B 599 -23.09 -24.04 29.82
N LEU B 600 -22.97 -25.21 29.21
CA LEU B 600 -22.05 -25.39 28.09
C LEU B 600 -22.50 -24.59 26.87
N ASN B 601 -23.81 -24.50 26.65
CA ASN B 601 -24.32 -23.84 25.45
C ASN B 601 -24.05 -22.34 25.48
N PHE B 602 -24.14 -21.74 26.66
CA PHE B 602 -24.00 -20.29 26.80
CA PHE B 602 -23.98 -20.29 26.76
C PHE B 602 -22.54 -19.85 26.95
N ILE B 603 -21.72 -20.67 27.60
CA ILE B 603 -20.30 -20.38 27.66
C ILE B 603 -19.71 -20.43 26.26
N TYR B 604 -20.16 -21.39 25.45
CA TYR B 604 -19.71 -21.47 24.06
C TYR B 604 -20.23 -20.28 23.24
N PHE B 605 -21.46 -19.85 23.50
CA PHE B 605 -22.02 -18.72 22.77
C PHE B 605 -21.26 -17.44 23.09
N ARG B 606 -20.88 -17.25 24.35
CA ARG B 606 -20.11 -16.07 24.72
C ARG B 606 -18.69 -16.13 24.16
N ALA B 607 -18.10 -17.33 24.09
CA ALA B 607 -16.77 -17.46 23.49
C ALA B 607 -16.82 -17.12 22.00
N LYS B 608 -17.90 -17.49 21.32
CA LYS B 608 -18.05 -17.10 19.93
C LYS B 608 -18.43 -15.63 19.78
N TYR B 609 -19.13 -15.08 20.77
CA TYR B 609 -19.53 -13.67 20.70
C TYR B 609 -18.32 -12.75 20.74
N PHE B 610 -17.39 -13.01 21.66
CA PHE B 610 -16.18 -12.20 21.74
C PHE B 610 -15.21 -12.50 20.61
N GLU B 611 -15.29 -13.69 20.01
CA GLU B 611 -14.41 -14.02 18.89
C GLU B 611 -14.78 -13.21 17.65
N SER B 612 -16.08 -13.02 17.40
CA SER B 612 -16.51 -12.26 16.24
C SER B 612 -16.09 -10.80 16.34
N LEU B 613 -15.96 -10.27 17.56
CA LEU B 613 -15.48 -8.91 17.76
C LEU B 613 -13.97 -8.85 17.93
N ASP B 614 -13.27 -9.97 17.79
CA ASP B 614 -11.82 -10.04 17.94
C ASP B 614 -11.37 -9.48 19.29
N LEU B 615 -11.96 -10.00 20.36
CA LEU B 615 -11.58 -9.68 21.74
C LEU B 615 -11.02 -10.95 22.35
N VAL B 616 -9.73 -11.21 22.10
CA VAL B 616 -9.15 -12.52 22.39
C VAL B 616 -9.01 -12.78 23.89
N LEU B 617 -8.93 -11.74 24.72
CA LEU B 617 -8.78 -11.97 26.15
C LEU B 617 -10.05 -12.58 26.74
N GLU B 618 -11.17 -11.89 26.59
CA GLU B 618 -12.44 -12.40 27.11
CA GLU B 618 -12.44 -12.40 27.11
C GLU B 618 -12.89 -13.63 26.34
N SER B 619 -12.51 -13.75 25.07
CA SER B 619 -12.87 -14.93 24.29
C SER B 619 -12.11 -16.16 24.74
N PHE B 620 -10.86 -16.00 25.16
CA PHE B 620 -10.09 -17.13 25.67
C PHE B 620 -10.61 -17.56 27.03
N ALA B 621 -10.98 -16.59 27.88
CA ALA B 621 -11.45 -16.93 29.22
C ALA B 621 -12.71 -17.78 29.17
N TYR B 622 -13.63 -17.46 28.25
CA TYR B 622 -14.86 -18.23 28.15
C TYR B 622 -14.62 -19.58 27.50
N TYR B 623 -13.84 -19.62 26.42
CA TYR B 623 -13.61 -20.90 25.74
C TYR B 623 -12.83 -21.87 26.62
N LYS B 624 -11.95 -21.35 27.48
CA LYS B 624 -11.23 -22.23 28.40
C LYS B 624 -12.19 -22.89 29.39
N ASN B 625 -13.25 -22.18 29.79
CA ASN B 625 -14.28 -22.80 30.61
C ASN B 625 -15.10 -23.81 29.81
N TYR B 626 -15.37 -23.51 28.54
CA TYR B 626 -16.04 -24.48 27.67
C TYR B 626 -15.17 -25.72 27.46
N PHE B 627 -13.85 -25.53 27.39
CA PHE B 627 -12.95 -26.65 27.18
C PHE B 627 -12.93 -27.59 28.37
N ASP B 628 -12.89 -27.04 29.59
CA ASP B 628 -12.86 -27.88 30.79
C ASP B 628 -14.18 -28.63 30.98
N ARG B 629 -15.30 -27.98 30.64
CA ARG B 629 -16.60 -28.60 30.84
C ARG B 629 -16.90 -29.62 29.75
N PHE B 630 -16.51 -29.35 28.50
CA PHE B 630 -16.72 -30.32 27.44
C PHE B 630 -15.86 -31.55 27.66
N VAL B 631 -14.65 -31.38 28.20
CA VAL B 631 -13.83 -32.53 28.57
C VAL B 631 -14.51 -33.34 29.67
N ALA B 632 -15.11 -32.65 30.65
CA ALA B 632 -15.85 -33.33 31.70
C ALA B 632 -17.07 -34.06 31.16
N HIS B 633 -17.60 -33.62 30.01
CA HIS B 633 -18.74 -34.32 29.41
C HIS B 633 -18.28 -35.58 28.66
N ALA B 634 -17.13 -35.52 27.99
CA ALA B 634 -16.60 -36.69 27.32
C ALA B 634 -16.20 -37.78 28.29
N MET B 635 -16.02 -37.44 29.57
CA MET B 635 -15.69 -38.46 30.57
C MET B 635 -16.93 -39.28 30.92
N PHE B 636 -18.06 -38.60 31.19
CA PHE B 636 -19.30 -39.30 31.45
C PHE B 636 -19.78 -40.10 30.25
N CYS B 637 -19.38 -39.70 29.04
CA CYS B 637 -19.77 -40.44 27.84
C CYS B 637 -19.04 -41.77 27.76
N THR B 638 -17.74 -41.79 28.04
CA THR B 638 -16.96 -43.01 27.96
C THR B 638 -17.02 -43.85 29.23
N GLY B 639 -17.72 -43.38 30.27
CA GLY B 639 -17.86 -44.14 31.49
C GLY B 639 -16.68 -44.08 32.44
N ILE B 640 -15.71 -43.20 32.19
CA ILE B 640 -14.57 -43.05 33.10
C ILE B 640 -15.05 -42.56 34.45
N ASP B 641 -15.76 -41.43 34.47
CA ASP B 641 -16.42 -40.94 35.68
C ASP B 641 -17.82 -41.54 35.74
N SER B 642 -18.07 -42.36 36.76
CA SER B 642 -19.33 -43.08 36.86
C SER B 642 -20.14 -42.63 38.06
N GLY B 643 -20.35 -41.32 38.20
CA GLY B 643 -21.17 -40.78 39.27
C GLY B 643 -22.60 -40.55 38.82
N ARG B 644 -23.33 -39.79 39.62
CA ARG B 644 -24.70 -39.43 39.27
C ARG B 644 -24.73 -38.52 38.05
N LYS B 645 -24.06 -37.38 38.13
CA LYS B 645 -23.88 -36.44 37.04
C LYS B 645 -22.40 -36.21 36.81
N PRO B 646 -22.00 -35.73 35.63
CA PRO B 646 -20.57 -35.54 35.34
C PRO B 646 -19.90 -34.63 36.36
N ASN B 647 -18.62 -34.90 36.60
CA ASN B 647 -17.82 -34.13 37.55
C ASN B 647 -17.23 -32.94 36.82
N TYR B 648 -17.99 -31.85 36.77
CA TYR B 648 -17.54 -30.65 36.06
C TYR B 648 -16.40 -29.96 36.79
N LYS B 649 -16.50 -29.87 38.11
CA LYS B 649 -15.54 -29.07 38.89
C LYS B 649 -14.16 -29.71 38.90
N LEU B 650 -14.08 -31.05 38.82
CA LEU B 650 -12.81 -31.74 38.96
C LEU B 650 -11.80 -31.29 37.90
N TYR B 651 -12.27 -31.01 36.68
CA TYR B 651 -11.39 -30.68 35.58
C TYR B 651 -11.13 -29.18 35.46
N TYR B 652 -11.35 -28.42 36.52
CA TYR B 652 -10.95 -27.02 36.54
C TYR B 652 -9.47 -26.85 36.87
N THR B 653 -8.90 -27.81 37.59
CA THR B 653 -7.47 -27.79 37.91
C THR B 653 -6.67 -28.37 36.74
N GLU B 654 -5.40 -27.97 36.67
CA GLU B 654 -4.55 -28.42 35.58
C GLU B 654 -4.23 -29.90 35.70
N GLY B 655 -4.02 -30.38 36.93
CA GLY B 655 -3.60 -31.76 37.11
C GLY B 655 -4.63 -32.78 36.65
N LYS B 656 -5.91 -32.44 36.77
CA LYS B 656 -6.98 -33.35 36.35
C LYS B 656 -7.31 -33.24 34.86
N LEU B 657 -6.82 -32.21 34.18
CA LEU B 657 -7.12 -32.03 32.77
C LEU B 657 -6.16 -32.80 31.87
N ILE B 658 -4.86 -32.64 32.09
CA ILE B 658 -3.88 -33.37 31.26
C ILE B 658 -3.87 -34.86 31.58
N ASP B 659 -4.37 -35.26 32.75
CA ASP B 659 -4.44 -36.67 33.09
C ASP B 659 -5.65 -37.34 32.45
N GLY B 660 -6.77 -36.63 32.40
CA GLY B 660 -7.97 -37.15 31.78
C GLY B 660 -7.89 -37.15 30.26
N LEU B 661 -7.33 -36.07 29.70
CA LEU B 661 -7.18 -36.01 28.25
C LEU B 661 -6.24 -37.09 27.74
N LYS B 662 -5.22 -37.45 28.52
CA LYS B 662 -4.33 -38.54 28.13
C LYS B 662 -5.04 -39.89 28.26
N GLN B 663 -6.01 -40.00 29.16
CA GLN B 663 -6.76 -41.24 29.32
C GLN B 663 -7.71 -41.53 28.17
N LEU B 664 -7.97 -40.54 27.31
CA LEU B 664 -8.93 -40.72 26.22
C LEU B 664 -8.31 -41.37 24.98
N ASN B 665 -6.99 -41.56 24.96
CA ASN B 665 -6.30 -42.30 23.90
C ASN B 665 -6.55 -41.69 22.51
N PHE B 666 -6.74 -40.37 22.45
CA PHE B 666 -6.97 -39.69 21.19
C PHE B 666 -5.93 -38.64 20.85
N LEU B 667 -4.99 -38.38 21.75
CA LEU B 667 -3.93 -37.41 21.50
C LEU B 667 -2.64 -37.87 22.16
N SER B 668 -1.53 -37.38 21.65
CA SER B 668 -0.22 -37.73 22.19
C SER B 668 0.00 -37.04 23.53
N SER B 669 0.54 -37.80 24.50
CA SER B 669 0.79 -37.26 25.82
C SER B 669 1.82 -36.14 25.80
N ASP B 670 2.66 -36.07 24.77
CA ASP B 670 3.62 -34.98 24.66
C ASP B 670 2.94 -33.69 24.20
N GLU B 671 1.95 -33.80 23.31
CA GLU B 671 1.24 -32.61 22.84
C GLU B 671 0.25 -32.10 23.89
N ILE B 672 -0.41 -33.02 24.61
CA ILE B 672 -1.41 -32.61 25.60
C ILE B 672 -0.77 -31.74 26.67
N THR B 673 0.38 -32.17 27.19
CA THR B 673 1.10 -31.36 28.15
C THR B 673 1.63 -30.08 27.54
N LYS B 674 1.85 -30.05 26.22
CA LYS B 674 2.34 -28.85 25.56
C LYS B 674 1.25 -27.80 25.38
N ILE B 675 0.00 -28.22 25.28
CA ILE B 675 -1.09 -27.29 24.98
C ILE B 675 -1.72 -26.75 26.26
N ILE B 676 -2.02 -27.61 27.22
CA ILE B 676 -2.71 -27.17 28.43
C ILE B 676 -1.77 -26.34 29.31
N ASN B 677 -0.49 -26.73 29.37
CA ASN B 677 0.46 -25.94 30.14
C ASN B 677 0.57 -24.52 29.59
N GLU B 678 0.59 -24.38 28.27
CA GLU B 678 0.59 -23.05 27.66
C GLU B 678 -0.73 -22.33 27.92
N ALA B 679 -1.85 -23.04 27.77
CA ALA B 679 -3.15 -22.44 28.03
C ALA B 679 -3.31 -22.06 29.50
N HIS B 680 -2.71 -22.83 30.41
CA HIS B 680 -2.74 -22.46 31.82
C HIS B 680 -1.90 -21.21 32.09
N LYS B 681 -0.80 -21.06 31.35
CA LYS B 681 0.01 -19.84 31.47
C LYS B 681 -0.74 -18.61 31.00
N ILE B 682 -1.76 -18.78 30.16
CA ILE B 682 -2.58 -17.65 29.71
C ILE B 682 -3.71 -17.36 30.69
N ARG B 683 -4.28 -18.40 31.30
CA ARG B 683 -5.38 -18.19 32.25
C ARG B 683 -4.89 -17.50 33.52
N ASN B 684 -3.69 -17.88 33.99
CA ASN B 684 -3.14 -17.26 35.20
C ASN B 684 -2.66 -15.84 34.96
N SER B 685 -2.67 -15.37 33.72
CA SER B 685 -2.31 -13.99 33.40
C SER B 685 -3.43 -13.22 32.72
N ASN B 686 -4.58 -13.84 32.50
CA ASN B 686 -5.70 -13.17 31.85
C ASN B 686 -6.37 -12.23 32.84
N PRO B 687 -6.36 -10.91 32.59
CA PRO B 687 -7.03 -9.99 33.52
C PRO B 687 -8.55 -10.06 33.46
N VAL B 688 -9.13 -10.81 32.53
CA VAL B 688 -10.57 -10.97 32.48
C VAL B 688 -11.04 -11.96 33.54
N SER B 689 -10.34 -13.07 33.69
CA SER B 689 -10.68 -14.08 34.69
C SER B 689 -10.49 -13.53 36.10
N PHE B 701 2.26 -11.72 26.08
CA PHE B 701 0.98 -12.28 25.64
C PHE B 701 0.32 -11.37 24.60
N SER B 702 0.58 -11.64 23.32
CA SER B 702 -0.02 -10.88 22.25
C SER B 702 -1.30 -11.55 21.76
N ARG B 703 -2.01 -10.85 20.87
CA ARG B 703 -3.19 -11.43 20.24
C ARG B 703 -2.85 -12.71 19.51
N TYR B 704 -1.70 -12.74 18.83
CA TYR B 704 -1.27 -13.93 18.12
C TYR B 704 -1.06 -15.10 19.09
N ARG B 705 -0.45 -14.83 20.24
CA ARG B 705 -0.18 -15.90 21.20
C ARG B 705 -1.48 -16.45 21.77
N VAL B 706 -2.44 -15.58 22.09
CA VAL B 706 -3.72 -16.03 22.60
C VAL B 706 -4.49 -16.78 21.52
N LYS B 707 -4.53 -16.23 20.30
CA LYS B 707 -5.22 -16.89 19.20
C LYS B 707 -4.59 -18.23 18.86
N SER B 708 -3.27 -18.36 19.07
CA SER B 708 -2.60 -19.63 18.79
C SER B 708 -3.01 -20.69 19.80
N SER B 709 -3.10 -20.33 21.08
CA SER B 709 -3.51 -21.29 22.09
C SER B 709 -5.00 -21.61 21.99
N LEU B 710 -5.80 -20.65 21.51
CA LEU B 710 -7.23 -20.91 21.31
C LEU B 710 -7.44 -21.87 20.15
N ASN B 711 -6.71 -21.68 19.05
CA ASN B 711 -6.80 -22.61 17.92
C ASN B 711 -6.38 -24.01 18.32
N ASP B 712 -5.39 -24.13 19.21
CA ASP B 712 -5.00 -25.44 19.70
C ASP B 712 -6.11 -26.09 20.51
N LEU B 713 -6.84 -25.30 21.30
CA LEU B 713 -7.95 -25.83 22.08
C LEU B 713 -9.12 -26.24 21.20
N LYS B 714 -9.27 -25.58 20.04
CA LYS B 714 -10.34 -25.92 19.12
C LYS B 714 -10.06 -27.22 18.38
N ILE B 715 -8.81 -27.42 17.96
CA ILE B 715 -8.45 -28.64 17.24
C ILE B 715 -8.68 -29.86 18.13
N ILE B 716 -8.40 -29.73 19.44
CA ILE B 716 -8.65 -30.82 20.36
C ILE B 716 -10.15 -31.12 20.45
N ILE B 717 -10.98 -30.08 20.47
CA ILE B 717 -12.42 -30.28 20.57
C ILE B 717 -12.94 -30.95 19.30
N GLU B 718 -12.45 -30.53 18.13
CA GLU B 718 -12.89 -31.13 16.88
C GLU B 718 -12.54 -32.62 16.81
N GLN B 719 -11.43 -33.02 17.43
CA GLN B 719 -11.07 -34.43 17.47
C GLN B 719 -11.78 -35.18 18.60
N LEU B 720 -12.00 -34.51 19.73
CA LEU B 720 -12.77 -35.12 20.81
C LEU B 720 -14.24 -35.27 20.42
N SER B 721 -14.73 -34.40 19.55
CA SER B 721 -16.10 -34.54 19.06
C SER B 721 -16.22 -35.72 18.10
N THR B 722 -15.38 -35.75 17.06
CA THR B 722 -15.41 -36.83 16.09
C THR B 722 -15.14 -38.20 16.73
N LEU B 723 -14.52 -38.21 17.91
CA LEU B 723 -14.30 -39.46 18.63
C LEU B 723 -15.59 -39.96 19.28
N LEU B 724 -16.52 -39.06 19.59
CA LEU B 724 -17.73 -39.44 20.30
C LEU B 724 -18.84 -39.95 19.39
N GLN B 725 -18.93 -39.43 18.16
CA GLN B 725 -19.95 -39.93 17.23
C GLN B 725 -19.65 -41.33 16.71
N ASN B 726 -18.45 -41.85 16.96
CA ASN B 726 -18.08 -43.21 16.56
C ASN B 726 -18.54 -44.16 17.67
N LYS B 727 -19.63 -44.88 17.43
CA LYS B 727 -20.12 -45.83 18.41
C LYS B 727 -19.16 -46.99 18.61
N ASN B 728 -18.43 -47.36 17.55
CA ASN B 728 -17.46 -48.44 17.64
C ASN B 728 -16.20 -47.93 18.33
N ARG B 729 -15.88 -48.53 19.48
CA ARG B 729 -14.71 -48.16 20.27
C ARG B 729 -14.71 -46.68 20.62
N SER C 102 12.16 25.25 -18.58
CA SER C 102 13.42 25.02 -19.26
C SER C 102 13.63 23.53 -19.51
N MET C 103 14.77 23.18 -20.12
CA MET C 103 15.09 21.78 -20.36
C MET C 103 15.30 21.01 -19.07
N ILE C 104 15.68 21.69 -17.98
CA ILE C 104 15.83 21.09 -16.67
C ILE C 104 14.80 21.72 -15.74
N THR C 105 14.16 20.89 -14.92
CA THR C 105 13.19 21.36 -13.94
C THR C 105 13.78 21.41 -12.54
N LEU C 106 15.08 21.17 -12.41
CA LEU C 106 15.73 21.22 -11.11
C LEU C 106 15.67 22.64 -10.55
N GLN C 107 15.33 22.76 -9.28
CA GLN C 107 15.19 24.06 -8.63
C GLN C 107 16.45 24.42 -7.87
N HIS C 108 16.62 25.72 -7.60
CA HIS C 108 17.75 26.17 -6.81
C HIS C 108 17.74 25.54 -5.42
N GLN C 109 16.55 25.21 -4.91
CA GLN C 109 16.46 24.49 -3.64
C GLN C 109 17.14 23.13 -3.74
N ASP C 110 16.99 22.44 -4.88
CA ASP C 110 17.63 21.14 -5.04
C ASP C 110 19.14 21.26 -5.12
N TRP C 111 19.64 22.27 -5.84
CA TRP C 111 21.08 22.44 -5.99
C TRP C 111 21.73 22.82 -4.67
N GLU C 112 21.17 23.82 -3.98
CA GLU C 112 21.71 24.23 -2.70
C GLU C 112 21.56 23.15 -1.64
N ARG C 113 20.59 22.24 -1.81
CA ARG C 113 20.49 21.11 -0.88
C ARG C 113 21.61 20.11 -1.11
N ALA C 114 22.02 19.93 -2.37
CA ALA C 114 23.13 19.03 -2.66
C ALA C 114 24.47 19.64 -2.27
N VAL C 115 24.61 20.96 -2.46
CA VAL C 115 25.85 21.63 -2.08
C VAL C 115 26.00 21.65 -0.57
N ASN C 116 24.92 21.94 0.16
CA ASN C 116 24.98 21.90 1.61
C ASN C 116 25.27 20.48 2.11
N MET C 117 24.69 19.47 1.46
CA MET C 117 24.99 18.09 1.79
C MET C 117 26.49 17.81 1.68
N ILE C 118 27.14 18.37 0.66
CA ILE C 118 28.56 18.16 0.47
C ILE C 118 29.38 19.08 1.40
N LYS C 119 28.79 20.16 1.88
CA LYS C 119 29.48 21.01 2.84
C LYS C 119 29.43 20.48 4.26
N ASN C 120 28.54 19.51 4.54
CA ASN C 120 28.26 19.10 5.91
C ASN C 120 29.05 17.87 6.36
N ILE C 121 29.78 17.21 5.48
CA ILE C 121 30.68 16.15 5.97
C ILE C 121 31.83 16.82 6.73
N PRO C 122 32.25 16.26 7.88
CA PRO C 122 33.39 16.83 8.61
C PRO C 122 34.59 16.99 7.69
N PRO C 123 35.29 18.13 7.78
CA PRO C 123 36.46 18.33 6.90
C PRO C 123 37.53 17.27 7.08
N SER C 124 37.68 16.72 8.30
CA SER C 124 38.60 15.62 8.52
C SER C 124 38.13 14.32 7.87
N ALA C 125 36.88 14.24 7.44
CA ALA C 125 36.38 13.10 6.69
C ALA C 125 36.41 13.32 5.19
N LYS C 126 36.33 14.57 4.72
CA LYS C 126 36.39 14.83 3.29
C LYS C 126 37.74 14.45 2.70
N ASN C 127 38.82 14.70 3.43
CA ASN C 127 40.17 14.39 2.95
C ASN C 127 40.51 12.91 3.05
N LYS C 128 39.52 12.05 3.26
CA LYS C 128 39.74 10.61 3.37
C LYS C 128 39.39 9.85 2.10
N TYR C 129 38.67 10.48 1.16
CA TYR C 129 38.22 9.80 -0.05
C TYR C 129 38.67 10.59 -1.28
N PHE C 130 38.91 9.85 -2.37
CA PHE C 130 39.36 10.46 -3.62
C PHE C 130 38.31 11.42 -4.17
N GLN C 131 37.06 10.97 -4.24
CA GLN C 131 36.03 11.75 -4.91
C GLN C 131 35.61 12.99 -4.13
N THR C 132 35.69 12.95 -2.81
CA THR C 132 35.27 14.07 -1.97
C THR C 132 36.41 15.01 -1.62
N PHE C 133 37.63 14.69 -2.03
CA PHE C 133 38.80 15.52 -1.74
C PHE C 133 38.74 16.90 -2.39
N PRO C 134 38.31 17.04 -3.66
CA PRO C 134 38.28 18.39 -4.25
C PRO C 134 37.43 19.38 -3.49
N PHE C 135 36.34 18.94 -2.86
CA PHE C 135 35.54 19.85 -2.05
C PHE C 135 36.25 20.26 -0.77
N PHE C 136 37.23 19.48 -0.33
CA PHE C 136 37.98 19.84 0.86
C PHE C 136 38.87 21.06 0.62
N LEU C 137 39.40 21.21 -0.60
CA LEU C 137 40.24 22.35 -0.94
C LEU C 137 39.44 23.59 -1.31
N LEU C 138 38.13 23.58 -1.13
CA LEU C 138 37.31 24.72 -1.48
C LEU C 138 37.40 25.80 -0.41
N SER C 139 37.53 27.05 -0.84
CA SER C 139 37.50 28.16 0.08
C SER C 139 36.06 28.48 0.47
N GLU C 140 35.91 29.24 1.55
CA GLU C 140 34.57 29.65 1.97
C GLU C 140 33.92 30.56 0.94
N THR C 141 34.72 31.37 0.23
CA THR C 141 34.17 32.16 -0.86
C THR C 141 33.68 31.28 -1.99
N SER C 142 34.39 30.18 -2.27
CA SER C 142 33.94 29.24 -3.29
C SER C 142 32.66 28.53 -2.87
N TRP C 143 32.55 28.17 -1.59
CA TRP C 143 31.32 27.58 -1.10
C TRP C 143 30.15 28.55 -1.24
N GLU C 144 30.42 29.85 -1.07
CA GLU C 144 29.36 30.85 -1.20
C GLU C 144 28.85 30.93 -2.64
N GLU C 145 29.76 30.85 -3.61
CA GLU C 145 29.35 30.92 -5.01
C GLU C 145 28.57 29.66 -5.42
N LEU C 146 29.02 28.49 -4.94
CA LEU C 146 28.30 27.26 -5.25
C LEU C 146 26.88 27.30 -4.73
N LEU C 147 26.68 27.83 -3.53
CA LEU C 147 25.35 27.98 -2.94
C LEU C 147 24.59 29.16 -3.51
N SER C 148 25.24 30.01 -4.30
CA SER C 148 24.59 31.22 -4.82
C SER C 148 23.56 30.88 -5.89
N GLU C 149 22.70 31.85 -6.17
CA GLU C 149 21.67 31.67 -7.20
C GLU C 149 22.21 32.01 -8.59
N ASN C 150 23.15 32.94 -8.69
CA ASN C 150 23.72 33.28 -9.99
C ASN C 150 24.46 32.09 -10.58
N PHE C 151 25.15 31.32 -9.74
CA PHE C 151 25.85 30.13 -10.23
C PHE C 151 24.88 29.07 -10.72
N PHE C 152 23.67 29.03 -10.15
CA PHE C 152 22.71 28.00 -10.54
C PHE C 152 22.00 28.36 -11.83
N TYR C 153 21.45 29.58 -11.93
CA TYR C 153 20.64 29.94 -13.07
C TYR C 153 21.49 30.21 -14.32
N SER C 154 22.75 30.59 -14.14
CA SER C 154 23.60 31.00 -15.25
C SER C 154 24.72 30.00 -15.54
N TYR C 155 24.60 28.77 -15.04
CA TYR C 155 25.63 27.77 -15.30
C TYR C 155 25.08 26.36 -15.16
N ILE C 156 24.12 26.17 -14.27
CA ILE C 156 23.56 24.83 -14.02
C ILE C 156 22.29 24.66 -14.82
N LYS C 157 21.25 25.42 -14.46
CA LYS C 157 19.96 25.29 -15.14
C LYS C 157 20.06 25.69 -16.61
N SER C 158 20.94 26.64 -16.93
CA SER C 158 21.14 27.05 -18.32
C SER C 158 21.78 25.94 -19.15
N GLY C 159 22.43 24.96 -18.50
CA GLY C 159 23.09 23.90 -19.23
C GLY C 159 24.50 24.21 -19.66
N GLU C 160 25.05 25.36 -19.25
CA GLU C 160 26.41 25.71 -19.66
C GLU C 160 27.44 24.73 -19.11
N PHE C 161 27.19 24.18 -17.92
CA PHE C 161 28.13 23.25 -17.30
C PHE C 161 28.24 21.93 -18.07
N LEU C 162 27.38 21.70 -19.05
CA LEU C 162 27.44 20.49 -19.87
C LEU C 162 28.11 20.72 -21.22
N THR C 163 28.66 21.91 -21.46
CA THR C 163 29.35 22.20 -22.70
C THR C 163 30.86 22.26 -22.55
N TYR C 164 31.38 22.09 -21.34
CA TYR C 164 32.82 22.06 -21.10
C TYR C 164 33.28 20.61 -21.03
N GLN C 165 34.39 20.31 -21.72
CA GLN C 165 34.86 18.93 -21.80
C GLN C 165 35.23 18.37 -20.43
N GLU C 166 35.65 19.25 -19.51
CA GLU C 166 36.04 18.78 -18.18
C GLU C 166 34.89 18.11 -17.45
N ASN C 167 33.65 18.55 -17.70
CA ASN C 167 32.48 17.95 -17.08
C ASN C 167 31.95 16.74 -17.84
N LEU C 168 32.46 16.48 -19.03
CA LEU C 168 32.05 15.32 -19.82
C LEU C 168 33.14 14.25 -19.90
N SER C 169 34.20 14.40 -19.12
CA SER C 169 35.30 13.44 -19.08
C SER C 169 35.13 12.55 -17.85
N PHE C 170 35.26 11.24 -18.05
CA PHE C 170 35.12 10.27 -16.98
C PHE C 170 36.27 9.27 -17.06
N TYR C 171 36.76 8.84 -15.90
CA TYR C 171 37.90 7.95 -15.82
C TYR C 171 37.56 6.74 -14.96
N ASP C 172 38.20 5.62 -15.28
CA ASP C 172 37.99 4.37 -14.56
C ASP C 172 38.92 4.30 -13.35
N ARG C 173 38.37 3.85 -12.23
CA ARG C 173 39.15 3.63 -11.01
C ARG C 173 38.69 2.34 -10.37
N THR C 174 39.60 1.39 -10.17
CA THR C 174 39.28 0.10 -9.59
C THR C 174 39.48 0.16 -8.08
N ILE C 175 38.42 -0.12 -7.33
CA ILE C 175 38.50 -0.20 -5.88
C ILE C 175 38.29 -1.66 -5.48
N GLN C 176 38.85 -2.04 -4.33
CA GLN C 176 38.78 -3.41 -3.87
C GLN C 176 37.57 -3.63 -2.97
N LYS C 177 37.02 -4.84 -3.04
CA LYS C 177 35.83 -5.19 -2.26
C LYS C 177 36.18 -6.08 -1.08
N HIS C 179 35.87 -9.28 -0.59
CA HIS C 179 36.40 -10.65 -0.70
C HIS C 179 37.62 -10.67 -1.61
N GLY C 180 38.13 -9.49 -1.97
CA GLY C 180 39.28 -9.40 -2.84
C GLY C 180 38.97 -9.37 -4.31
N ALA C 181 37.83 -8.82 -4.71
CA ALA C 181 37.43 -8.72 -6.10
C ALA C 181 37.58 -7.28 -6.59
N TYR C 182 37.20 -7.06 -7.84
CA TYR C 182 37.32 -5.75 -8.48
C TYR C 182 35.94 -5.11 -8.62
N ARG C 183 35.88 -3.82 -8.30
CA ARG C 183 34.65 -3.04 -8.42
C ARG C 183 34.94 -1.85 -9.32
N GLN C 184 34.26 -1.78 -10.46
CA GLN C 184 34.49 -0.72 -11.43
C GLN C 184 33.77 0.55 -10.97
N THR C 185 34.53 1.60 -10.73
CA THR C 185 33.98 2.91 -10.40
C THR C 185 34.29 3.89 -11.53
N ARG C 186 33.56 5.00 -11.53
CA ARG C 186 33.71 6.03 -12.54
C ARG C 186 33.93 7.37 -11.85
N ILE C 187 35.10 7.96 -12.06
CA ILE C 187 35.44 9.23 -11.43
C ILE C 187 34.83 10.36 -12.26
N VAL C 188 33.94 11.13 -11.65
CA VAL C 188 33.29 12.25 -12.32
C VAL C 188 33.84 13.55 -11.76
N SER C 189 33.60 14.64 -12.51
CA SER C 189 34.05 15.95 -12.09
C SER C 189 33.27 16.41 -10.85
N PRO C 190 33.85 17.32 -10.06
CA PRO C 190 33.13 17.78 -8.86
C PRO C 190 31.77 18.37 -9.15
N ILE C 191 31.62 19.08 -10.27
CA ILE C 191 30.31 19.65 -10.60
C ILE C 191 29.32 18.54 -10.93
N ILE C 192 29.77 17.52 -11.66
CA ILE C 192 28.90 16.38 -11.97
C ILE C 192 28.55 15.63 -10.69
N TYR C 193 29.48 15.55 -9.73
CA TYR C 193 29.20 14.89 -8.46
C TYR C 193 28.07 15.58 -7.72
N ILE C 194 28.02 16.91 -7.77
CA ILE C 194 26.94 17.64 -7.11
C ILE C 194 25.63 17.45 -7.86
N PHE C 195 25.69 17.48 -9.20
CA PHE C 195 24.48 17.38 -10.00
C PHE C 195 23.78 16.04 -9.81
N LEU C 196 24.54 14.97 -9.62
CA LEU C 196 23.93 13.67 -9.35
C LEU C 196 23.15 13.69 -8.03
N ILE C 197 23.70 14.35 -7.01
CA ILE C 197 22.99 14.48 -5.74
C ILE C 197 21.83 15.46 -5.87
N ALA C 198 21.99 16.49 -6.70
CA ALA C 198 20.90 17.43 -6.93
C ALA C 198 19.73 16.78 -7.65
N ILE C 199 20.00 15.76 -8.47
CA ILE C 199 18.91 15.04 -9.13
C ILE C 199 18.11 14.24 -8.11
N ALA C 200 18.79 13.56 -7.19
CA ALA C 200 18.09 12.78 -6.18
C ALA C 200 17.27 13.67 -5.25
N SER C 201 17.72 14.90 -5.03
CA SER C 201 16.96 15.82 -4.19
C SER C 201 15.63 16.16 -4.84
N GLN C 202 15.63 16.46 -6.13
CA GLN C 202 14.38 16.73 -6.84
C GLN C 202 13.49 15.50 -6.87
N VAL C 203 14.09 14.32 -7.04
CA VAL C 203 13.30 13.09 -7.09
C VAL C 203 12.67 12.81 -5.72
N GLU C 204 13.43 12.99 -4.65
CA GLU C 204 12.90 12.76 -3.31
C GLU C 204 11.71 13.66 -3.01
N ARG C 205 11.71 14.89 -3.54
CA ARG C 205 10.61 15.82 -3.31
C ARG C 205 9.33 15.36 -4.00
N ILE C 206 9.43 14.71 -5.16
CA ILE C 206 8.26 14.41 -5.99
C ILE C 206 7.92 12.93 -6.04
N TYR C 207 8.77 12.05 -5.54
CA TYR C 207 8.46 10.62 -5.59
C TYR C 207 7.58 10.20 -4.43
N VAL C 208 6.63 9.33 -4.71
CA VAL C 208 5.73 8.77 -3.71
C VAL C 208 6.14 7.32 -3.50
N GLU C 209 6.63 7.01 -2.31
CA GLU C 209 7.11 5.67 -2.02
C GLU C 209 5.95 4.69 -2.00
N LYS C 210 6.21 3.47 -2.49
CA LYS C 210 5.21 2.41 -2.44
C LYS C 210 5.38 1.51 -1.24
N ARG C 211 6.59 1.41 -0.69
CA ARG C 211 6.81 0.61 0.51
C ARG C 211 6.17 1.29 1.71
N THR C 212 5.74 0.47 2.67
CA THR C 212 5.08 0.96 3.87
C THR C 212 6.09 1.11 5.00
N ASN C 213 5.59 1.47 6.18
CA ASN C 213 6.45 1.61 7.35
C ASN C 213 6.83 0.28 7.98
N ASP C 214 6.45 -0.84 7.38
CA ASP C 214 7.01 -2.13 7.76
C ASP C 214 8.45 -2.28 7.32
N MET C 215 8.99 -1.30 6.59
CA MET C 215 10.35 -1.31 6.08
C MET C 215 11.05 -0.04 6.51
N SER C 216 12.32 -0.16 6.87
CA SER C 216 13.21 0.96 7.08
C SER C 216 14.28 0.91 5.99
N VAL C 217 14.37 1.97 5.18
CA VAL C 217 15.30 2.02 4.06
C VAL C 217 16.39 3.04 4.37
N TYR C 218 17.65 2.64 4.18
CA TYR C 218 18.80 3.51 4.35
C TYR C 218 19.67 3.44 3.11
N PHE C 219 20.36 4.55 2.81
CA PHE C 219 21.31 4.60 1.71
C PHE C 219 22.54 5.38 2.16
N SER C 220 23.53 5.47 1.28
CA SER C 220 24.78 6.16 1.59
C SER C 220 24.57 7.66 1.65
N GLY C 221 23.78 8.12 2.60
CA GLY C 221 23.43 9.52 2.71
C GLY C 221 22.13 9.67 3.47
N SER C 222 21.74 10.92 3.65
CA SER C 222 20.53 11.22 4.41
C SER C 222 19.87 12.48 3.86
N PHE C 223 18.53 12.48 3.88
CA PHE C 223 17.74 13.62 3.44
C PHE C 223 16.88 14.20 4.57
N GLU C 224 17.09 13.76 5.81
CA GLU C 224 16.26 14.21 6.93
C GLU C 224 16.34 15.73 7.07
N LYS C 225 15.28 16.32 7.64
CA LYS C 225 15.07 17.76 7.61
C LYS C 225 16.30 18.52 8.09
N GLU C 226 16.77 18.20 9.29
CA GLU C 226 17.94 18.86 9.86
C GLU C 226 19.18 17.97 9.88
N LYS C 227 19.15 16.85 9.16
CA LYS C 227 20.25 15.90 9.14
C LYS C 227 20.75 15.67 7.72
N ASN C 228 20.80 16.75 6.93
CA ASN C 228 21.27 16.65 5.55
C ASN C 228 22.78 16.35 5.54
N THR C 229 23.15 15.26 4.88
CA THR C 229 24.56 14.90 4.76
C THR C 229 24.74 14.00 3.54
N ALA C 230 25.93 14.08 2.95
CA ALA C 230 26.31 13.23 1.82
C ALA C 230 27.23 12.09 2.22
N HIS C 231 27.51 11.94 3.51
CA HIS C 231 28.38 10.89 4.02
C HIS C 231 27.56 9.67 4.45
N TYR C 232 28.24 8.54 4.64
CA TYR C 232 27.58 7.31 4.99
C TYR C 232 27.48 7.07 6.49
N LYS C 233 28.36 7.71 7.28
CA LYS C 233 28.49 7.36 8.69
C LYS C 233 27.17 7.55 9.43
N GLN C 234 26.54 8.71 9.25
CA GLN C 234 25.31 9.02 9.98
C GLN C 234 24.21 8.02 9.66
N SER C 235 23.99 7.74 8.37
CA SER C 235 22.96 6.80 7.98
C SER C 235 23.31 5.38 8.39
N TYR C 236 24.56 4.98 8.18
CA TYR C 236 24.99 3.64 8.55
C TYR C 236 24.88 3.41 10.06
N ASN C 237 25.08 4.46 10.85
CA ASN C 237 24.96 4.34 12.30
C ASN C 237 23.53 4.02 12.71
N THR C 238 22.57 4.81 12.24
CA THR C 238 21.16 4.51 12.52
C THR C 238 20.77 3.16 11.94
N TYR C 239 21.33 2.79 10.79
CA TYR C 239 21.05 1.49 10.19
C TYR C 239 21.46 0.35 11.13
N MET C 240 22.68 0.43 11.68
CA MET C 240 23.12 -0.61 12.61
C MET C 240 22.41 -0.51 13.95
N THR C 241 22.01 0.70 14.34
CA THR C 241 21.20 0.85 15.55
C THR C 241 19.83 0.22 15.36
N GLU C 242 19.22 0.42 14.19
CA GLU C 242 17.93 -0.21 13.90
C GLU C 242 18.05 -1.73 13.86
N LEU C 243 19.21 -2.25 13.42
CA LEU C 243 19.41 -3.69 13.42
C LEU C 243 19.53 -4.24 14.84
N ASN C 244 19.97 -3.40 15.79
CA ASN C 244 20.10 -3.87 17.17
C ASN C 244 18.73 -4.04 17.82
N ALA C 245 17.81 -3.11 17.57
CA ALA C 245 16.46 -3.23 18.10
C ALA C 245 15.75 -4.46 17.54
N CYS C 246 15.91 -4.71 16.23
CA CYS C 246 15.31 -5.88 15.62
C CYS C 246 16.01 -7.16 16.04
N GLN C 247 17.24 -7.07 16.57
CA GLN C 247 17.94 -8.26 17.03
C GLN C 247 17.32 -8.81 18.31
N GLU C 248 16.93 -7.93 19.24
CA GLU C 248 16.34 -8.38 20.49
C GLU C 248 14.85 -8.69 20.34
N GLU C 249 14.17 -7.98 19.44
CA GLU C 249 12.71 -8.06 19.38
C GLU C 249 12.24 -9.33 18.69
N PHE C 250 12.80 -9.64 17.52
CA PHE C 250 12.32 -10.77 16.74
C PHE C 250 13.13 -12.02 17.05
N ASP C 251 12.67 -13.15 16.50
CA ASP C 251 13.24 -14.46 16.78
C ASP C 251 14.20 -14.94 15.69
N TYR C 252 13.91 -14.68 14.42
CA TYR C 252 14.76 -15.13 13.33
C TYR C 252 14.83 -14.04 12.27
N TYR C 253 15.88 -14.10 11.46
CA TYR C 253 16.11 -13.11 10.41
C TYR C 253 16.58 -13.79 9.13
N PHE C 254 16.32 -13.12 8.01
CA PHE C 254 16.68 -13.59 6.68
C PHE C 254 17.50 -12.51 5.98
N GLN C 255 18.57 -12.92 5.31
CA GLN C 255 19.49 -12.01 4.65
C GLN C 255 19.51 -12.28 3.15
N THR C 256 19.49 -11.21 2.36
CA THR C 256 19.63 -11.29 0.91
C THR C 256 20.37 -10.06 0.40
N ASP C 257 21.28 -10.28 -0.54
CA ASP C 257 22.01 -9.21 -1.19
C ASP C 257 21.84 -9.35 -2.70
N PHE C 258 21.95 -8.23 -3.41
CA PHE C 258 21.83 -8.22 -4.86
C PHE C 258 23.22 -8.24 -5.48
N SER C 259 23.49 -9.26 -6.29
CA SER C 259 24.78 -9.39 -6.95
C SER C 259 24.89 -8.43 -8.12
N THR C 260 25.95 -7.65 -8.14
CA THR C 260 26.18 -6.59 -9.14
C THR C 260 24.92 -5.74 -9.33
N PHE C 261 24.50 -5.12 -8.21
CA PHE C 261 23.22 -4.41 -8.19
C PHE C 261 23.22 -3.22 -9.14
N PHE C 262 24.22 -2.34 -9.02
CA PHE C 262 24.22 -1.11 -9.81
C PHE C 262 24.33 -1.40 -11.30
N HIS C 263 25.17 -2.36 -11.68
CA HIS C 263 25.40 -2.62 -13.10
C HIS C 263 24.24 -3.34 -13.77
N LEU C 264 23.19 -3.72 -13.03
CA LEU C 264 22.00 -4.34 -13.60
C LEU C 264 20.79 -3.42 -13.56
N VAL C 265 20.96 -2.18 -13.14
CA VAL C 265 19.85 -1.24 -13.04
C VAL C 265 19.58 -0.63 -14.42
N ASP C 266 18.31 -0.61 -14.82
CA ASP C 266 17.89 0.05 -16.05
C ASP C 266 17.62 1.52 -15.72
N THR C 267 18.53 2.40 -16.14
CA THR C 267 18.38 3.82 -15.86
C THR C 267 17.09 4.38 -16.47
N ASP C 268 16.76 3.98 -17.71
CA ASP C 268 15.53 4.43 -18.32
C ASP C 268 14.31 3.99 -17.51
N ASN C 269 14.31 2.72 -17.07
CA ASN C 269 13.20 2.24 -16.25
C ASN C 269 13.19 2.89 -14.87
N LEU C 270 14.36 3.29 -14.36
CA LEU C 270 14.40 3.98 -13.07
C LEU C 270 13.66 5.31 -13.13
N PHE C 271 14.00 6.15 -14.11
CA PHE C 271 13.31 7.43 -14.24
C PHE C 271 11.91 7.29 -14.81
N ASN C 272 11.54 6.11 -15.32
CA ASN C 272 10.19 5.91 -15.82
C ASN C 272 9.19 5.71 -14.68
N LYS C 273 9.62 5.09 -13.58
CA LYS C 273 8.75 4.90 -12.43
C LYS C 273 8.65 6.15 -11.54
N ILE C 274 9.23 7.27 -11.98
CA ILE C 274 9.07 8.55 -11.29
C ILE C 274 8.02 9.31 -12.10
N ASP C 275 6.76 9.13 -11.70
CA ASP C 275 5.64 9.59 -12.53
C ASP C 275 5.63 11.11 -12.67
N ARG C 276 5.87 11.83 -11.58
CA ARG C 276 5.77 13.28 -11.60
C ARG C 276 6.96 13.95 -12.27
N LEU C 277 7.99 13.21 -12.63
CA LEU C 277 9.14 13.80 -13.29
C LEU C 277 8.79 14.16 -14.73
N ASP C 278 9.20 15.35 -15.15
CA ASP C 278 8.97 15.77 -16.53
C ASP C 278 9.76 14.89 -17.48
N PRO C 279 9.17 14.49 -18.62
CA PRO C 279 9.94 13.67 -19.58
C PRO C 279 11.15 14.39 -20.13
N LYS C 280 11.04 15.70 -20.36
CA LYS C 280 12.16 16.46 -20.87
C LYS C 280 13.32 16.49 -19.87
N SER C 281 13.00 16.59 -18.57
CA SER C 281 14.03 16.57 -17.55
C SER C 281 14.56 15.16 -17.31
N ALA C 282 13.68 14.16 -17.39
CA ALA C 282 14.13 12.77 -17.23
C ALA C 282 15.05 12.35 -18.36
N LEU C 283 14.92 12.96 -19.54
CA LEU C 283 15.81 12.64 -20.65
C LEU C 283 17.24 13.08 -20.37
N VAL C 284 17.40 14.32 -19.87
CA VAL C 284 18.73 14.82 -19.56
C VAL C 284 19.35 14.05 -18.41
N TYR C 285 18.54 13.71 -17.39
CA TYR C 285 19.07 12.99 -16.23
C TYR C 285 19.54 11.60 -16.61
N SER C 286 18.72 10.87 -17.38
CA SER C 286 19.09 9.50 -17.74
C SER C 286 20.28 9.48 -18.69
N SER C 287 20.35 10.45 -19.61
CA SER C 287 21.45 10.48 -20.57
C SER C 287 22.79 10.70 -19.86
N LEU C 288 22.85 11.69 -18.96
CA LEU C 288 24.09 11.96 -18.25
C LEU C 288 24.54 10.76 -17.43
N ILE C 289 23.60 10.12 -16.73
CA ILE C 289 23.96 8.96 -15.92
C ILE C 289 24.45 7.82 -16.80
N LYS C 290 23.72 7.52 -17.87
CA LYS C 290 24.16 6.48 -18.79
C LYS C 290 25.46 6.84 -19.49
N MET C 291 25.74 8.14 -19.64
CA MET C 291 26.99 8.55 -20.27
C MET C 291 28.17 8.28 -19.36
N ILE C 292 28.01 8.46 -18.04
CA ILE C 292 29.07 8.14 -17.09
C ILE C 292 29.35 6.64 -17.10
N GLY C 293 28.30 5.82 -17.16
CA GLY C 293 28.42 4.37 -17.21
C GLY C 293 28.66 3.79 -18.57
N GLN C 294 28.94 4.62 -19.58
CA GLN C 294 29.20 4.17 -20.94
C GLN C 294 28.03 3.36 -21.51
N GLY C 295 26.80 3.72 -21.13
CA GLY C 295 25.60 3.03 -21.57
C GLY C 295 24.78 2.43 -20.44
N ARG C 296 25.44 2.06 -19.35
CA ARG C 296 24.79 1.44 -18.20
C ARG C 296 24.82 2.41 -17.02
N MET C 297 24.32 1.93 -15.88
CA MET C 297 24.35 2.72 -14.65
C MET C 297 25.74 2.65 -14.03
N PRO C 298 26.42 3.79 -13.84
CA PRO C 298 27.78 3.76 -13.30
C PRO C 298 27.78 3.60 -11.79
N ILE C 299 28.98 3.34 -11.28
CA ILE C 299 29.24 3.30 -9.85
C ILE C 299 30.12 4.49 -9.53
N VAL C 300 29.52 5.55 -8.98
CA VAL C 300 30.26 6.69 -8.47
C VAL C 300 30.46 6.46 -6.97
N ASP C 301 31.70 6.18 -6.57
CA ASP C 301 32.01 5.76 -5.21
C ASP C 301 31.53 6.78 -4.18
N GLY C 302 30.52 6.41 -3.39
CA GLY C 302 30.06 7.23 -2.30
C GLY C 302 29.05 8.29 -2.67
N ASN C 303 28.64 8.37 -3.92
CA ASN C 303 27.70 9.41 -4.34
C ASN C 303 26.31 9.09 -3.80
N SER C 304 25.81 9.97 -2.92
CA SER C 304 24.50 9.73 -2.31
C SER C 304 23.39 9.81 -3.33
N GLY C 305 23.54 10.63 -4.37
CA GLY C 305 22.54 10.77 -5.40
C GLY C 305 22.18 9.46 -6.07
N LEU C 306 23.18 8.78 -6.64
CA LEU C 306 22.94 7.46 -7.23
C LEU C 306 22.54 6.45 -6.18
N SER C 307 23.02 6.60 -4.94
CA SER C 307 22.63 5.68 -3.87
C SER C 307 21.14 5.80 -3.57
N PHE C 308 20.64 7.03 -3.44
CA PHE C 308 19.23 7.21 -3.14
C PHE C 308 18.34 6.70 -4.27
N LEU C 309 18.69 7.03 -5.52
CA LEU C 309 17.84 6.68 -6.65
C LEU C 309 17.72 5.17 -6.82
N ASN C 310 18.83 4.45 -6.62
CA ASN C 310 18.80 3.00 -6.80
C ASN C 310 18.21 2.26 -5.62
N THR C 311 18.17 2.88 -4.44
CA THR C 311 17.64 2.22 -3.25
C THR C 311 16.17 2.57 -3.00
N VAL C 312 15.86 3.87 -2.91
CA VAL C 312 14.52 4.28 -2.54
C VAL C 312 13.56 4.13 -3.72
N VAL C 313 13.99 4.51 -4.92
CA VAL C 313 13.10 4.54 -6.07
C VAL C 313 13.11 3.20 -6.80
N TYR C 314 14.30 2.74 -7.20
CA TYR C 314 14.38 1.59 -8.11
C TYR C 314 13.84 0.33 -7.46
N LEU C 315 14.20 0.08 -6.19
CA LEU C 315 13.79 -1.13 -5.50
C LEU C 315 12.43 -0.98 -4.81
N ASP C 316 11.68 0.07 -5.13
CA ASP C 316 10.43 0.34 -4.42
C ASP C 316 9.38 -0.73 -4.72
N ASP C 317 9.15 -1.03 -6.01
CA ASP C 317 8.14 -2.01 -6.37
C ASP C 317 8.48 -3.38 -5.79
N PHE C 318 9.77 -3.73 -5.75
CA PHE C 318 10.17 -5.02 -5.19
C PHE C 318 9.88 -5.07 -3.69
N ASP C 319 10.26 -4.03 -2.97
CA ASP C 319 10.08 -4.03 -1.51
C ASP C 319 8.59 -4.05 -1.14
N LYS C 320 7.75 -3.35 -1.90
CA LYS C 320 6.32 -3.35 -1.60
C LYS C 320 5.71 -4.73 -1.84
N GLU C 321 6.06 -5.38 -2.94
CA GLU C 321 5.54 -6.72 -3.21
C GLU C 321 6.04 -7.74 -2.19
N ILE C 322 7.22 -7.51 -1.62
CA ILE C 322 7.70 -8.37 -0.54
C ILE C 322 6.92 -8.08 0.74
N ILE C 323 6.64 -6.81 1.00
CA ILE C 323 5.89 -6.44 2.20
C ILE C 323 4.48 -7.01 2.14
N ASP C 324 3.84 -6.93 0.98
CA ASP C 324 2.45 -7.38 0.85
C ASP C 324 2.36 -8.89 0.97
N SER C 325 3.24 -9.62 0.30
CA SER C 325 3.19 -11.08 0.33
C SER C 325 3.60 -11.64 1.69
N LEU C 326 4.39 -10.90 2.46
CA LEU C 326 4.74 -11.36 3.80
C LEU C 326 3.53 -11.27 4.75
N LYS C 327 2.64 -10.31 4.50
CA LYS C 327 1.46 -10.17 5.35
C LYS C 327 0.47 -11.31 5.14
N THR C 328 0.45 -11.89 3.94
CA THR C 328 -0.47 -12.99 3.67
C THR C 328 -0.09 -14.26 4.41
N ILE C 329 1.16 -14.37 4.87
CA ILE C 329 1.62 -15.56 5.58
C ILE C 329 1.11 -15.47 7.02
N VAL C 330 0.22 -16.39 7.40
CA VAL C 330 -0.35 -16.36 8.74
C VAL C 330 0.61 -16.94 9.79
N GLU C 331 1.59 -17.75 9.38
CA GLU C 331 2.53 -18.32 10.33
C GLU C 331 3.48 -17.28 10.91
N ILE C 332 3.62 -16.13 10.25
CA ILE C 332 4.47 -15.05 10.75
C ILE C 332 3.63 -14.16 11.65
N GLU C 333 4.00 -14.09 12.93
CA GLU C 333 3.25 -13.26 13.86
C GLU C 333 3.51 -11.78 13.60
N SER C 334 4.79 -11.40 13.47
CA SER C 334 5.16 -10.02 13.19
C SER C 334 6.44 -10.01 12.39
N PHE C 335 6.72 -8.89 11.73
CA PHE C 335 7.91 -8.76 10.92
C PHE C 335 8.24 -7.29 10.72
N LYS C 336 9.51 -7.03 10.41
CA LYS C 336 9.98 -5.68 10.13
C LYS C 336 11.16 -5.77 9.18
N LEU C 337 11.10 -5.04 8.07
CA LEU C 337 12.14 -5.04 7.06
C LEU C 337 13.09 -3.87 7.26
N VAL C 338 14.37 -4.11 6.95
CA VAL C 338 15.41 -3.10 7.09
C VAL C 338 16.39 -3.28 5.93
N ARG C 339 16.67 -2.19 5.22
CA ARG C 339 17.45 -2.24 3.99
C ARG C 339 18.56 -1.22 4.00
N TYR C 340 19.72 -1.61 3.47
CA TYR C 340 20.83 -0.70 3.19
C TYR C 340 21.32 -0.98 1.78
N VAL C 341 20.99 -0.09 0.85
CA VAL C 341 21.32 -0.21 -0.57
C VAL C 341 20.76 -1.52 -1.09
N ASP C 342 21.57 -2.57 -1.14
CA ASP C 342 21.14 -3.86 -1.68
C ASP C 342 21.15 -4.95 -0.63
N ASP C 343 21.44 -4.62 0.61
CA ASP C 343 21.36 -5.56 1.72
C ASP C 343 19.97 -5.46 2.34
N LEU C 344 19.27 -6.59 2.41
CA LEU C 344 17.92 -6.65 2.97
C LEU C 344 17.93 -7.58 4.16
N HIS C 345 17.39 -7.11 5.29
CA HIS C 345 17.21 -7.90 6.49
C HIS C 345 15.73 -8.14 6.71
N ILE C 346 15.32 -9.41 6.76
CA ILE C 346 13.93 -9.76 6.99
C ILE C 346 13.78 -10.35 8.38
N PHE C 347 13.46 -9.51 9.36
CA PHE C 347 13.24 -9.94 10.73
C PHE C 347 11.79 -10.37 10.90
N ILE C 348 11.58 -11.57 11.44
CA ILE C 348 10.24 -12.09 11.66
C ILE C 348 10.14 -12.63 13.08
N LYS C 349 8.90 -12.72 13.56
CA LYS C 349 8.58 -13.34 14.84
C LYS C 349 7.61 -14.47 14.57
N CYS C 350 7.98 -15.69 14.95
CA CYS C 350 7.18 -16.86 14.62
C CYS C 350 7.51 -17.98 15.60
N ALA C 351 6.89 -19.14 15.38
CA ALA C 351 7.15 -20.33 16.16
C ALA C 351 8.22 -21.18 15.47
N ASN C 352 8.99 -21.92 16.28
CA ASN C 352 10.07 -22.72 15.73
C ASN C 352 9.57 -23.88 14.87
N LYS C 353 8.33 -24.34 15.10
CA LYS C 353 7.80 -25.47 14.34
C LYS C 353 7.41 -25.10 12.91
N ASP C 354 7.58 -23.85 12.50
CA ASP C 354 7.21 -23.40 11.17
C ASP C 354 8.40 -22.85 10.38
N LEU C 355 9.63 -23.03 10.86
CA LEU C 355 10.78 -22.43 10.20
C LEU C 355 11.03 -23.08 8.84
N ASP C 356 10.83 -24.40 8.74
CA ASP C 356 11.09 -25.07 7.47
C ASP C 356 10.13 -24.61 6.39
N PHE C 357 8.85 -24.44 6.74
CA PHE C 357 7.88 -23.92 5.77
C PHE C 357 8.15 -22.47 5.44
N LEU C 358 8.57 -21.68 6.43
CA LEU C 358 8.86 -20.27 6.19
C LEU C 358 10.17 -20.10 5.42
N ASN C 359 11.11 -21.02 5.59
CA ASN C 359 12.33 -20.97 4.79
C ASN C 359 12.06 -21.29 3.33
N TYR C 360 11.06 -22.12 3.06
CA TYR C 360 10.67 -22.41 1.68
C TYR C 360 9.76 -21.32 1.12
N LYS C 361 8.90 -20.74 1.96
CA LYS C 361 7.96 -19.73 1.48
C LYS C 361 8.67 -18.41 1.19
N VAL C 362 9.48 -17.93 2.13
CA VAL C 362 10.09 -16.62 1.98
C VAL C 362 11.17 -16.64 0.89
N TYR C 363 11.94 -17.73 0.83
CA TYR C 363 12.98 -17.83 -0.20
C TYR C 363 12.37 -17.84 -1.59
N ASN C 364 11.34 -18.67 -1.81
CA ASN C 364 10.70 -18.73 -3.12
C ASN C 364 10.01 -17.42 -3.45
N LEU C 365 9.50 -16.71 -2.45
CA LEU C 365 8.93 -15.39 -2.69
C LEU C 365 10.00 -14.38 -3.06
N LEU C 366 11.16 -14.46 -2.41
CA LEU C 366 12.27 -13.57 -2.76
C LEU C 366 12.76 -13.85 -4.18
N CYS C 367 12.86 -15.14 -4.55
CA CYS C 367 13.34 -15.48 -5.88
C CYS C 367 12.34 -15.10 -6.97
N GLU C 368 11.04 -15.22 -6.67
CA GLU C 368 10.02 -14.91 -7.67
C GLU C 368 9.99 -13.41 -7.96
N LYS C 369 9.90 -12.59 -6.92
CA LYS C 369 9.78 -11.15 -7.14
C LYS C 369 11.07 -10.55 -7.70
N ALA C 370 12.23 -11.16 -7.40
CA ALA C 370 13.49 -10.63 -7.90
C ALA C 370 13.61 -10.82 -9.41
N THR C 371 13.21 -12.00 -9.90
CA THR C 371 13.21 -12.23 -11.34
C THR C 371 12.21 -11.32 -12.04
N LYS C 372 11.08 -11.06 -11.40
CA LYS C 372 10.06 -10.20 -12.01
C LYS C 372 10.56 -8.78 -12.24
N HIS C 373 11.42 -8.28 -11.34
CA HIS C 373 11.93 -6.92 -11.44
C HIS C 373 13.38 -6.87 -11.90
N HIS C 374 13.86 -7.95 -12.53
CA HIS C 374 15.19 -8.00 -13.14
C HIS C 374 16.30 -7.78 -12.11
N LEU C 375 16.16 -8.46 -10.97
CA LEU C 375 17.19 -8.47 -9.94
C LEU C 375 17.82 -9.84 -9.85
N GLU C 376 19.12 -9.86 -9.55
CA GLU C 376 19.89 -11.09 -9.42
C GLU C 376 20.22 -11.30 -7.95
N ILE C 377 19.78 -12.42 -7.39
CA ILE C 377 19.99 -12.72 -5.98
C ILE C 377 21.40 -13.30 -5.81
N ASN C 378 22.18 -12.68 -4.94
CA ASN C 378 23.51 -13.19 -4.58
C ASN C 378 23.30 -14.39 -3.65
N SER C 379 23.32 -15.59 -4.23
CA SER C 379 23.07 -16.80 -3.44
C SER C 379 24.13 -17.02 -2.37
N SER C 380 25.34 -16.49 -2.55
CA SER C 380 26.39 -16.66 -1.56
C SER C 380 26.07 -15.88 -0.28
N LYS C 381 25.72 -14.59 -0.42
CA LYS C 381 25.37 -13.76 0.70
C LYS C 381 23.96 -14.02 1.23
N THR C 382 23.27 -15.03 0.71
CA THR C 382 21.92 -15.37 1.14
C THR C 382 21.99 -16.48 2.18
N LYS C 383 21.52 -16.16 3.39
CA LYS C 383 21.45 -17.11 4.48
C LYS C 383 20.00 -17.23 4.94
N SER C 384 19.52 -18.46 5.08
CA SER C 384 18.13 -18.70 5.44
C SER C 384 17.84 -18.21 6.85
N PHE C 385 16.62 -18.48 7.32
CA PHE C 385 16.18 -17.99 8.63
C PHE C 385 17.09 -18.48 9.75
N THR C 386 17.84 -17.55 10.35
CA THR C 386 18.79 -17.83 11.41
C THR C 386 18.38 -17.11 12.68
N PRO C 387 18.62 -17.70 13.85
CA PRO C 387 18.30 -17.02 15.11
C PRO C 387 18.95 -15.65 15.20
N THR C 388 18.23 -14.70 15.82
CA THR C 388 18.70 -13.31 15.84
C THR C 388 19.95 -13.14 16.67
N SER C 389 20.18 -14.01 17.66
CA SER C 389 21.39 -13.91 18.47
C SER C 389 22.66 -14.18 17.68
N GLU C 390 22.55 -14.71 16.45
CA GLU C 390 23.69 -14.97 15.60
C GLU C 390 23.93 -13.86 14.59
N LEU C 391 23.60 -12.62 14.95
CA LEU C 391 23.79 -11.49 14.05
C LEU C 391 25.06 -10.73 14.36
N PHE C 415 44.48 -7.88 22.67
CA PHE C 415 45.24 -7.47 21.49
C PHE C 415 46.43 -6.61 21.87
N SER C 416 47.53 -7.26 22.26
CA SER C 416 48.75 -6.56 22.61
C SER C 416 49.59 -6.30 21.36
N LYS C 417 50.74 -5.67 21.55
CA LYS C 417 51.65 -5.44 20.43
C LYS C 417 52.23 -6.74 19.89
N ASN C 418 52.22 -7.82 20.69
CA ASN C 418 52.64 -9.12 20.19
C ASN C 418 51.66 -9.66 19.17
N THR C 419 50.36 -9.38 19.35
CA THR C 419 49.37 -9.78 18.35
C THR C 419 49.62 -9.08 17.02
N LEU C 420 50.04 -7.81 17.07
CA LEU C 420 50.43 -7.12 15.85
C LEU C 420 51.70 -7.73 15.26
N ILE C 421 52.68 -8.03 16.12
CA ILE C 421 53.94 -8.60 15.66
C ILE C 421 53.69 -9.91 14.92
N GLU C 422 52.77 -10.73 15.44
CA GLU C 422 52.45 -11.99 14.77
C GLU C 422 51.80 -11.75 13.41
N PHE C 423 51.15 -10.60 13.23
CA PHE C 423 50.51 -10.30 11.95
C PHE C 423 51.53 -10.12 10.84
N LEU C 424 52.57 -9.31 11.09
CA LEU C 424 53.63 -9.16 10.10
C LEU C 424 54.49 -10.41 9.98
N ASP C 425 54.54 -11.25 11.03
CA ASP C 425 55.33 -12.47 10.96
C ASP C 425 54.78 -13.42 9.90
N LYS C 426 53.46 -13.64 9.91
CA LYS C 426 52.84 -14.50 8.91
C LYS C 426 52.69 -13.80 7.57
N LEU C 427 52.54 -12.47 7.57
CA LEU C 427 52.43 -11.74 6.31
C LEU C 427 53.75 -11.76 5.54
N ASN C 428 54.86 -11.47 6.23
CA ASN C 428 56.16 -11.46 5.57
C ASN C 428 56.64 -12.86 5.24
N ASN C 429 56.11 -13.89 5.92
CA ASN C 429 56.48 -15.27 5.60
C ASN C 429 55.66 -15.82 4.44
N MET C 430 54.46 -15.31 4.24
CA MET C 430 53.63 -15.75 3.13
C MET C 430 54.19 -15.23 1.81
N SER C 431 54.06 -16.04 0.77
CA SER C 431 54.54 -15.65 -0.55
C SER C 431 53.61 -14.60 -1.16
N VAL C 432 54.18 -13.80 -2.07
CA VAL C 432 53.38 -12.81 -2.78
C VAL C 432 52.46 -13.45 -3.81
N ASN C 433 52.72 -14.71 -4.17
CA ASN C 433 51.85 -15.46 -5.07
C ASN C 433 50.68 -16.11 -4.35
N ALA C 434 50.34 -15.64 -3.15
CA ALA C 434 49.26 -16.22 -2.36
C ALA C 434 47.94 -15.56 -2.68
N ASP C 435 46.88 -16.37 -2.76
CA ASP C 435 45.54 -15.87 -3.03
C ASP C 435 44.96 -15.20 -1.79
N PHE C 436 43.81 -14.56 -1.97
CA PHE C 436 43.14 -13.90 -0.85
C PHE C 436 42.63 -14.91 0.16
N SER C 437 42.29 -16.12 -0.28
CA SER C 437 41.88 -17.16 0.66
C SER C 437 43.05 -17.62 1.53
N GLU C 438 44.26 -17.63 0.99
CA GLU C 438 45.43 -17.99 1.79
C GLU C 438 45.79 -16.86 2.75
N TYR C 439 45.63 -15.61 2.32
CA TYR C 439 45.91 -14.47 3.20
C TYR C 439 44.91 -14.42 4.35
N GLU C 440 43.64 -14.72 4.08
CA GLU C 440 42.61 -14.62 5.11
C GLU C 440 42.71 -15.77 6.11
N LYS C 441 42.95 -16.99 5.63
CA LYS C 441 42.96 -18.16 6.50
C LYS C 441 44.23 -18.27 7.34
N GLU C 442 45.32 -17.61 6.93
CA GLU C 442 46.60 -17.75 7.61
C GLU C 442 47.06 -16.50 8.33
N VAL C 443 46.70 -15.31 7.85
CA VAL C 443 47.23 -14.05 8.38
C VAL C 443 46.16 -13.28 9.17
N LEU C 444 44.96 -13.13 8.60
CA LEU C 444 43.95 -12.30 9.25
C LEU C 444 43.42 -12.95 10.53
N TYR C 445 43.36 -14.28 10.58
CA TYR C 445 42.82 -14.95 11.75
C TYR C 445 43.72 -14.82 12.97
N THR C 446 45.00 -14.51 12.78
CA THR C 446 45.90 -14.35 13.92
C THR C 446 45.54 -13.12 14.76
N LEU C 447 45.01 -12.07 14.13
CA LEU C 447 44.58 -10.90 14.88
C LEU C 447 43.40 -11.21 15.78
N GLU C 448 42.54 -12.15 15.37
CA GLU C 448 41.37 -12.49 16.14
C GLU C 448 41.76 -13.19 17.44
N ASN C 449 40.92 -12.98 18.47
CA ASN C 449 41.08 -13.64 19.75
C ASN C 449 39.88 -14.51 20.05
N PRO C 450 40.08 -15.69 20.65
CA PRO C 450 38.93 -16.56 20.94
C PRO C 450 37.94 -15.97 21.93
N GLU C 451 38.35 -14.99 22.72
CA GLU C 451 37.45 -14.37 23.69
C GLU C 451 36.59 -13.27 23.09
N ILE C 452 36.86 -12.86 21.85
CA ILE C 452 36.08 -11.80 21.22
C ILE C 452 35.33 -12.35 20.00
N SER C 454 34.68 -10.34 16.80
CA SER C 454 35.01 -9.56 15.61
C SER C 454 36.09 -10.25 14.79
N ASP C 455 36.06 -10.05 13.47
CA ASP C 455 37.02 -10.67 12.58
C ASP C 455 38.27 -9.80 12.46
N GLY C 456 39.27 -10.30 11.72
CA GLY C 456 40.54 -9.60 11.63
C GLY C 456 40.45 -8.26 10.92
N SER C 457 39.52 -8.11 9.98
CA SER C 457 39.38 -6.85 9.26
C SER C 457 38.99 -5.72 10.19
N TYR C 458 38.11 -6.01 11.16
CA TYR C 458 37.72 -4.98 12.12
C TYR C 458 38.82 -4.71 13.13
N ILE C 459 39.65 -5.70 13.43
CA ILE C 459 40.73 -5.52 14.40
C ILE C 459 41.85 -4.70 13.78
N LEU C 460 42.16 -4.95 12.51
CA LEU C 460 43.18 -4.16 11.82
C LEU C 460 42.76 -2.70 11.74
N ASN C 461 41.49 -2.45 11.41
CA ASN C 461 41.01 -1.08 11.36
C ASN C 461 41.17 -0.37 12.70
N ALA C 462 40.87 -1.08 13.79
CA ALA C 462 40.98 -0.47 15.11
C ALA C 462 42.42 -0.15 15.48
N ILE C 463 43.38 -0.91 14.93
CA ILE C 463 44.78 -0.68 15.26
C ILE C 463 45.32 0.53 14.52
N VAL C 464 45.10 0.61 13.21
CA VAL C 464 45.70 1.68 12.43
C VAL C 464 44.99 3.01 12.68
N TYR C 465 43.71 2.99 13.02
CA TYR C 465 42.96 4.22 13.22
C TYR C 465 42.95 4.69 14.67
N ASN C 466 43.35 3.85 15.62
CA ASN C 466 43.38 4.23 17.03
C ASN C 466 44.74 4.01 17.71
N LYS C 467 45.57 3.10 17.21
CA LYS C 467 46.91 2.90 17.76
C LYS C 467 47.96 3.34 16.75
N SER C 468 47.92 4.62 16.36
CA SER C 468 48.83 5.12 15.33
C SER C 468 50.28 5.05 15.79
N THR C 469 50.54 5.33 17.07
CA THR C 469 51.89 5.30 17.59
C THR C 469 52.46 3.88 17.70
N TRP C 470 51.63 2.86 17.50
CA TRP C 470 52.11 1.48 17.63
C TRP C 470 53.09 1.12 16.52
N SER C 471 52.96 1.76 15.36
CA SER C 471 53.87 1.50 14.25
C SER C 471 55.26 2.08 14.47
N GLN C 472 55.47 2.84 15.54
CA GLN C 472 56.78 3.37 15.87
C GLN C 472 57.61 2.42 16.72
N ASP C 473 57.05 1.28 17.13
CA ASP C 473 57.81 0.30 17.87
C ASP C 473 58.95 -0.24 17.03
N TYR C 474 60.10 -0.47 17.66
CA TYR C 474 61.29 -0.90 16.93
C TYR C 474 61.05 -2.23 16.23
N ASP C 475 60.49 -3.21 16.95
CA ASP C 475 60.21 -4.51 16.33
C ASP C 475 59.11 -4.40 15.29
N ILE C 476 58.08 -3.61 15.57
CA ILE C 476 56.96 -3.48 14.63
C ILE C 476 57.39 -2.72 13.39
N LYS C 477 58.06 -1.58 13.57
CA LYS C 477 58.44 -0.75 12.43
C LYS C 477 59.43 -1.46 11.52
N ASN C 478 60.35 -2.24 12.09
CA ASN C 478 61.32 -2.95 11.27
C ASN C 478 60.65 -4.03 10.43
N LYS C 479 59.63 -4.70 10.99
CA LYS C 479 58.89 -5.69 10.21
C LYS C 479 58.06 -5.03 9.12
N ILE C 480 57.54 -3.82 9.38
CA ILE C 480 56.87 -3.05 8.34
C ILE C 480 57.86 -2.66 7.25
N SER C 481 59.11 -2.39 7.61
CA SER C 481 60.14 -2.12 6.61
C SER C 481 60.35 -3.34 5.71
N LEU C 482 60.31 -4.54 6.30
CA LEU C 482 60.49 -5.75 5.51
C LEU C 482 59.37 -5.90 4.48
N LEU C 483 58.15 -5.50 4.84
CA LEU C 483 57.03 -5.65 3.93
C LEU C 483 57.14 -4.71 2.74
N VAL C 484 57.54 -3.46 2.98
CA VAL C 484 57.61 -2.48 1.91
C VAL C 484 58.77 -2.77 0.97
N ASN C 485 59.88 -3.28 1.48
CA ASN C 485 61.08 -3.47 0.67
C ASN C 485 61.11 -4.82 -0.04
N SER C 486 60.63 -5.88 0.62
CA SER C 486 60.62 -7.20 0.00
C SER C 486 59.70 -7.22 -1.21
N ASN C 487 58.40 -7.11 -0.98
CA ASN C 487 57.43 -7.01 -2.07
C ASN C 487 56.28 -6.14 -1.61
N TYR C 488 56.22 -4.92 -2.15
CA TYR C 488 55.14 -3.99 -1.84
C TYR C 488 53.79 -4.51 -2.29
N ARG C 489 53.76 -5.47 -3.22
CA ARG C 489 52.50 -6.00 -3.72
C ARG C 489 51.73 -6.81 -2.68
N LYS C 490 52.36 -7.15 -1.56
CA LYS C 490 51.63 -7.80 -0.46
C LYS C 490 50.65 -6.86 0.23
N LEU C 491 50.75 -5.55 0.00
CA LEU C 491 49.82 -4.59 0.58
C LEU C 491 48.45 -4.63 -0.09
N ARG C 492 48.30 -5.38 -1.18
CA ARG C 492 47.05 -5.39 -1.92
C ARG C 492 45.92 -6.06 -1.14
N TYR C 493 46.25 -6.85 -0.11
CA TYR C 493 45.20 -7.57 0.63
C TYR C 493 44.37 -6.63 1.50
N SER C 494 44.99 -5.57 2.03
CA SER C 494 44.30 -4.54 2.81
C SER C 494 44.96 -3.20 2.51
N ALA C 495 44.71 -2.69 1.29
CA ALA C 495 45.45 -1.53 0.80
C ALA C 495 45.23 -0.31 1.67
N LYS C 496 43.98 -0.04 2.07
CA LYS C 496 43.71 1.17 2.84
C LYS C 496 44.28 1.08 4.25
N ALA C 497 44.16 -0.09 4.89
CA ALA C 497 44.62 -0.23 6.27
C ALA C 497 46.12 -0.40 6.36
N LEU C 498 46.70 -1.26 5.52
CA LEU C 498 48.14 -1.51 5.58
C LEU C 498 48.94 -0.28 5.19
N ILE C 499 48.42 0.54 4.29
CA ILE C 499 49.09 1.80 3.99
C ILE C 499 49.04 2.73 5.20
N THR C 500 47.89 2.82 5.85
CA THR C 500 47.79 3.58 7.10
C THR C 500 48.76 3.04 8.14
N LEU C 501 48.90 1.71 8.20
CA LEU C 501 49.92 1.12 9.06
C LEU C 501 51.32 1.58 8.64
N VAL C 502 51.60 1.54 7.33
CA VAL C 502 52.91 1.99 6.84
C VAL C 502 53.08 3.48 7.11
N LEU C 503 52.03 4.27 6.87
CA LEU C 503 52.10 5.70 7.11
C LEU C 503 52.20 6.04 8.59
N ASN C 504 51.72 5.17 9.48
CA ASN C 504 51.80 5.42 10.91
C ASN C 504 53.21 5.24 11.47
N THR C 505 54.11 4.61 10.71
CA THR C 505 55.48 4.43 11.19
C THR C 505 56.22 5.75 11.31
N ARG C 506 55.78 6.79 10.59
CA ARG C 506 56.32 8.15 10.62
C ARG C 506 57.74 8.24 10.06
N ASP C 507 58.32 7.13 9.58
CA ASP C 507 59.66 7.17 9.02
C ASP C 507 59.62 7.71 7.59
N GLY C 508 60.42 8.75 7.34
CA GLY C 508 60.52 9.27 5.99
C GLY C 508 61.15 8.28 5.02
N ASP C 509 62.04 7.41 5.51
CA ASP C 509 62.66 6.42 4.66
C ASP C 509 61.67 5.33 4.24
N ILE C 510 60.70 5.02 5.10
CA ILE C 510 59.71 4.01 4.77
C ILE C 510 58.63 4.60 3.89
N ILE C 511 58.15 5.78 4.24
CA ILE C 511 57.03 6.36 3.52
C ILE C 511 57.46 6.74 2.11
N LYS C 512 58.61 7.42 1.98
CA LYS C 512 59.13 7.73 0.65
C LYS C 512 59.71 6.52 -0.05
N GLY C 513 59.98 5.44 0.69
CA GLY C 513 60.53 4.25 0.06
C GLY C 513 59.51 3.45 -0.72
N LEU C 514 58.24 3.54 -0.34
CA LEU C 514 57.21 2.77 -1.03
C LEU C 514 56.81 3.43 -2.35
N LEU C 515 56.84 4.77 -2.42
CA LEU C 515 56.62 5.43 -3.70
C LEU C 515 57.76 5.14 -4.65
N ASN C 516 59.00 5.11 -4.15
CA ASN C 516 60.14 4.75 -5.00
C ASN C 516 59.95 3.39 -5.64
N ASN C 517 59.35 2.45 -4.91
CA ASN C 517 59.01 1.17 -5.51
C ASN C 517 57.86 1.30 -6.49
N LEU C 518 56.89 2.17 -6.18
CA LEU C 518 55.78 2.40 -7.09
C LEU C 518 56.26 3.08 -8.37
N PHE C 519 57.07 4.14 -8.23
CA PHE C 519 57.63 4.81 -9.40
C PHE C 519 58.41 3.84 -10.27
N THR C 520 59.19 2.95 -9.65
CA THR C 520 60.01 2.02 -10.42
C THR C 520 59.16 1.13 -11.31
N THR C 521 58.03 0.64 -10.80
CA THR C 521 57.16 -0.19 -11.61
C THR C 521 56.53 0.60 -12.76
N PHE C 522 56.15 1.85 -12.49
CA PHE C 522 55.57 2.68 -13.54
C PHE C 522 56.61 3.11 -14.56
N LYS C 523 57.86 3.27 -14.15
CA LYS C 523 58.91 3.67 -15.08
C LYS C 523 59.26 2.53 -16.04
N ASN C 524 59.14 1.28 -15.59
CA ASN C 524 59.42 0.13 -16.45
C ASN C 524 58.23 -0.27 -17.31
N GLY C 525 57.01 0.00 -16.87
CA GLY C 525 55.82 -0.33 -17.62
C GLY C 525 55.07 -1.55 -17.12
N THR C 526 55.51 -2.17 -16.03
CA THR C 526 54.84 -3.33 -15.47
C THR C 526 53.63 -2.95 -14.62
N ASN C 527 53.33 -1.66 -14.51
CA ASN C 527 52.22 -1.19 -13.68
C ASN C 527 50.89 -1.78 -14.13
N ASP C 528 50.32 -2.68 -13.34
CA ASP C 528 49.01 -3.24 -13.61
C ASP C 528 47.97 -2.54 -12.73
N ILE C 529 46.80 -3.19 -12.55
CA ILE C 529 45.76 -2.57 -11.75
C ILE C 529 46.00 -2.73 -10.25
N ILE C 530 46.85 -3.67 -9.84
CA ILE C 530 47.19 -3.80 -8.43
C ILE C 530 48.15 -2.69 -8.01
N ASP C 531 49.11 -2.36 -8.87
CA ASP C 531 50.03 -1.26 -8.55
C ASP C 531 49.29 0.07 -8.50
N GLU C 532 48.31 0.27 -9.38
CA GLU C 532 47.55 1.52 -9.36
C GLU C 532 46.66 1.62 -8.12
N ILE C 533 46.21 0.47 -7.60
CA ILE C 533 45.38 0.49 -6.39
C ILE C 533 46.20 0.92 -5.19
N ILE C 534 47.39 0.33 -5.02
CA ILE C 534 48.28 0.70 -3.92
C ILE C 534 48.72 2.14 -4.07
N LEU C 535 48.94 2.58 -5.31
CA LEU C 535 49.35 3.95 -5.60
C LEU C 535 48.30 4.95 -5.13
N ILE C 536 47.13 4.94 -5.77
CA ILE C 536 46.11 5.97 -5.51
C ILE C 536 45.76 6.04 -4.02
N GLU C 537 45.78 4.90 -3.33
CA GLU C 537 45.54 4.91 -1.90
C GLU C 537 46.62 5.69 -1.17
N TYR C 538 47.88 5.52 -1.57
CA TYR C 538 48.98 6.26 -0.97
C TYR C 538 48.81 7.75 -1.19
N LEU C 539 48.61 8.18 -2.45
CA LEU C 539 48.48 9.60 -2.74
C LEU C 539 47.17 10.20 -2.24
N VAL C 540 46.23 9.40 -1.77
CA VAL C 540 45.03 9.94 -1.15
C VAL C 540 45.23 10.15 0.35
N GLN C 541 45.85 9.18 1.02
CA GLN C 541 46.07 9.30 2.46
C GLN C 541 47.09 10.37 2.81
N ARG C 542 47.96 10.74 1.86
CA ARG C 542 48.93 11.81 2.06
C ARG C 542 48.43 13.16 1.55
N LYS C 543 47.11 13.29 1.35
CA LYS C 543 46.48 14.56 0.97
C LYS C 543 47.05 15.13 -0.32
N PHE C 544 47.42 14.25 -1.25
CA PHE C 544 47.99 14.63 -2.54
C PHE C 544 49.16 15.60 -2.35
N ASN C 545 50.21 15.09 -1.71
CA ASN C 545 51.35 15.92 -1.34
C ASN C 545 52.01 16.51 -2.58
N HIS C 546 52.52 17.73 -2.44
N HIS C 546 52.52 17.74 -2.44
CA HIS C 546 53.11 18.43 -3.57
CA HIS C 546 53.12 18.44 -3.56
C HIS C 546 54.39 17.74 -4.05
C HIS C 546 54.38 17.72 -4.05
N LYS C 547 55.20 17.23 -3.12
CA LYS C 547 56.43 16.54 -3.52
C LYS C 547 56.12 15.17 -4.11
N ASP C 548 55.12 14.48 -3.59
CA ASP C 548 54.76 13.16 -4.12
C ASP C 548 54.18 13.25 -5.52
N LEU C 549 53.45 14.33 -5.82
CA LEU C 549 52.85 14.50 -7.14
C LEU C 549 53.90 14.87 -8.20
N MET C 550 54.91 15.66 -7.83
CA MET C 550 55.98 15.97 -8.76
C MET C 550 56.74 14.72 -9.17
N THR C 551 56.85 13.74 -8.27
CA THR C 551 57.50 12.48 -8.61
C THR C 551 56.61 11.61 -9.50
N ILE C 552 55.30 11.65 -9.25
CA ILE C 552 54.35 10.85 -10.03
C ILE C 552 53.86 11.64 -11.24
N GLY C 559 45.34 8.62 -17.70
CA GLY C 559 43.92 8.89 -17.56
C GLY C 559 43.55 9.47 -16.20
N ILE C 560 43.67 8.63 -15.16
CA ILE C 560 43.34 9.07 -13.81
C ILE C 560 44.28 10.18 -13.36
N LYS C 561 45.52 10.18 -13.86
CA LYS C 561 46.47 11.23 -13.49
C LYS C 561 46.01 12.60 -13.97
N GLU C 562 45.16 12.67 -15.00
CA GLU C 562 44.65 13.96 -15.45
C GLU C 562 43.65 14.54 -14.45
N TYR C 563 42.85 13.69 -13.82
CA TYR C 563 41.91 14.16 -12.81
C TYR C 563 42.63 14.68 -11.57
N ILE C 564 43.75 14.04 -11.21
CA ILE C 564 44.51 14.49 -10.04
C ILE C 564 45.08 15.88 -10.28
N LYS C 565 45.62 16.13 -11.48
CA LYS C 565 46.13 17.45 -11.80
C LYS C 565 45.03 18.49 -11.94
N ALA C 566 43.79 18.06 -12.21
CA ALA C 566 42.70 18.97 -12.49
C ALA C 566 42.00 19.48 -11.23
N TYR C 567 41.57 18.57 -10.35
CA TYR C 567 40.73 18.93 -9.21
C TYR C 567 41.32 18.61 -7.85
N GLN C 568 42.46 17.91 -7.78
CA GLN C 568 43.01 17.49 -6.49
C GLN C 568 44.13 18.40 -6.00
N THR C 569 44.40 19.51 -6.70
CA THR C 569 45.48 20.41 -6.30
C THR C 569 45.04 21.86 -6.17
N SER C 570 43.79 22.20 -6.51
CA SER C 570 43.36 23.59 -6.52
C SER C 570 41.88 23.67 -6.20
N ASP C 571 41.44 24.88 -5.89
CA ASP C 571 40.04 25.20 -5.71
C ASP C 571 39.37 25.17 -7.08
N PHE C 572 38.61 24.09 -7.35
CA PHE C 572 38.04 23.91 -8.68
C PHE C 572 37.01 24.97 -9.03
N ILE C 573 36.51 25.71 -8.05
CA ILE C 573 35.66 26.86 -8.36
C ILE C 573 36.50 28.03 -8.85
N LYS C 574 37.63 28.29 -8.19
CA LYS C 574 38.55 29.32 -8.67
C LYS C 574 39.11 28.97 -10.04
N SER C 575 39.35 27.69 -10.30
CA SER C 575 39.81 27.26 -11.61
C SER C 575 38.71 27.31 -12.66
N LEU C 576 37.44 27.28 -12.24
CA LEU C 576 36.35 27.36 -13.18
C LEU C 576 36.27 28.73 -13.84
N GLU C 577 36.40 29.79 -13.05
CA GLU C 577 36.31 31.14 -13.60
C GLU C 577 37.58 31.52 -14.37
N LYS C 578 38.74 31.04 -13.94
CA LYS C 578 39.98 31.38 -14.63
C LYS C 578 40.05 30.72 -16.02
N ASN C 579 39.38 29.58 -16.20
CA ASN C 579 39.38 28.87 -17.47
C ASN C 579 38.01 28.91 -18.14
N LYS C 580 37.25 29.97 -17.91
CA LYS C 580 35.92 30.12 -18.48
C LYS C 580 36.02 30.76 -19.87
N VAL C 581 35.31 30.18 -20.83
CA VAL C 581 35.34 30.69 -22.20
C VAL C 581 34.61 32.02 -22.24
N ILE C 582 35.27 33.04 -22.77
CA ILE C 582 34.71 34.39 -22.89
C ILE C 582 34.80 34.81 -24.36
N PHE C 583 33.69 35.27 -24.91
CA PHE C 583 33.63 35.72 -26.29
C PHE C 583 33.58 37.24 -26.34
N TYR C 584 34.04 37.79 -27.47
CA TYR C 584 34.08 39.23 -27.67
C TYR C 584 33.51 39.56 -29.04
N THR C 585 32.63 40.57 -29.08
CA THR C 585 31.96 40.96 -30.31
C THR C 585 32.89 41.88 -31.12
N ASN C 586 32.33 42.52 -32.15
CA ASN C 586 33.11 43.46 -32.95
C ASN C 586 33.42 44.74 -32.19
N GLN C 587 32.69 45.04 -31.12
CA GLN C 587 32.93 46.20 -30.29
C GLN C 587 33.85 45.90 -29.11
N LYS C 588 34.56 44.77 -29.15
CA LYS C 588 35.46 44.34 -28.08
C LYS C 588 34.73 44.22 -26.74
N GLU C 589 33.46 43.87 -26.78
CA GLU C 589 32.65 43.67 -25.58
C GLU C 589 32.28 42.20 -25.45
N VAL C 590 31.90 41.82 -24.23
CA VAL C 590 31.59 40.42 -23.95
C VAL C 590 30.32 40.00 -24.68
N TYR C 591 30.35 38.79 -25.24
CA TYR C 591 29.17 38.24 -25.90
C TYR C 591 28.52 37.23 -24.97
N PRO C 592 27.37 37.53 -24.38
CA PRO C 592 26.79 36.63 -23.37
C PRO C 592 25.73 35.69 -23.92
N LEU C 593 25.30 35.89 -25.17
CA LEU C 593 24.16 35.17 -25.69
C LEU C 593 24.45 33.71 -25.98
N ILE C 594 25.73 33.33 -26.12
CA ILE C 594 26.05 31.93 -26.40
C ILE C 594 26.03 31.10 -25.13
N SER C 595 26.61 31.62 -24.05
CA SER C 595 26.68 30.89 -22.79
C SER C 595 25.32 30.73 -22.13
N LYS C 596 24.33 31.52 -22.53
CA LYS C 596 23.00 31.47 -21.94
C LYS C 596 21.98 30.77 -22.82
N ASP C 597 22.36 30.36 -24.03
CA ASP C 597 21.44 29.68 -24.94
C ASP C 597 21.07 28.31 -24.38
N LYS C 598 19.87 28.21 -23.81
CA LYS C 598 19.42 26.95 -23.23
C LYS C 598 19.30 25.86 -24.28
N ILE C 599 18.92 26.21 -25.51
CA ILE C 599 18.83 25.22 -26.58
C ILE C 599 20.22 24.74 -26.96
N LEU C 600 21.11 25.69 -27.33
CA LEU C 600 22.44 25.33 -27.79
C LEU C 600 23.18 24.43 -26.81
N ASN C 601 23.01 24.70 -25.51
CA ASN C 601 23.74 23.93 -24.51
C ASN C 601 23.29 22.48 -24.45
N PHE C 602 22.00 22.22 -24.69
CA PHE C 602 21.43 20.88 -24.58
CA PHE C 602 21.50 20.86 -24.56
C PHE C 602 21.53 20.08 -25.88
N ILE C 603 21.51 20.76 -27.04
CA ILE C 603 21.75 20.03 -28.28
C ILE C 603 23.21 19.60 -28.36
N TYR C 604 24.12 20.40 -27.80
CA TYR C 604 25.53 20.02 -27.75
C TYR C 604 25.77 18.92 -26.72
N PHE C 605 25.04 18.96 -25.60
CA PHE C 605 25.14 17.90 -24.61
C PHE C 605 24.69 16.57 -25.19
N ARG C 606 23.59 16.57 -25.95
CA ARG C 606 23.12 15.34 -26.56
C ARG C 606 24.07 14.87 -27.66
N ALA C 607 24.66 15.80 -28.40
CA ALA C 607 25.62 15.42 -29.44
C ALA C 607 26.85 14.75 -28.82
N LYS C 608 27.43 15.39 -27.79
CA LYS C 608 28.56 14.76 -27.10
C LYS C 608 28.13 13.50 -26.36
N TYR C 609 26.85 13.40 -25.99
CA TYR C 609 26.35 12.20 -25.34
C TYR C 609 26.41 11.01 -26.28
N PHE C 610 25.82 11.15 -27.47
CA PHE C 610 25.84 10.06 -28.44
C PHE C 610 27.25 9.80 -28.96
N GLU C 611 28.10 10.83 -29.01
CA GLU C 611 29.49 10.62 -29.40
C GLU C 611 30.20 9.73 -28.39
N SER C 612 29.86 9.85 -27.11
CA SER C 612 30.48 9.02 -26.08
C SER C 612 30.22 7.54 -26.30
N LEU C 613 28.97 7.18 -26.61
CA LEU C 613 28.60 5.80 -26.88
C LEU C 613 28.94 5.36 -28.30
N ASP C 614 29.63 6.22 -29.06
CA ASP C 614 30.03 5.93 -30.44
C ASP C 614 28.82 5.59 -31.32
N LEU C 615 27.67 6.17 -31.01
CA LEU C 615 26.48 6.04 -31.85
C LEU C 615 26.49 7.22 -32.82
N VAL C 616 27.07 7.00 -34.00
CA VAL C 616 27.41 8.11 -34.87
C VAL C 616 26.21 8.69 -35.63
N LEU C 617 25.15 7.90 -35.84
CA LEU C 617 24.02 8.42 -36.62
C LEU C 617 23.27 9.51 -35.85
N GLU C 618 22.88 9.22 -34.61
CA GLU C 618 22.23 10.23 -33.80
C GLU C 618 23.20 11.29 -33.29
N SER C 619 24.49 10.95 -33.21
CA SER C 619 25.49 11.95 -32.85
C SER C 619 25.62 13.01 -33.94
N PHE C 620 25.55 12.59 -35.21
CA PHE C 620 25.62 13.56 -36.31
C PHE C 620 24.38 14.42 -36.38
N ALA C 621 23.20 13.86 -36.08
CA ALA C 621 21.98 14.63 -36.19
C ALA C 621 21.92 15.77 -35.17
N TYR C 622 22.47 15.56 -33.98
CA TYR C 622 22.44 16.60 -32.95
C TYR C 622 23.55 17.64 -33.14
N TYR C 623 24.74 17.20 -33.60
CA TYR C 623 25.83 18.15 -33.78
C TYR C 623 25.58 19.05 -34.98
N LYS C 624 24.97 18.51 -36.05
CA LYS C 624 24.59 19.34 -37.18
C LYS C 624 23.65 20.45 -36.74
N ASN C 625 22.73 20.14 -35.83
CA ASN C 625 21.86 21.17 -35.27
C ASN C 625 22.63 22.13 -34.38
N TYR C 626 23.63 21.62 -33.65
CA TYR C 626 24.47 22.50 -32.85
C TYR C 626 25.34 23.38 -33.73
N PHE C 627 25.82 22.84 -34.85
CA PHE C 627 26.64 23.61 -35.77
C PHE C 627 25.85 24.76 -36.38
N ASP C 628 24.65 24.45 -36.91
CA ASP C 628 23.88 25.46 -37.63
C ASP C 628 23.40 26.58 -36.72
N ARG C 629 23.26 26.32 -35.42
CA ARG C 629 22.87 27.35 -34.47
C ARG C 629 24.06 28.10 -33.89
N PHE C 630 25.26 27.52 -33.95
CA PHE C 630 26.45 28.21 -33.46
C PHE C 630 26.96 29.21 -34.49
N VAL C 631 26.85 28.89 -35.78
CA VAL C 631 27.29 29.82 -36.81
C VAL C 631 26.36 31.03 -36.87
N ALA C 632 25.07 30.83 -36.59
CA ALA C 632 24.15 31.97 -36.54
C ALA C 632 24.50 32.91 -35.40
N HIS C 633 25.12 32.40 -34.33
CA HIS C 633 25.55 33.27 -33.25
C HIS C 633 26.81 34.04 -33.63
N ALA C 634 27.61 33.50 -34.54
CA ALA C 634 28.79 34.23 -35.01
C ALA C 634 28.40 35.38 -35.92
N MET C 635 27.32 35.22 -36.71
CA MET C 635 26.84 36.31 -37.55
C MET C 635 26.32 37.47 -36.72
N PHE C 636 25.71 37.18 -35.58
CA PHE C 636 25.29 38.24 -34.66
C PHE C 636 26.44 38.79 -33.84
N CYS C 637 27.55 38.06 -33.74
CA CYS C 637 28.68 38.52 -32.93
C CYS C 637 29.57 39.50 -33.69
N THR C 638 29.79 39.25 -34.98
CA THR C 638 30.60 40.14 -35.80
C THR C 638 29.79 41.26 -36.44
N GLY C 639 28.47 41.23 -36.33
CA GLY C 639 27.63 42.29 -36.84
C GLY C 639 27.11 42.10 -38.24
N ILE C 640 27.29 40.91 -38.84
CA ILE C 640 26.79 40.68 -40.19
C ILE C 640 25.27 40.70 -40.21
N ASP C 641 24.64 40.06 -39.23
CA ASP C 641 23.18 40.07 -39.10
C ASP C 641 22.80 41.15 -38.10
N SER C 642 22.12 42.19 -38.57
CA SER C 642 21.70 43.32 -37.74
C SER C 642 20.21 43.19 -37.46
N GLY C 643 19.87 42.86 -36.22
CA GLY C 643 18.49 42.72 -35.85
C GLY C 643 18.33 42.61 -34.34
N ARG C 644 17.22 41.99 -33.94
CA ARG C 644 16.95 41.78 -32.52
C ARG C 644 17.68 40.55 -31.99
N LYS C 645 17.46 39.40 -32.63
CA LYS C 645 18.09 38.14 -32.28
C LYS C 645 18.80 37.57 -33.49
N PRO C 646 19.80 36.71 -33.29
CA PRO C 646 20.49 36.09 -34.42
C PRO C 646 19.50 35.38 -35.33
N ASN C 647 19.75 35.46 -36.65
CA ASN C 647 18.93 34.76 -37.62
C ASN C 647 19.14 33.25 -37.53
N TYR C 648 18.41 32.59 -36.63
CA TYR C 648 18.59 31.15 -36.43
C TYR C 648 18.13 30.37 -37.66
N LYS C 649 16.92 30.65 -38.14
CA LYS C 649 16.37 29.92 -39.28
C LYS C 649 17.12 30.17 -40.58
N LEU C 650 17.96 31.20 -40.63
CA LEU C 650 18.67 31.51 -41.87
C LEU C 650 19.73 30.45 -42.20
N TYR C 651 20.57 30.12 -41.22
CA TYR C 651 21.72 29.26 -41.46
C TYR C 651 21.35 27.77 -41.38
N TYR C 652 20.13 27.43 -41.80
CA TYR C 652 19.69 26.05 -41.84
C TYR C 652 19.76 25.44 -43.25
N THR C 653 20.15 26.23 -44.24
CA THR C 653 20.23 25.79 -45.62
C THR C 653 21.65 25.37 -45.98
N GLU C 654 21.75 24.53 -47.02
CA GLU C 654 23.06 24.06 -47.45
C GLU C 654 23.86 25.13 -48.17
N GLY C 655 23.21 26.19 -48.65
CA GLY C 655 23.90 27.23 -49.40
C GLY C 655 24.31 28.42 -48.55
N LYS C 656 23.36 29.00 -47.83
CA LYS C 656 23.65 30.15 -46.98
C LYS C 656 24.68 29.80 -45.90
N LEU C 657 24.72 28.53 -45.49
CA LEU C 657 25.73 28.08 -44.54
C LEU C 657 27.12 28.14 -45.13
N ILE C 658 27.24 27.92 -46.45
CA ILE C 658 28.55 27.96 -47.09
C ILE C 658 29.00 29.39 -47.31
N ASP C 659 28.15 30.21 -47.92
CA ASP C 659 28.48 31.63 -48.11
C ASP C 659 28.62 32.36 -46.79
N GLY C 660 28.00 31.86 -45.72
CA GLY C 660 28.18 32.47 -44.42
C GLY C 660 29.56 32.23 -43.84
N LEU C 661 30.03 30.98 -43.89
CA LEU C 661 31.38 30.68 -43.43
C LEU C 661 32.43 31.42 -44.26
N LYS C 662 32.12 31.71 -45.52
CA LYS C 662 33.01 32.52 -46.35
C LYS C 662 32.92 34.00 -46.01
N GLN C 663 31.82 34.44 -45.39
CA GLN C 663 31.71 35.85 -45.02
C GLN C 663 32.66 36.21 -43.90
N LEU C 664 32.91 35.29 -42.97
CA LEU C 664 33.87 35.54 -41.91
C LEU C 664 35.30 35.65 -42.42
N ASN C 665 35.59 35.04 -43.57
CA ASN C 665 36.91 35.09 -44.21
C ASN C 665 37.99 34.60 -43.26
N PHE C 666 37.87 33.33 -42.86
CA PHE C 666 38.83 32.74 -41.92
C PHE C 666 39.21 31.31 -42.28
N LEU C 667 38.80 30.80 -43.45
CA LEU C 667 39.14 29.45 -43.85
C LEU C 667 39.11 29.36 -45.37
N SER C 668 39.81 28.36 -45.89
CA SER C 668 39.88 28.14 -47.34
C SER C 668 38.50 27.82 -47.90
N SER C 669 37.91 28.77 -48.63
CA SER C 669 36.55 28.62 -49.12
C SER C 669 36.37 27.40 -50.01
N ASP C 670 37.44 26.90 -50.62
CA ASP C 670 37.33 25.68 -51.41
C ASP C 670 37.08 24.47 -50.53
N GLU C 671 37.76 24.38 -49.38
CA GLU C 671 37.54 23.30 -48.44
C GLU C 671 36.25 23.46 -47.65
N ILE C 672 35.61 24.63 -47.70
CA ILE C 672 34.36 24.84 -47.00
C ILE C 672 33.19 24.25 -47.78
N THR C 673 33.24 24.29 -49.11
CA THR C 673 32.17 23.71 -49.92
C THR C 673 32.22 22.19 -49.88
N LYS C 674 33.42 21.60 -49.84
CA LYS C 674 33.55 20.15 -49.82
C LYS C 674 33.18 19.54 -48.48
N ILE C 675 33.13 20.34 -47.43
CA ILE C 675 32.79 19.82 -46.10
C ILE C 675 31.30 19.95 -45.81
N ILE C 676 30.71 21.09 -46.13
CA ILE C 676 29.29 21.29 -45.80
C ILE C 676 28.40 20.48 -46.73
N ASN C 677 28.71 20.48 -48.03
CA ASN C 677 27.91 19.71 -48.98
C ASN C 677 28.01 18.22 -48.69
N GLU C 678 29.20 17.74 -48.32
CA GLU C 678 29.33 16.35 -47.90
C GLU C 678 28.52 16.08 -46.64
N ALA C 679 28.50 17.04 -45.71
CA ALA C 679 27.72 16.87 -44.49
C ALA C 679 26.22 16.91 -44.77
N HIS C 680 25.80 17.78 -45.70
CA HIS C 680 24.37 17.86 -46.01
C HIS C 680 23.89 16.61 -46.75
N LYS C 681 24.78 15.94 -47.49
CA LYS C 681 24.41 14.67 -48.09
C LYS C 681 24.18 13.59 -47.03
N ILE C 682 24.90 13.66 -45.91
CA ILE C 682 24.71 12.70 -44.83
C ILE C 682 23.42 13.00 -44.07
N ARG C 683 23.13 14.28 -43.82
CA ARG C 683 21.93 14.64 -43.09
C ARG C 683 20.66 14.27 -43.86
N ASN C 684 20.69 14.39 -45.19
CA ASN C 684 19.51 14.08 -45.99
C ASN C 684 19.17 12.59 -45.93
N SER C 685 20.17 11.72 -45.77
CA SER C 685 19.96 10.29 -45.68
C SER C 685 20.01 9.77 -44.26
N ASN C 686 19.95 10.65 -43.27
CA ASN C 686 20.02 10.23 -41.88
C ASN C 686 18.69 9.65 -41.43
N PRO C 687 18.62 8.37 -41.05
CA PRO C 687 17.35 7.81 -40.58
C PRO C 687 16.83 8.44 -39.30
N VAL C 688 17.69 9.02 -38.48
CA VAL C 688 17.27 9.65 -37.23
C VAL C 688 16.55 10.96 -37.53
N ASP C 700 26.40 4.30 -50.27
CA ASP C 700 26.32 3.84 -48.88
C ASP C 700 27.21 4.68 -47.97
N PHE C 701 26.85 4.75 -46.69
CA PHE C 701 27.55 5.56 -45.70
C PHE C 701 28.02 4.66 -44.57
N SER C 702 29.33 4.52 -44.44
CA SER C 702 29.93 3.71 -43.39
C SER C 702 30.06 4.51 -42.10
N ARG C 703 30.36 3.81 -41.01
CA ARG C 703 30.59 4.47 -39.74
C ARG C 703 31.79 5.41 -39.81
N TYR C 704 32.76 5.10 -40.67
CA TYR C 704 33.93 5.95 -40.82
C TYR C 704 33.58 7.26 -41.53
N ARG C 705 32.77 7.19 -42.60
CA ARG C 705 32.45 8.38 -43.36
C ARG C 705 31.67 9.39 -42.53
N VAL C 706 30.75 8.91 -41.68
CA VAL C 706 30.00 9.82 -40.84
C VAL C 706 30.90 10.44 -39.77
N LYS C 707 31.75 9.63 -39.14
CA LYS C 707 32.66 10.16 -38.14
C LYS C 707 33.67 11.13 -38.75
N SER C 708 34.03 10.92 -40.03
CA SER C 708 34.96 11.82 -40.69
C SER C 708 34.33 13.19 -40.95
N SER C 709 33.07 13.21 -41.39
CA SER C 709 32.40 14.47 -41.63
C SER C 709 32.15 15.23 -40.33
N LEU C 710 31.94 14.49 -39.22
CA LEU C 710 31.77 15.15 -37.93
C LEU C 710 33.06 15.84 -37.51
N ASN C 711 34.21 15.21 -37.76
CA ASN C 711 35.49 15.83 -37.42
C ASN C 711 35.69 17.13 -38.19
N ASP C 712 35.29 17.15 -39.46
CA ASP C 712 35.40 18.38 -40.25
C ASP C 712 34.53 19.49 -39.66
N LEU C 713 33.33 19.13 -39.19
CA LEU C 713 32.48 20.10 -38.53
C LEU C 713 33.05 20.50 -37.17
N LYS C 714 33.66 19.55 -36.46
CA LYS C 714 34.25 19.86 -35.16
C LYS C 714 35.50 20.72 -35.30
N ILE C 715 36.29 20.49 -36.35
CA ILE C 715 37.48 21.30 -36.59
C ILE C 715 37.09 22.75 -36.84
N ILE C 716 36.13 22.97 -37.74
CA ILE C 716 35.68 24.32 -38.05
C ILE C 716 35.17 25.01 -36.79
N ILE C 717 34.46 24.27 -35.93
CA ILE C 717 33.95 24.85 -34.69
C ILE C 717 35.10 25.32 -33.80
N GLU C 718 36.17 24.53 -33.73
CA GLU C 718 37.32 24.95 -32.94
C GLU C 718 38.00 26.17 -33.55
N GLN C 719 38.09 26.22 -34.88
CA GLN C 719 38.63 27.41 -35.53
C GLN C 719 37.68 28.60 -35.38
N LEU C 720 36.38 28.34 -35.33
CA LEU C 720 35.40 29.42 -35.27
C LEU C 720 35.39 30.05 -33.88
N SER C 721 35.38 29.22 -32.83
CA SER C 721 35.31 29.73 -31.46
C SER C 721 36.52 30.59 -31.12
N THR C 722 37.69 30.28 -31.71
CA THR C 722 38.87 31.09 -31.47
C THR C 722 38.71 32.49 -32.05
N LEU C 723 37.94 32.63 -33.13
CA LEU C 723 37.76 33.94 -33.75
C LEU C 723 37.02 34.89 -32.81
N LEU C 724 35.91 34.44 -32.21
CA LEU C 724 35.21 35.27 -31.25
C LEU C 724 35.99 35.42 -29.95
N GLN C 725 36.95 34.54 -29.69
CA GLN C 725 37.80 34.63 -28.51
C GLN C 725 38.96 35.61 -28.69
N ASN C 726 38.87 36.49 -29.68
CA ASN C 726 39.86 37.54 -29.90
C ASN C 726 39.16 38.89 -29.77
N LYS C 727 39.57 39.69 -28.79
CA LYS C 727 38.92 40.96 -28.52
C LYS C 727 39.21 42.02 -29.59
N ASN C 728 40.08 41.72 -30.56
CA ASN C 728 40.40 42.69 -31.61
C ASN C 728 40.95 41.92 -32.80
N ARG C 729 40.21 41.96 -33.91
CA ARG C 729 40.63 41.26 -35.13
C ARG C 729 40.03 41.93 -36.37
N SER D 102 17.75 1.37 -49.02
CA SER D 102 17.88 0.19 -48.17
C SER D 102 18.16 0.56 -46.72
N MET D 103 17.23 0.22 -45.83
CA MET D 103 17.40 0.45 -44.41
C MET D 103 18.10 -0.71 -43.70
N ILE D 104 18.12 -1.88 -44.32
CA ILE D 104 18.77 -3.06 -43.76
C ILE D 104 19.65 -3.66 -44.85
N THR D 105 20.93 -3.84 -44.55
CA THR D 105 21.88 -4.36 -45.52
C THR D 105 21.96 -5.88 -45.50
N LEU D 106 21.05 -6.55 -44.80
CA LEU D 106 21.04 -8.00 -44.75
C LEU D 106 20.80 -8.57 -46.13
N GLN D 107 21.63 -9.52 -46.53
CA GLN D 107 21.51 -10.13 -47.85
C GLN D 107 20.60 -11.35 -47.81
N HIS D 108 20.05 -11.69 -48.97
CA HIS D 108 19.28 -12.93 -49.10
C HIS D 108 20.14 -14.14 -48.78
N GLN D 109 21.45 -14.03 -48.98
CA GLN D 109 22.35 -15.16 -48.70
C GLN D 109 22.34 -15.52 -47.22
N ASP D 110 22.24 -14.53 -46.35
CA ASP D 110 22.25 -14.79 -44.91
C ASP D 110 20.91 -15.34 -44.43
N TRP D 111 19.80 -14.77 -44.89
CA TRP D 111 18.49 -15.29 -44.54
C TRP D 111 18.32 -16.73 -45.03
N GLU D 112 18.85 -17.03 -46.21
CA GLU D 112 18.86 -18.41 -46.68
C GLU D 112 19.66 -19.29 -45.72
N ARG D 113 20.82 -18.80 -45.27
CA ARG D 113 21.62 -19.55 -44.31
C ARG D 113 20.89 -19.72 -42.98
N ALA D 114 20.27 -18.64 -42.49
CA ALA D 114 19.58 -18.70 -41.21
C ALA D 114 18.46 -19.74 -41.22
N VAL D 115 17.66 -19.76 -42.29
CA VAL D 115 16.56 -20.71 -42.37
C VAL D 115 17.09 -22.13 -42.54
N ASN D 116 18.21 -22.29 -43.25
CA ASN D 116 18.70 -23.63 -43.56
C ASN D 116 19.25 -24.33 -42.32
N MET D 117 20.03 -23.63 -41.49
CA MET D 117 20.52 -24.27 -40.27
C MET D 117 19.39 -24.62 -39.31
N ILE D 118 18.32 -23.83 -39.30
CA ILE D 118 17.13 -24.21 -38.54
C ILE D 118 16.51 -25.46 -39.15
N LYS D 119 16.40 -25.50 -40.48
CA LYS D 119 15.84 -26.67 -41.14
C LYS D 119 16.73 -27.89 -40.99
N ASN D 120 18.05 -27.70 -40.96
CA ASN D 120 18.97 -28.82 -40.87
C ASN D 120 18.94 -29.50 -39.51
N ILE D 121 18.30 -28.90 -38.51
CA ILE D 121 18.17 -29.58 -37.21
C ILE D 121 17.34 -30.85 -37.41
N PRO D 122 17.76 -31.99 -36.88
CA PRO D 122 16.98 -33.23 -37.05
C PRO D 122 15.57 -33.06 -36.53
N PRO D 123 14.58 -33.64 -37.21
CA PRO D 123 13.18 -33.41 -36.81
C PRO D 123 12.90 -33.85 -35.37
N SER D 124 13.46 -34.98 -34.94
CA SER D 124 13.25 -35.46 -33.58
C SER D 124 13.89 -34.56 -32.55
N ALA D 125 14.75 -33.62 -32.95
CA ALA D 125 15.27 -32.60 -32.05
C ALA D 125 14.51 -31.29 -32.12
N LYS D 126 13.84 -31.00 -33.23
CA LYS D 126 13.07 -29.77 -33.35
C LYS D 126 11.94 -29.74 -32.33
N ASN D 127 11.20 -30.85 -32.21
CA ASN D 127 10.01 -30.92 -31.37
C ASN D 127 10.32 -30.94 -29.88
N LYS D 128 11.60 -30.97 -29.48
CA LYS D 128 11.97 -31.07 -28.08
C LYS D 128 12.05 -29.72 -27.39
N TYR D 129 11.97 -28.61 -28.13
CA TYR D 129 12.13 -27.28 -27.59
C TYR D 129 10.93 -26.41 -27.91
N PHE D 130 10.64 -25.48 -27.00
CA PHE D 130 9.50 -24.59 -27.16
C PHE D 130 9.68 -23.65 -28.35
N GLN D 131 10.92 -23.22 -28.61
CA GLN D 131 11.16 -22.24 -29.67
C GLN D 131 11.24 -22.88 -31.05
N THR D 132 11.68 -24.14 -31.13
CA THR D 132 11.87 -24.80 -32.42
C THR D 132 10.72 -25.72 -32.79
N PHE D 133 9.66 -25.76 -32.00
CA PHE D 133 8.51 -26.59 -32.33
C PHE D 133 7.69 -26.00 -33.47
N PRO D 134 7.48 -24.67 -33.55
CA PRO D 134 6.77 -24.12 -34.72
C PRO D 134 7.35 -24.54 -36.05
N PHE D 135 8.66 -24.80 -36.11
CA PHE D 135 9.27 -25.28 -37.34
C PHE D 135 9.01 -26.77 -37.57
N PHE D 136 8.58 -27.49 -36.54
CA PHE D 136 8.23 -28.90 -36.69
C PHE D 136 6.88 -29.06 -37.40
N LEU D 137 5.99 -28.06 -37.30
CA LEU D 137 4.71 -28.08 -37.97
C LEU D 137 4.72 -27.24 -39.24
N LEU D 138 5.88 -27.04 -39.84
CA LEU D 138 6.02 -26.22 -41.03
C LEU D 138 5.95 -27.09 -42.27
N SER D 139 4.97 -26.83 -43.13
CA SER D 139 4.82 -27.60 -44.36
C SER D 139 6.04 -27.42 -45.25
N GLU D 140 6.29 -28.44 -46.09
CA GLU D 140 7.43 -28.38 -46.99
C GLU D 140 7.33 -27.22 -47.97
N THR D 141 6.10 -26.82 -48.33
CA THR D 141 5.93 -25.66 -49.19
C THR D 141 6.36 -24.38 -48.48
N SER D 142 6.19 -24.33 -47.15
CA SER D 142 6.60 -23.15 -46.39
C SER D 142 8.13 -23.04 -46.33
N TRP D 143 8.83 -24.17 -46.32
CA TRP D 143 10.29 -24.11 -46.38
C TRP D 143 10.76 -23.50 -47.68
N GLU D 144 10.12 -23.86 -48.80
CA GLU D 144 10.47 -23.26 -50.08
C GLU D 144 10.14 -21.77 -50.10
N GLU D 145 9.04 -21.39 -49.44
CA GLU D 145 8.66 -19.97 -49.42
C GLU D 145 9.61 -19.16 -48.55
N LEU D 146 10.06 -19.74 -47.42
CA LEU D 146 11.04 -19.05 -46.59
C LEU D 146 12.33 -18.78 -47.36
N LEU D 147 12.76 -19.74 -48.17
CA LEU D 147 13.95 -19.57 -48.99
C LEU D 147 13.69 -18.81 -50.28
N SER D 148 12.43 -18.53 -50.61
CA SER D 148 12.10 -17.86 -51.86
C SER D 148 12.61 -16.42 -51.86
N GLU D 149 13.05 -15.97 -53.03
CA GLU D 149 13.54 -14.59 -53.17
C GLU D 149 12.42 -13.58 -52.98
N ASN D 150 11.20 -13.91 -53.43
CA ASN D 150 10.09 -12.97 -53.29
C ASN D 150 9.78 -12.71 -51.82
N PHE D 151 9.84 -13.75 -50.99
CA PHE D 151 9.50 -13.60 -49.58
C PHE D 151 10.50 -12.72 -48.86
N PHE D 152 11.79 -12.84 -49.20
CA PHE D 152 12.81 -12.08 -48.48
C PHE D 152 12.77 -10.60 -48.83
N TYR D 153 12.72 -10.27 -50.12
CA TYR D 153 12.81 -8.88 -50.54
C TYR D 153 11.52 -8.11 -50.28
N SER D 154 10.39 -8.78 -50.21
CA SER D 154 9.11 -8.10 -50.01
C SER D 154 8.66 -8.05 -48.56
N TYR D 155 8.98 -9.07 -47.76
CA TYR D 155 8.52 -9.15 -46.39
C TYR D 155 9.60 -8.89 -45.35
N ILE D 156 10.86 -9.21 -45.66
CA ILE D 156 11.94 -9.07 -44.69
C ILE D 156 12.74 -7.79 -44.95
N LYS D 157 13.46 -7.76 -46.08
CA LYS D 157 14.32 -6.61 -46.36
C LYS D 157 13.54 -5.30 -46.52
N SER D 158 12.25 -5.39 -46.86
CA SER D 158 11.42 -4.19 -46.93
C SER D 158 11.06 -3.66 -45.56
N GLY D 159 11.30 -4.42 -44.49
CA GLY D 159 10.89 -4.01 -43.15
C GLY D 159 9.44 -4.23 -42.83
N GLU D 160 8.69 -4.95 -43.69
CA GLU D 160 7.28 -5.17 -43.44
C GLU D 160 7.04 -6.05 -42.22
N PHE D 161 7.95 -6.98 -41.93
CA PHE D 161 7.74 -7.89 -40.80
C PHE D 161 7.84 -7.19 -39.47
N LEU D 162 8.50 -6.04 -39.40
CA LEU D 162 8.61 -5.28 -38.16
C LEU D 162 7.45 -4.32 -37.94
N THR D 163 6.38 -4.44 -38.72
CA THR D 163 5.18 -3.64 -38.51
C THR D 163 4.00 -4.44 -38.00
N TYR D 164 4.05 -5.77 -38.07
CA TYR D 164 2.98 -6.61 -37.55
C TYR D 164 3.16 -6.80 -36.05
N GLN D 165 2.09 -6.57 -35.29
CA GLN D 165 2.17 -6.68 -33.83
C GLN D 165 2.56 -8.07 -33.36
N GLU D 166 2.29 -9.11 -34.17
CA GLU D 166 2.66 -10.47 -33.79
C GLU D 166 4.16 -10.62 -33.66
N ASN D 167 4.94 -9.90 -34.47
CA ASN D 167 6.39 -10.00 -34.43
C ASN D 167 7.03 -9.07 -33.41
N LEU D 168 6.30 -8.06 -32.93
CA LEU D 168 6.81 -7.15 -31.91
C LEU D 168 6.31 -7.50 -30.51
N SER D 169 5.80 -8.71 -30.32
CA SER D 169 5.27 -9.16 -29.05
C SER D 169 6.16 -10.27 -28.50
N PHE D 170 6.73 -10.05 -27.32
CA PHE D 170 7.60 -11.01 -26.68
C PHE D 170 7.05 -11.37 -25.30
N TYR D 171 7.23 -12.63 -24.91
CA TYR D 171 6.68 -13.14 -23.67
C TYR D 171 7.79 -13.71 -22.79
N ASP D 172 7.61 -13.58 -21.48
CA ASP D 172 8.58 -14.09 -20.52
C ASP D 172 8.41 -15.60 -20.34
N ARG D 173 9.50 -16.25 -19.95
CA ARG D 173 9.48 -17.67 -19.63
C ARG D 173 10.70 -17.98 -18.76
N THR D 174 10.46 -18.61 -17.62
CA THR D 174 11.52 -18.97 -16.68
C THR D 174 11.85 -20.45 -16.86
N ILE D 175 13.06 -20.73 -17.32
CA ILE D 175 13.53 -22.09 -17.48
C ILE D 175 14.41 -22.45 -16.29
N GLN D 176 14.66 -23.74 -16.12
CA GLN D 176 15.46 -24.22 -14.99
C GLN D 176 16.94 -24.14 -15.32
N LYS D 177 17.70 -23.44 -14.49
CA LYS D 177 19.13 -23.28 -14.69
C LYS D 177 19.90 -24.48 -14.14
N HIS D 179 21.50 -25.42 -10.19
CA HIS D 179 21.05 -25.89 -8.89
C HIS D 179 19.70 -25.28 -8.53
N GLY D 180 18.75 -25.39 -9.45
CA GLY D 180 17.42 -24.87 -9.22
C GLY D 180 17.36 -23.36 -9.20
N ALA D 181 18.01 -22.72 -10.17
CA ALA D 181 18.03 -21.28 -10.28
C ALA D 181 17.10 -20.81 -11.41
N TYR D 182 16.64 -19.58 -11.28
CA TYR D 182 15.72 -18.99 -12.25
C TYR D 182 16.52 -18.35 -13.38
N ARG D 183 16.28 -18.83 -14.60
CA ARG D 183 16.86 -18.25 -15.82
C ARG D 183 15.73 -17.58 -16.59
N GLN D 184 15.62 -16.26 -16.42
CA GLN D 184 14.56 -15.49 -17.08
C GLN D 184 14.90 -15.34 -18.56
N THR D 185 14.10 -15.96 -19.43
CA THR D 185 14.28 -15.88 -20.86
C THR D 185 13.11 -15.13 -21.49
N ARG D 186 13.25 -14.86 -22.80
CA ARG D 186 12.24 -14.18 -23.58
C ARG D 186 11.89 -15.04 -24.81
N ILE D 187 10.60 -15.10 -25.13
CA ILE D 187 10.10 -15.86 -26.27
C ILE D 187 9.83 -14.89 -27.41
N VAL D 188 10.43 -15.15 -28.57
CA VAL D 188 10.25 -14.30 -29.75
C VAL D 188 9.44 -15.07 -30.78
N SER D 189 8.79 -14.32 -31.67
CA SER D 189 8.03 -14.93 -32.75
C SER D 189 8.96 -15.73 -33.66
N PRO D 190 8.44 -16.76 -34.34
CA PRO D 190 9.32 -17.58 -35.20
C PRO D 190 10.05 -16.78 -36.26
N ILE D 191 9.41 -15.75 -36.83
CA ILE D 191 10.10 -14.91 -37.82
C ILE D 191 11.22 -14.14 -37.15
N ILE D 192 10.97 -13.57 -35.97
CA ILE D 192 12.01 -12.86 -35.24
C ILE D 192 13.12 -13.82 -34.82
N TYR D 193 12.78 -15.07 -34.52
CA TYR D 193 13.78 -16.06 -34.18
C TYR D 193 14.77 -16.26 -35.32
N ILE D 194 14.26 -16.37 -36.56
CA ILE D 194 15.13 -16.53 -37.71
C ILE D 194 15.97 -15.26 -37.94
N PHE D 195 15.34 -14.10 -37.78
CA PHE D 195 16.04 -12.84 -38.06
C PHE D 195 17.23 -12.64 -37.14
N LEU D 196 17.12 -13.09 -35.88
CA LEU D 196 18.23 -12.95 -34.94
C LEU D 196 19.44 -13.73 -35.42
N ILE D 197 19.23 -14.90 -36.01
CA ILE D 197 20.34 -15.67 -36.55
C ILE D 197 20.76 -15.18 -37.93
N ALA D 198 19.84 -14.53 -38.66
CA ALA D 198 20.22 -13.94 -39.94
C ALA D 198 21.19 -12.79 -39.75
N ILE D 199 21.01 -12.01 -38.68
CA ILE D 199 21.97 -10.97 -38.33
C ILE D 199 23.35 -11.56 -38.11
N ALA D 200 23.42 -12.69 -37.40
CA ALA D 200 24.70 -13.32 -37.14
C ALA D 200 25.37 -13.80 -38.42
N SER D 201 24.58 -14.26 -39.38
CA SER D 201 25.16 -14.75 -40.64
C SER D 201 25.84 -13.62 -41.40
N GLN D 202 25.24 -12.43 -41.39
CA GLN D 202 25.88 -11.28 -42.03
C GLN D 202 27.11 -10.84 -41.25
N VAL D 203 27.02 -10.84 -39.92
CA VAL D 203 28.18 -10.44 -39.10
C VAL D 203 29.33 -11.42 -39.28
N GLU D 204 29.02 -12.72 -39.34
CA GLU D 204 30.07 -13.71 -39.57
C GLU D 204 30.78 -13.48 -40.89
N ARG D 205 30.09 -12.91 -41.88
CA ARG D 205 30.71 -12.66 -43.17
C ARG D 205 31.64 -11.45 -43.16
N ILE D 206 31.40 -10.49 -42.26
CA ILE D 206 32.07 -9.19 -42.32
C ILE D 206 32.84 -8.86 -41.06
N TYR D 207 32.87 -9.75 -40.06
CA TYR D 207 33.63 -9.49 -38.84
C TYR D 207 34.96 -10.24 -38.89
N VAL D 208 36.04 -9.52 -38.60
CA VAL D 208 37.38 -10.08 -38.57
C VAL D 208 37.72 -10.39 -37.12
N GLU D 209 37.88 -11.68 -36.81
CA GLU D 209 38.20 -12.10 -35.45
C GLU D 209 39.57 -11.59 -35.05
N LYS D 210 39.67 -11.01 -33.84
CA LYS D 210 40.95 -10.57 -33.33
C LYS D 210 41.71 -11.68 -32.62
N ARG D 211 41.00 -12.66 -32.06
CA ARG D 211 41.66 -13.80 -31.44
C ARG D 211 42.34 -14.66 -32.50
N THR D 212 43.35 -15.41 -32.08
CA THR D 212 44.17 -16.18 -33.00
C THR D 212 43.79 -17.66 -32.94
N ASN D 213 44.57 -18.48 -33.63
CA ASN D 213 44.37 -19.92 -33.62
C ASN D 213 44.92 -20.58 -32.37
N ASP D 214 45.51 -19.81 -31.45
CA ASP D 214 45.80 -20.32 -30.12
C ASP D 214 44.53 -20.63 -29.33
N MET D 215 43.35 -20.27 -29.85
CA MET D 215 42.10 -20.49 -29.15
C MET D 215 41.05 -21.02 -30.11
N SER D 216 40.33 -22.05 -29.67
CA SER D 216 39.17 -22.56 -30.38
C SER D 216 37.92 -22.07 -29.67
N VAL D 217 36.97 -21.53 -30.43
CA VAL D 217 35.75 -20.96 -29.88
C VAL D 217 34.55 -21.69 -30.48
N TYR D 218 33.57 -21.99 -29.63
CA TYR D 218 32.34 -22.63 -30.05
C TYR D 218 31.16 -21.91 -29.42
N PHE D 219 30.04 -21.88 -30.15
CA PHE D 219 28.79 -21.33 -29.64
C PHE D 219 27.68 -22.33 -29.90
N SER D 220 26.47 -21.98 -29.45
CA SER D 220 25.29 -22.84 -29.62
C SER D 220 24.88 -22.78 -31.09
N GLY D 221 25.55 -23.59 -31.90
CA GLY D 221 25.35 -23.57 -33.34
C GLY D 221 26.66 -23.61 -34.10
N SER D 222 26.60 -23.69 -35.43
CA SER D 222 27.79 -23.77 -36.24
C SER D 222 27.57 -23.04 -37.56
N PHE D 223 28.68 -22.58 -38.15
CA PHE D 223 28.66 -21.93 -39.46
C PHE D 223 29.65 -22.60 -40.41
N GLU D 224 29.91 -23.89 -40.20
CA GLU D 224 30.87 -24.61 -41.00
C GLU D 224 30.42 -24.68 -42.46
N LYS D 225 31.34 -25.13 -43.32
CA LYS D 225 31.09 -25.14 -44.75
C LYS D 225 29.90 -26.03 -45.10
N GLU D 226 29.97 -27.30 -44.74
CA GLU D 226 28.91 -28.25 -45.03
C GLU D 226 28.20 -28.73 -43.76
N LYS D 227 28.44 -28.07 -42.62
CA LYS D 227 27.84 -28.50 -41.36
C LYS D 227 27.06 -27.36 -40.72
N ASN D 228 26.22 -26.69 -41.50
CA ASN D 228 25.38 -25.62 -40.96
C ASN D 228 24.28 -26.22 -40.09
N THR D 229 24.13 -25.67 -38.88
CA THR D 229 23.09 -26.15 -37.97
C THR D 229 22.81 -25.07 -36.93
N ALA D 230 21.53 -24.90 -36.62
CA ALA D 230 21.10 -24.03 -35.54
C ALA D 230 20.98 -24.77 -34.21
N HIS D 231 21.37 -26.05 -34.18
CA HIS D 231 21.34 -26.86 -32.97
C HIS D 231 22.76 -27.06 -32.44
N TYR D 232 22.86 -27.12 -31.12
CA TYR D 232 24.16 -27.21 -30.47
C TYR D 232 24.75 -28.62 -30.43
N LYS D 233 24.05 -29.61 -31.00
CA LYS D 233 24.43 -31.00 -30.80
C LYS D 233 25.85 -31.29 -31.30
N GLN D 234 26.24 -30.71 -32.42
CA GLN D 234 27.54 -31.03 -33.00
C GLN D 234 28.65 -30.06 -32.61
N SER D 235 28.33 -28.76 -32.43
CA SER D 235 29.35 -27.84 -31.96
C SER D 235 29.76 -28.15 -30.52
N TYR D 236 28.81 -28.61 -29.70
CA TYR D 236 29.16 -29.03 -28.35
C TYR D 236 29.88 -30.37 -28.35
N ASN D 237 29.51 -31.27 -29.28
CA ASN D 237 30.22 -32.54 -29.39
C ASN D 237 31.67 -32.31 -29.84
N THR D 238 31.89 -31.35 -30.74
CA THR D 238 33.25 -31.01 -31.12
C THR D 238 33.98 -30.29 -29.98
N TYR D 239 33.25 -29.48 -29.19
CA TYR D 239 33.85 -28.83 -28.04
C TYR D 239 34.30 -29.85 -27.00
N MET D 240 33.48 -30.88 -26.75
CA MET D 240 33.86 -31.92 -25.81
C MET D 240 35.06 -32.71 -26.32
N THR D 241 35.09 -33.01 -27.63
CA THR D 241 36.21 -33.73 -28.19
C THR D 241 37.49 -32.90 -28.12
N GLU D 242 37.39 -31.58 -28.28
CA GLU D 242 38.56 -30.73 -28.20
C GLU D 242 39.14 -30.70 -26.79
N LEU D 243 38.27 -30.70 -25.78
CA LEU D 243 38.76 -30.77 -24.40
C LEU D 243 39.48 -32.08 -24.14
N ASN D 244 39.01 -33.17 -24.73
CA ASN D 244 39.67 -34.46 -24.55
C ASN D 244 41.05 -34.46 -25.18
N ALA D 245 41.20 -33.86 -26.35
CA ALA D 245 42.51 -33.77 -26.98
C ALA D 245 43.47 -32.93 -26.14
N CYS D 246 43.00 -31.78 -25.65
CA CYS D 246 43.82 -30.96 -24.78
C CYS D 246 44.13 -31.64 -23.45
N GLN D 247 43.32 -32.62 -23.05
CA GLN D 247 43.58 -33.33 -21.81
C GLN D 247 44.85 -34.17 -21.90
N GLU D 248 45.10 -34.78 -23.06
CA GLU D 248 46.26 -35.64 -23.21
C GLU D 248 47.52 -34.85 -23.54
N GLU D 249 47.39 -33.72 -24.24
CA GLU D 249 48.57 -32.97 -24.67
C GLU D 249 49.16 -32.13 -23.54
N PHE D 250 48.31 -31.43 -22.80
CA PHE D 250 48.76 -30.47 -21.79
C PHE D 250 48.74 -31.08 -20.39
N ASP D 251 49.35 -30.36 -19.45
CA ASP D 251 49.51 -30.82 -18.08
C ASP D 251 48.44 -30.28 -17.15
N TYR D 252 48.18 -28.98 -17.17
CA TYR D 252 47.22 -28.36 -16.28
C TYR D 252 46.22 -27.55 -17.09
N TYR D 253 45.10 -27.22 -16.45
CA TYR D 253 44.06 -26.42 -17.09
C TYR D 253 43.46 -25.45 -16.08
N PHE D 254 42.91 -24.35 -16.59
CA PHE D 254 42.27 -23.32 -15.80
C PHE D 254 40.90 -23.04 -16.39
N GLN D 255 39.87 -23.12 -15.56
CA GLN D 255 38.49 -22.91 -15.98
C GLN D 255 37.94 -21.63 -15.38
N THR D 256 37.23 -20.86 -16.20
CA THR D 256 36.62 -19.62 -15.76
C THR D 256 35.35 -19.37 -16.54
N ASP D 257 34.32 -18.87 -15.86
CA ASP D 257 33.03 -18.56 -16.46
C ASP D 257 32.69 -17.09 -16.17
N PHE D 258 31.48 -16.70 -16.56
CA PHE D 258 31.01 -15.33 -16.36
C PHE D 258 29.65 -15.34 -15.67
N SER D 259 29.44 -14.35 -14.80
CA SER D 259 28.21 -14.25 -14.03
C SER D 259 27.19 -13.44 -14.82
N THR D 260 26.04 -14.06 -15.11
CA THR D 260 24.97 -13.44 -15.89
C THR D 260 25.53 -12.78 -17.14
N PHE D 261 26.03 -13.65 -18.02
CA PHE D 261 26.78 -13.18 -19.19
C PHE D 261 25.89 -12.34 -20.10
N PHE D 262 24.77 -12.90 -20.56
CA PHE D 262 23.93 -12.22 -21.55
C PHE D 262 23.38 -10.91 -20.99
N HIS D 263 22.81 -10.95 -19.79
CA HIS D 263 22.16 -9.76 -19.23
C HIS D 263 23.12 -8.62 -18.96
N LEU D 264 24.43 -8.87 -18.98
CA LEU D 264 25.43 -7.83 -18.76
C LEU D 264 26.09 -7.35 -20.04
N VAL D 265 25.67 -7.85 -21.20
CA VAL D 265 26.24 -7.45 -22.48
C VAL D 265 25.63 -6.12 -22.90
N ASP D 266 26.49 -5.19 -23.32
CA ASP D 266 26.04 -3.93 -23.89
C ASP D 266 25.77 -4.13 -25.38
N THR D 267 24.50 -4.14 -25.76
CA THR D 267 24.15 -4.46 -27.14
C THR D 267 24.67 -3.41 -28.11
N ASP D 268 24.58 -2.13 -27.76
CA ASP D 268 25.09 -1.08 -28.63
C ASP D 268 26.60 -1.22 -28.82
N ASN D 269 27.32 -1.55 -27.75
CA ASN D 269 28.76 -1.77 -27.86
C ASN D 269 29.08 -3.02 -28.67
N LEU D 270 28.19 -4.02 -28.63
CA LEU D 270 28.42 -5.24 -29.39
C LEU D 270 28.45 -4.96 -30.89
N PHE D 271 27.45 -4.25 -31.39
CA PHE D 271 27.35 -3.99 -32.82
C PHE D 271 28.34 -2.92 -33.29
N ASN D 272 28.78 -2.03 -32.41
CA ASN D 272 29.81 -1.07 -32.79
C ASN D 272 31.17 -1.72 -32.96
N LYS D 273 31.34 -2.94 -32.44
CA LYS D 273 32.58 -3.67 -32.66
C LYS D 273 32.71 -4.14 -34.11
N ILE D 274 31.59 -4.45 -34.76
CA ILE D 274 31.60 -4.82 -36.17
C ILE D 274 31.78 -3.54 -36.99
N ASP D 275 33.03 -3.14 -37.19
CA ASP D 275 33.30 -1.84 -37.82
C ASP D 275 32.84 -1.80 -39.28
N ARG D 276 32.81 -2.95 -39.94
CA ARG D 276 32.44 -2.98 -41.35
C ARG D 276 30.94 -3.02 -41.59
N LEU D 277 30.14 -3.02 -40.52
CA LEU D 277 28.69 -2.96 -40.65
C LEU D 277 28.25 -1.50 -40.61
N ASP D 278 27.36 -1.13 -41.53
CA ASP D 278 26.93 0.25 -41.62
C ASP D 278 26.06 0.62 -40.41
N PRO D 279 26.05 1.90 -40.02
CA PRO D 279 25.22 2.30 -38.87
C PRO D 279 23.73 2.14 -39.10
N LYS D 280 23.28 2.18 -40.36
CA LYS D 280 21.86 2.00 -40.65
C LYS D 280 21.38 0.63 -40.17
N SER D 281 22.07 -0.44 -40.59
CA SER D 281 21.70 -1.77 -40.15
C SER D 281 22.02 -2.00 -38.68
N ALA D 282 23.08 -1.36 -38.18
CA ALA D 282 23.43 -1.53 -36.77
C ALA D 282 22.36 -0.96 -35.86
N LEU D 283 21.69 0.11 -36.28
CA LEU D 283 20.64 0.69 -35.45
C LEU D 283 19.42 -0.21 -35.36
N VAL D 284 19.06 -0.85 -36.48
CA VAL D 284 17.89 -1.73 -36.48
C VAL D 284 18.17 -2.99 -35.69
N TYR D 285 19.35 -3.59 -35.89
CA TYR D 285 19.67 -4.84 -35.20
C TYR D 285 19.74 -4.63 -33.70
N SER D 286 20.32 -3.51 -33.25
CA SER D 286 20.39 -3.23 -31.83
C SER D 286 19.01 -2.93 -31.26
N SER D 287 18.22 -2.12 -31.96
CA SER D 287 16.90 -1.74 -31.46
C SER D 287 15.99 -2.95 -31.30
N LEU D 288 16.05 -3.90 -32.24
CA LEU D 288 15.20 -5.08 -32.14
C LEU D 288 15.63 -5.97 -30.97
N ILE D 289 16.92 -6.21 -30.82
CA ILE D 289 17.41 -7.05 -29.74
C ILE D 289 17.12 -6.40 -28.39
N LYS D 290 17.35 -5.09 -28.27
CA LYS D 290 17.03 -4.40 -27.03
C LYS D 290 15.53 -4.37 -26.78
N MET D 291 14.72 -4.37 -27.85
CA MET D 291 13.26 -4.43 -27.67
C MET D 291 12.83 -5.75 -27.03
N ILE D 292 13.46 -6.86 -27.45
CA ILE D 292 13.15 -8.16 -26.86
C ILE D 292 13.50 -8.17 -25.37
N GLY D 293 14.67 -7.65 -25.03
CA GLY D 293 15.13 -7.61 -23.66
C GLY D 293 14.62 -6.45 -22.84
N GLN D 294 13.61 -5.74 -23.34
CA GLN D 294 13.01 -4.59 -22.65
C GLN D 294 14.06 -3.55 -22.28
N GLY D 295 15.08 -3.38 -23.12
CA GLY D 295 16.14 -2.41 -22.89
C GLY D 295 17.53 -2.99 -22.79
N ARG D 296 17.67 -4.31 -22.61
CA ARG D 296 18.98 -4.94 -22.45
C ARG D 296 19.05 -6.19 -23.33
N MET D 297 20.18 -6.90 -23.22
CA MET D 297 20.38 -8.12 -24.00
C MET D 297 19.49 -9.24 -23.47
N PRO D 298 18.54 -9.74 -24.25
CA PRO D 298 17.67 -10.82 -23.76
C PRO D 298 18.35 -12.18 -23.86
N ILE D 299 17.67 -13.18 -23.32
CA ILE D 299 18.09 -14.57 -23.43
C ILE D 299 17.01 -15.28 -24.24
N VAL D 300 17.30 -15.54 -25.51
CA VAL D 300 16.41 -16.34 -26.37
C VAL D 300 16.92 -17.77 -26.37
N ASP D 301 16.10 -18.68 -25.86
CA ASP D 301 16.51 -20.07 -25.62
C ASP D 301 17.06 -20.73 -26.88
N GLY D 302 18.38 -20.87 -26.94
CA GLY D 302 19.03 -21.61 -28.00
C GLY D 302 19.26 -20.86 -29.29
N ASN D 303 18.97 -19.56 -29.33
CA ASN D 303 19.15 -18.77 -30.54
C ASN D 303 20.61 -18.74 -30.96
N SER D 304 20.93 -19.38 -32.10
CA SER D 304 22.31 -19.43 -32.56
C SER D 304 22.86 -18.04 -32.85
N GLY D 305 21.99 -17.11 -33.26
CA GLY D 305 22.45 -15.77 -33.59
C GLY D 305 23.01 -15.03 -32.38
N LEU D 306 22.24 -14.99 -31.29
CA LEU D 306 22.71 -14.34 -30.07
C LEU D 306 23.91 -15.07 -29.47
N SER D 307 23.96 -16.40 -29.61
CA SER D 307 25.09 -17.15 -29.12
C SER D 307 26.37 -16.76 -29.85
N PHE D 308 26.32 -16.74 -31.19
CA PHE D 308 27.49 -16.37 -31.97
C PHE D 308 27.89 -14.93 -31.72
N LEU D 309 26.91 -14.02 -31.71
CA LEU D 309 27.21 -12.60 -31.57
C LEU D 309 27.84 -12.29 -30.22
N ASN D 310 27.37 -12.96 -29.16
CA ASN D 310 27.88 -12.69 -27.83
C ASN D 310 29.18 -13.44 -27.52
N THR D 311 29.44 -14.54 -28.22
CA THR D 311 30.64 -15.34 -27.99
C THR D 311 31.78 -14.97 -28.93
N VAL D 312 31.51 -14.79 -30.22
CA VAL D 312 32.58 -14.56 -31.19
C VAL D 312 32.95 -13.08 -31.23
N VAL D 313 31.97 -12.19 -31.20
CA VAL D 313 32.23 -10.76 -31.35
C VAL D 313 32.47 -10.09 -30.00
N TYR D 314 31.52 -10.24 -29.06
CA TYR D 314 31.59 -9.48 -27.82
C TYR D 314 32.80 -9.88 -26.99
N LEU D 315 33.13 -11.17 -26.95
CA LEU D 315 34.26 -11.66 -26.16
C LEU D 315 35.55 -11.65 -26.95
N ASP D 316 35.58 -11.05 -28.14
CA ASP D 316 36.78 -11.07 -28.96
C ASP D 316 37.90 -10.23 -28.34
N ASP D 317 37.58 -9.00 -27.95
CA ASP D 317 38.59 -8.12 -27.37
C ASP D 317 39.20 -8.72 -26.11
N PHE D 318 38.36 -9.32 -25.26
CA PHE D 318 38.87 -9.94 -24.03
C PHE D 318 39.75 -11.14 -24.35
N ASP D 319 39.31 -11.99 -25.28
CA ASP D 319 40.04 -13.22 -25.57
C ASP D 319 41.42 -12.93 -26.16
N LYS D 320 41.51 -11.92 -27.05
CA LYS D 320 42.80 -11.61 -27.64
C LYS D 320 43.79 -11.06 -26.61
N GLU D 321 43.31 -10.20 -25.71
CA GLU D 321 44.18 -9.64 -24.68
C GLU D 321 44.70 -10.74 -23.74
N ILE D 322 43.88 -11.75 -23.49
CA ILE D 322 44.33 -12.88 -22.69
C ILE D 322 45.42 -13.66 -23.41
N ILE D 323 45.22 -13.91 -24.71
CA ILE D 323 46.20 -14.66 -25.49
C ILE D 323 47.52 -13.88 -25.57
N ASP D 324 47.43 -12.55 -25.66
CA ASP D 324 48.66 -11.75 -25.77
C ASP D 324 49.47 -11.80 -24.48
N SER D 325 48.79 -11.74 -23.33
CA SER D 325 49.52 -11.75 -22.06
C SER D 325 50.08 -13.12 -21.72
N LEU D 326 49.39 -14.20 -22.11
CA LEU D 326 49.90 -15.53 -21.82
C LEU D 326 51.19 -15.81 -22.58
N LYS D 327 51.36 -15.20 -23.76
CA LYS D 327 52.56 -15.42 -24.54
C LYS D 327 53.79 -14.75 -23.95
N THR D 328 53.60 -13.76 -23.06
CA THR D 328 54.72 -13.08 -22.41
C THR D 328 55.23 -13.82 -21.18
N ILE D 329 54.43 -14.70 -20.60
CA ILE D 329 54.85 -15.47 -19.43
C ILE D 329 55.80 -16.57 -19.89
N VAL D 330 57.06 -16.47 -19.44
CA VAL D 330 58.08 -17.44 -19.84
C VAL D 330 57.84 -18.81 -19.21
N GLU D 331 57.14 -18.86 -18.08
CA GLU D 331 56.96 -20.12 -17.37
C GLU D 331 56.05 -21.09 -18.12
N ILE D 332 55.29 -20.62 -19.10
CA ILE D 332 54.39 -21.45 -19.88
C ILE D 332 55.11 -21.89 -21.15
N GLU D 333 55.32 -23.20 -21.28
CA GLU D 333 55.94 -23.73 -22.49
C GLU D 333 55.02 -23.58 -23.69
N SER D 334 53.78 -24.06 -23.58
CA SER D 334 52.78 -23.91 -24.62
C SER D 334 51.41 -23.93 -23.98
N PHE D 335 50.46 -23.23 -24.60
CA PHE D 335 49.11 -23.12 -24.06
C PHE D 335 48.10 -23.20 -25.19
N LYS D 336 46.84 -23.40 -24.81
CA LYS D 336 45.73 -23.47 -25.75
C LYS D 336 44.46 -23.08 -25.01
N LEU D 337 43.63 -22.27 -25.65
CA LEU D 337 42.38 -21.79 -25.07
C LEU D 337 41.22 -22.46 -25.78
N VAL D 338 40.25 -22.94 -24.99
CA VAL D 338 39.03 -23.54 -25.54
C VAL D 338 37.85 -22.84 -24.90
N ARG D 339 36.97 -22.28 -25.72
CA ARG D 339 35.84 -21.49 -25.26
C ARG D 339 34.53 -22.06 -25.80
N TYR D 340 33.53 -22.15 -24.92
CA TYR D 340 32.17 -22.49 -25.31
C TYR D 340 31.24 -21.46 -24.69
N VAL D 341 30.73 -20.56 -25.52
CA VAL D 341 29.90 -19.43 -25.07
C VAL D 341 30.67 -18.64 -24.02
N ASP D 342 30.34 -18.84 -22.75
CA ASP D 342 31.00 -18.13 -21.66
C ASP D 342 32.01 -18.99 -20.91
N ASP D 343 32.06 -20.28 -21.16
CA ASP D 343 32.97 -21.18 -20.47
C ASP D 343 34.32 -21.18 -21.19
N LEU D 344 35.38 -20.88 -20.45
CA LEU D 344 36.73 -20.78 -21.00
C LEU D 344 37.66 -21.72 -20.26
N HIS D 345 38.42 -22.51 -21.00
CA HIS D 345 39.45 -23.39 -20.45
C HIS D 345 40.82 -22.93 -20.94
N ILE D 346 41.79 -22.91 -20.03
CA ILE D 346 43.15 -22.48 -20.34
C ILE D 346 44.07 -23.67 -20.05
N PHE D 347 44.35 -24.48 -21.06
CA PHE D 347 45.28 -25.58 -20.92
C PHE D 347 46.70 -25.08 -21.09
N ILE D 348 47.60 -25.49 -20.19
CA ILE D 348 48.98 -25.04 -20.22
C ILE D 348 49.91 -26.23 -20.01
N LYS D 349 51.10 -26.13 -20.58
CA LYS D 349 52.20 -27.06 -20.35
C LYS D 349 53.33 -26.28 -19.69
N CYS D 350 53.69 -26.67 -18.48
CA CYS D 350 54.65 -25.92 -17.69
C CYS D 350 55.35 -26.85 -16.71
N ALA D 351 56.19 -26.26 -15.86
CA ALA D 351 56.88 -26.99 -14.80
C ALA D 351 56.01 -27.02 -13.55
N ASN D 352 56.14 -28.11 -12.79
CA ASN D 352 55.35 -28.27 -11.57
C ASN D 352 55.70 -27.23 -10.52
N LYS D 353 56.91 -26.68 -10.55
CA LYS D 353 57.31 -25.71 -9.53
C LYS D 353 56.59 -24.39 -9.71
N ASP D 354 56.36 -23.97 -10.95
CA ASP D 354 55.76 -22.67 -11.23
C ASP D 354 54.23 -22.67 -11.07
N LEU D 355 53.65 -23.70 -10.48
CA LEU D 355 52.20 -23.78 -10.37
C LEU D 355 51.63 -22.65 -9.53
N ASP D 356 52.32 -22.30 -8.44
CA ASP D 356 51.82 -21.24 -7.56
C ASP D 356 51.94 -19.87 -8.22
N PHE D 357 53.07 -19.59 -8.85
CA PHE D 357 53.27 -18.30 -9.50
C PHE D 357 52.34 -18.13 -10.70
N LEU D 358 52.08 -19.22 -11.43
CA LEU D 358 51.20 -19.13 -12.60
C LEU D 358 49.76 -18.89 -12.18
N ASN D 359 49.31 -19.51 -11.08
CA ASN D 359 48.00 -19.22 -10.54
C ASN D 359 47.89 -17.74 -10.15
N TYR D 360 48.93 -17.21 -9.52
CA TYR D 360 48.96 -15.79 -9.18
C TYR D 360 48.92 -14.93 -10.44
N LYS D 361 49.66 -15.34 -11.48
CA LYS D 361 49.75 -14.52 -12.69
C LYS D 361 48.48 -14.63 -13.54
N VAL D 362 47.94 -15.83 -13.72
CA VAL D 362 46.83 -16.03 -14.64
C VAL D 362 45.52 -15.55 -14.03
N TYR D 363 45.30 -15.83 -12.74
CA TYR D 363 44.04 -15.44 -12.10
C TYR D 363 43.87 -13.92 -12.12
N ASN D 364 44.90 -13.19 -11.70
CA ASN D 364 44.80 -11.74 -11.68
C ASN D 364 44.73 -11.16 -13.09
N LEU D 365 45.38 -11.81 -14.05
CA LEU D 365 45.25 -11.39 -15.44
C LEU D 365 43.83 -11.57 -15.93
N LEU D 366 43.20 -12.70 -15.58
CA LEU D 366 41.80 -12.90 -15.93
C LEU D 366 40.89 -11.89 -15.25
N CYS D 367 41.26 -11.42 -14.05
CA CYS D 367 40.45 -10.44 -13.35
C CYS D 367 40.64 -9.04 -13.92
N GLU D 368 41.88 -8.69 -14.25
CA GLU D 368 42.16 -7.34 -14.76
C GLU D 368 41.56 -7.13 -16.15
N LYS D 369 41.62 -8.14 -17.00
CA LYS D 369 41.07 -7.99 -18.34
C LYS D 369 39.54 -8.03 -18.34
N ALA D 370 38.95 -8.93 -17.55
CA ALA D 370 37.50 -9.01 -17.48
C ALA D 370 36.91 -7.71 -16.95
N THR D 371 37.46 -7.20 -15.85
CA THR D 371 37.02 -5.92 -15.32
C THR D 371 37.21 -4.79 -16.31
N LYS D 372 38.21 -4.92 -17.20
CA LYS D 372 38.45 -3.89 -18.20
C LYS D 372 37.34 -3.88 -19.25
N HIS D 373 36.84 -5.05 -19.63
CA HIS D 373 35.81 -5.18 -20.67
C HIS D 373 34.42 -5.36 -20.07
N HIS D 374 34.21 -4.91 -18.84
CA HIS D 374 32.90 -4.93 -18.19
C HIS D 374 32.35 -6.34 -18.04
N LEU D 375 33.24 -7.32 -17.87
CA LEU D 375 32.84 -8.71 -17.64
C LEU D 375 32.99 -9.04 -16.17
N GLU D 376 32.08 -9.87 -15.66
CA GLU D 376 32.07 -10.28 -14.26
C GLU D 376 32.49 -11.75 -14.17
N ILE D 377 33.59 -12.01 -13.47
CA ILE D 377 34.10 -13.37 -13.34
C ILE D 377 33.25 -14.13 -12.33
N ASN D 378 32.75 -15.29 -12.75
CA ASN D 378 32.00 -16.18 -11.86
C ASN D 378 32.98 -16.80 -10.86
N SER D 379 33.01 -16.26 -9.65
CA SER D 379 33.96 -16.74 -8.64
C SER D 379 33.65 -18.18 -8.22
N SER D 380 32.38 -18.58 -8.30
CA SER D 380 32.00 -19.93 -7.87
C SER D 380 32.51 -20.98 -8.85
N LYS D 381 32.32 -20.76 -10.15
CA LYS D 381 32.72 -21.71 -11.18
C LYS D 381 34.11 -21.42 -11.75
N THR D 382 35.01 -20.85 -10.95
CA THR D 382 36.38 -20.57 -11.38
C THR D 382 37.33 -21.31 -10.43
N LYS D 383 38.05 -22.29 -10.98
CA LYS D 383 39.01 -23.06 -10.21
C LYS D 383 40.43 -22.75 -10.70
N SER D 384 41.40 -22.94 -9.79
CA SER D 384 42.79 -22.69 -10.13
C SER D 384 43.30 -23.75 -11.10
N PHE D 385 44.60 -23.69 -11.39
CA PHE D 385 45.21 -24.64 -12.32
C PHE D 385 45.18 -26.04 -11.73
N THR D 386 44.45 -26.94 -12.40
CA THR D 386 44.26 -28.31 -11.97
C THR D 386 44.90 -29.27 -12.98
N PRO D 387 45.51 -30.36 -12.52
CA PRO D 387 46.02 -31.37 -13.46
C PRO D 387 44.95 -31.84 -14.43
N THR D 388 45.36 -32.09 -15.67
CA THR D 388 44.38 -32.44 -16.71
C THR D 388 43.75 -33.79 -16.46
N SER D 389 44.46 -34.69 -15.76
CA SER D 389 43.91 -36.01 -15.47
C SER D 389 42.61 -35.95 -14.69
N GLU D 390 42.36 -34.86 -13.96
CA GLU D 390 41.13 -34.67 -13.20
C GLU D 390 40.03 -34.02 -14.01
N LEU D 391 40.05 -34.17 -15.33
CA LEU D 391 39.03 -33.57 -16.19
C LEU D 391 38.41 -34.62 -17.12
N SER D 416 21.04 -50.28 -11.48
CA SER D 416 19.97 -51.28 -11.39
C SER D 416 18.65 -50.61 -11.04
N LYS D 417 17.56 -51.39 -11.15
CA LYS D 417 16.24 -50.85 -10.82
C LYS D 417 16.10 -50.58 -9.32
N ASN D 418 16.83 -51.31 -8.49
CA ASN D 418 16.78 -51.07 -7.05
C ASN D 418 17.24 -49.66 -6.69
N THR D 419 18.13 -49.08 -7.51
CA THR D 419 18.51 -47.69 -7.31
C THR D 419 17.37 -46.74 -7.65
N LEU D 420 16.43 -47.17 -8.50
CA LEU D 420 15.28 -46.31 -8.83
C LEU D 420 14.30 -46.25 -7.67
N ILE D 421 13.82 -47.40 -7.20
CA ILE D 421 12.87 -47.43 -6.10
C ILE D 421 13.41 -46.69 -4.88
N GLU D 422 14.74 -46.74 -4.68
CA GLU D 422 15.34 -45.96 -3.61
C GLU D 422 15.22 -44.46 -3.86
N PHE D 423 15.13 -44.06 -5.14
CA PHE D 423 15.03 -42.64 -5.47
C PHE D 423 13.61 -42.12 -5.24
N LEU D 424 12.60 -42.82 -5.79
CA LEU D 424 11.23 -42.37 -5.59
C LEU D 424 10.80 -42.44 -4.13
N ASP D 425 11.38 -43.38 -3.36
CA ASP D 425 11.01 -43.50 -1.95
C ASP D 425 11.52 -42.30 -1.15
N LYS D 426 12.77 -41.90 -1.37
CA LYS D 426 13.29 -40.72 -0.69
C LYS D 426 12.63 -39.45 -1.19
N LEU D 427 12.22 -39.42 -2.46
CA LEU D 427 11.54 -38.25 -3.00
C LEU D 427 10.18 -38.06 -2.35
N ASN D 428 9.40 -39.14 -2.23
CA ASN D 428 8.07 -39.04 -1.64
C ASN D 428 8.14 -38.72 -0.14
N ASN D 429 9.16 -39.22 0.55
CA ASN D 429 9.32 -38.95 1.97
C ASN D 429 9.96 -37.60 2.25
N MET D 430 10.37 -36.86 1.23
CA MET D 430 10.92 -35.53 1.41
C MET D 430 9.79 -34.51 1.35
N SER D 431 9.80 -33.57 2.30
CA SER D 431 8.75 -32.58 2.37
C SER D 431 8.83 -31.61 1.20
N VAL D 432 7.68 -31.00 0.87
CA VAL D 432 7.65 -30.00 -0.19
C VAL D 432 8.49 -28.79 0.19
N ASN D 433 8.54 -28.46 1.48
CA ASN D 433 9.30 -27.31 1.96
C ASN D 433 10.79 -27.62 2.14
N ALA D 434 11.37 -28.37 1.21
CA ALA D 434 12.78 -28.72 1.23
C ALA D 434 13.52 -28.01 0.09
N ASP D 435 14.70 -27.48 0.40
CA ASP D 435 15.48 -26.75 -0.58
C ASP D 435 16.14 -27.70 -1.57
N PHE D 436 16.78 -27.11 -2.60
CA PHE D 436 17.55 -27.90 -3.54
C PHE D 436 18.76 -28.55 -2.89
N SER D 437 19.26 -28.00 -1.79
CA SER D 437 20.35 -28.62 -1.05
C SER D 437 19.92 -29.94 -0.43
N GLU D 438 18.73 -29.96 0.19
CA GLU D 438 18.24 -31.19 0.78
C GLU D 438 17.75 -32.19 -0.27
N TYR D 439 17.45 -31.72 -1.47
CA TYR D 439 16.98 -32.60 -2.54
C TYR D 439 18.14 -33.25 -3.31
N GLU D 440 19.16 -32.45 -3.64
CA GLU D 440 20.26 -32.96 -4.45
C GLU D 440 21.25 -33.77 -3.61
N LYS D 441 21.47 -33.38 -2.36
CA LYS D 441 22.46 -34.06 -1.53
C LYS D 441 21.90 -35.31 -0.85
N GLU D 442 20.59 -35.48 -0.79
CA GLU D 442 19.97 -36.61 -0.11
C GLU D 442 19.23 -37.55 -1.04
N VAL D 443 18.39 -37.01 -1.93
CA VAL D 443 17.62 -37.85 -2.85
C VAL D 443 18.43 -38.20 -4.09
N LEU D 444 19.12 -37.22 -4.69
CA LEU D 444 19.95 -37.50 -5.85
C LEU D 444 21.17 -38.34 -5.51
N TYR D 445 21.62 -38.31 -4.25
CA TYR D 445 22.75 -39.13 -3.85
C TYR D 445 22.41 -40.62 -3.87
N THR D 446 21.12 -40.97 -3.77
CA THR D 446 20.73 -42.37 -3.86
C THR D 446 20.97 -42.93 -5.25
N LEU D 447 20.92 -42.08 -6.28
CA LEU D 447 21.21 -42.55 -7.63
C LEU D 447 22.69 -42.85 -7.80
N GLU D 448 23.55 -42.01 -7.22
CA GLU D 448 24.99 -42.18 -7.35
C GLU D 448 25.45 -43.37 -6.52
N ASN D 449 25.94 -44.40 -7.18
CA ASN D 449 26.67 -45.46 -6.49
C ASN D 449 28.11 -45.05 -6.30
N PRO D 450 28.68 -45.23 -5.11
CA PRO D 450 30.05 -44.75 -4.86
C PRO D 450 31.12 -45.40 -5.73
N GLU D 451 30.77 -46.44 -6.48
CA GLU D 451 31.72 -47.07 -7.39
C GLU D 451 32.06 -46.14 -8.55
N ILE D 452 31.07 -45.79 -9.36
CA ILE D 452 31.28 -44.89 -10.49
C ILE D 452 31.03 -43.46 -10.04
N VAL D 453 31.72 -42.51 -10.68
CA VAL D 453 31.67 -41.10 -10.31
C VAL D 453 30.70 -40.43 -11.27
N SER D 454 29.50 -40.14 -10.77
CA SER D 454 28.46 -39.50 -11.57
C SER D 454 27.38 -39.03 -10.63
N ASP D 455 27.02 -37.76 -10.75
CA ASP D 455 25.97 -37.18 -9.94
C ASP D 455 24.61 -37.75 -10.36
N GLY D 456 23.59 -37.44 -9.54
CA GLY D 456 22.25 -37.93 -9.80
C GLY D 456 21.61 -37.37 -11.06
N SER D 457 22.14 -36.25 -11.57
CA SER D 457 21.57 -35.67 -12.78
C SER D 457 21.85 -36.54 -14.00
N TYR D 458 23.13 -36.87 -14.23
CA TYR D 458 23.48 -37.69 -15.38
C TYR D 458 22.89 -39.10 -15.27
N ILE D 459 22.76 -39.60 -14.04
CA ILE D 459 22.14 -40.91 -13.86
C ILE D 459 20.66 -40.85 -14.22
N LEU D 460 19.97 -39.80 -13.77
CA LEU D 460 18.56 -39.64 -14.12
C LEU D 460 18.39 -39.42 -15.62
N ASN D 461 19.28 -38.63 -16.23
CA ASN D 461 19.20 -38.40 -17.66
C ASN D 461 19.40 -39.69 -18.44
N ALA D 462 20.32 -40.55 -17.99
CA ALA D 462 20.52 -41.84 -18.64
C ALA D 462 19.35 -42.78 -18.41
N ILE D 463 18.58 -42.59 -17.34
CA ILE D 463 17.44 -43.46 -17.07
C ILE D 463 16.24 -43.04 -17.92
N VAL D 464 15.85 -41.78 -17.86
CA VAL D 464 14.64 -41.32 -18.53
C VAL D 464 14.79 -41.22 -20.05
N TYR D 465 16.02 -41.35 -20.58
CA TYR D 465 16.25 -41.30 -22.02
C TYR D 465 16.62 -42.64 -22.63
N ASN D 466 17.34 -43.49 -21.90
CA ASN D 466 17.75 -44.79 -22.41
C ASN D 466 17.09 -45.97 -21.71
N LYS D 467 16.43 -45.75 -20.58
CA LYS D 467 15.73 -46.78 -19.83
C LYS D 467 14.29 -46.36 -19.58
N SER D 468 13.61 -45.88 -20.62
CA SER D 468 12.23 -45.43 -20.48
C SER D 468 11.29 -46.58 -20.12
N THR D 469 11.68 -47.83 -20.40
CA THR D 469 10.86 -48.97 -20.02
C THR D 469 10.86 -49.20 -18.51
N TRP D 470 11.87 -48.71 -17.79
CA TRP D 470 11.92 -48.85 -16.34
C TRP D 470 10.77 -48.14 -15.64
N SER D 471 10.20 -47.11 -16.27
CA SER D 471 9.03 -46.43 -15.71
C SER D 471 7.75 -47.23 -15.86
N GLN D 472 7.82 -48.41 -16.48
CA GLN D 472 6.66 -49.27 -16.66
C GLN D 472 6.60 -50.39 -15.63
N ASP D 473 7.60 -50.50 -14.75
CA ASP D 473 7.56 -51.48 -13.67
C ASP D 473 6.36 -51.18 -12.78
N TYR D 474 5.72 -52.24 -12.28
CA TYR D 474 4.55 -52.07 -11.43
C TYR D 474 4.90 -51.28 -10.18
N ASP D 475 6.00 -51.63 -9.53
CA ASP D 475 6.40 -50.92 -8.31
C ASP D 475 6.94 -49.53 -8.62
N ILE D 476 7.66 -49.39 -9.74
CA ILE D 476 8.23 -48.09 -10.08
C ILE D 476 7.15 -47.14 -10.59
N LYS D 477 6.25 -47.63 -11.44
CA LYS D 477 5.17 -46.77 -11.92
C LYS D 477 4.21 -46.39 -10.81
N ASN D 478 3.99 -47.28 -9.84
CA ASN D 478 3.14 -46.93 -8.70
C ASN D 478 3.78 -45.85 -7.85
N LYS D 479 5.11 -45.92 -7.67
CA LYS D 479 5.81 -44.87 -6.93
C LYS D 479 5.75 -43.54 -7.67
N ILE D 480 5.68 -43.56 -9.00
CA ILE D 480 5.52 -42.34 -9.77
C ILE D 480 4.12 -41.77 -9.57
N SER D 481 3.12 -42.64 -9.45
CA SER D 481 1.76 -42.19 -9.19
C SER D 481 1.65 -41.50 -7.84
N LEU D 482 2.42 -41.95 -6.85
CA LEU D 482 2.42 -41.29 -5.55
C LEU D 482 2.98 -39.87 -5.65
N LEU D 483 4.00 -39.67 -6.49
CA LEU D 483 4.58 -38.34 -6.64
C LEU D 483 3.66 -37.42 -7.43
N VAL D 484 2.85 -37.98 -8.34
CA VAL D 484 1.97 -37.15 -9.16
C VAL D 484 0.70 -36.80 -8.41
N ASN D 485 0.15 -37.75 -7.65
CA ASN D 485 -1.15 -37.53 -7.03
C ASN D 485 -1.04 -36.81 -5.69
N SER D 486 -0.02 -37.13 -4.89
CA SER D 486 0.14 -36.49 -3.59
C SER D 486 0.48 -35.01 -3.76
N ASN D 487 1.73 -34.71 -4.12
CA ASN D 487 2.15 -33.34 -4.37
C ASN D 487 2.97 -33.31 -5.66
N TYR D 488 2.39 -32.74 -6.72
CA TYR D 488 3.10 -32.60 -7.98
C TYR D 488 4.20 -31.55 -7.91
N ARG D 489 4.17 -30.68 -6.90
CA ARG D 489 5.18 -29.63 -6.79
C ARG D 489 6.57 -30.17 -6.47
N LYS D 490 6.67 -31.42 -6.03
CA LYS D 490 7.98 -32.05 -5.84
C LYS D 490 8.68 -32.29 -7.17
N LEU D 491 7.99 -32.09 -8.29
CA LEU D 491 8.58 -32.24 -9.60
C LEU D 491 9.47 -31.06 -9.97
N ARG D 492 9.33 -29.93 -9.27
CA ARG D 492 9.99 -28.67 -9.61
C ARG D 492 11.49 -28.69 -9.39
N TYR D 493 12.06 -29.80 -8.91
CA TYR D 493 13.51 -29.84 -8.69
C TYR D 493 14.27 -30.30 -9.93
N SER D 494 13.65 -31.12 -10.77
CA SER D 494 14.23 -31.57 -12.02
C SER D 494 13.11 -31.80 -13.03
N ALA D 495 12.36 -30.73 -13.34
CA ALA D 495 11.19 -30.85 -14.19
C ALA D 495 11.51 -31.41 -15.57
N LYS D 496 12.74 -31.26 -16.04
CA LYS D 496 13.09 -31.81 -17.35
C LYS D 496 13.20 -33.32 -17.30
N ALA D 497 14.05 -33.84 -16.42
CA ALA D 497 14.27 -35.28 -16.36
C ALA D 497 13.15 -36.01 -15.65
N LEU D 498 12.46 -35.35 -14.72
CA LEU D 498 11.44 -36.04 -13.93
C LEU D 498 10.13 -36.15 -14.68
N ILE D 499 9.68 -35.08 -15.33
CA ILE D 499 8.46 -35.15 -16.15
C ILE D 499 8.63 -36.19 -17.26
N THR D 500 9.86 -36.35 -17.76
CA THR D 500 10.13 -37.44 -18.70
C THR D 500 9.82 -38.78 -18.06
N LEU D 501 10.24 -38.99 -16.81
CA LEU D 501 9.94 -40.23 -16.11
C LEU D 501 8.44 -40.45 -16.00
N VAL D 502 7.69 -39.39 -15.68
CA VAL D 502 6.24 -39.47 -15.66
C VAL D 502 5.70 -39.83 -17.04
N LEU D 503 6.34 -39.35 -18.10
CA LEU D 503 5.89 -39.65 -19.45
C LEU D 503 6.29 -41.04 -19.91
N ASN D 504 7.44 -41.54 -19.43
CA ASN D 504 7.90 -42.87 -19.83
C ASN D 504 7.04 -44.00 -19.28
N THR D 505 6.16 -43.72 -18.32
CA THR D 505 5.28 -44.76 -17.81
C THR D 505 4.29 -45.25 -18.85
N ARG D 506 3.98 -44.43 -19.85
CA ARG D 506 2.99 -44.76 -20.88
C ARG D 506 1.62 -45.09 -20.28
N ASP D 507 1.33 -44.50 -19.12
CA ASP D 507 0.06 -44.71 -18.42
C ASP D 507 -0.79 -43.45 -18.57
N GLY D 508 -1.99 -43.62 -19.12
CA GLY D 508 -2.84 -42.47 -19.35
C GLY D 508 -3.32 -41.81 -18.07
N ASP D 509 -3.60 -42.63 -17.05
CA ASP D 509 -4.13 -42.09 -15.79
C ASP D 509 -3.07 -41.25 -15.07
N ILE D 510 -1.83 -41.72 -15.05
CA ILE D 510 -0.76 -40.96 -14.41
C ILE D 510 -0.47 -39.69 -15.19
N ILE D 511 -0.40 -39.81 -16.53
CA ILE D 511 -0.10 -38.65 -17.35
C ILE D 511 -1.20 -37.60 -17.25
N LYS D 512 -2.45 -38.04 -17.36
CA LYS D 512 -3.56 -37.09 -17.26
C LYS D 512 -3.74 -36.59 -15.83
N GLY D 513 -3.29 -37.37 -14.83
CA GLY D 513 -3.40 -36.93 -13.46
C GLY D 513 -2.54 -35.71 -13.17
N LEU D 514 -1.37 -35.63 -13.82
CA LEU D 514 -0.54 -34.45 -13.70
C LEU D 514 -1.21 -33.23 -14.30
N LEU D 515 -1.90 -33.40 -15.43
CA LEU D 515 -2.62 -32.29 -16.05
C LEU D 515 -3.86 -31.92 -15.24
N ASN D 516 -4.52 -32.89 -14.62
CA ASN D 516 -5.70 -32.59 -13.81
C ASN D 516 -5.33 -31.75 -12.60
N ASN D 517 -4.25 -32.12 -11.90
CA ASN D 517 -3.81 -31.33 -10.76
C ASN D 517 -3.25 -29.99 -11.18
N LEU D 518 -2.67 -29.91 -12.38
CA LEU D 518 -2.18 -28.62 -12.88
C LEU D 518 -3.32 -27.70 -13.26
N PHE D 519 -4.49 -28.27 -13.61
CA PHE D 519 -5.64 -27.45 -13.95
C PHE D 519 -6.37 -26.95 -12.70
N THR D 520 -6.48 -27.80 -11.67
CA THR D 520 -7.20 -27.42 -10.47
C THR D 520 -6.56 -26.21 -9.79
N THR D 521 -5.23 -26.17 -9.74
CA THR D 521 -4.56 -25.01 -9.17
C THR D 521 -4.70 -23.79 -10.07
N PHE D 522 -4.76 -23.99 -11.39
CA PHE D 522 -4.91 -22.86 -12.30
C PHE D 522 -6.30 -22.25 -12.23
N LYS D 523 -7.32 -23.07 -11.98
CA LYS D 523 -8.68 -22.54 -11.85
C LYS D 523 -8.91 -21.89 -10.50
N ASN D 524 -8.17 -22.30 -9.46
CA ASN D 524 -8.32 -21.73 -8.14
C ASN D 524 -7.55 -20.43 -7.95
N GLY D 525 -6.52 -20.19 -8.77
CA GLY D 525 -5.74 -18.98 -8.68
C GLY D 525 -4.52 -19.05 -7.78
N THR D 526 -4.12 -20.25 -7.37
CA THR D 526 -2.95 -20.42 -6.50
C THR D 526 -1.67 -20.63 -7.29
N ASN D 527 -1.50 -19.94 -8.41
CA ASN D 527 -0.36 -20.12 -9.28
C ASN D 527 0.82 -19.27 -8.84
N ASP D 528 2.00 -19.66 -9.29
CA ASP D 528 3.22 -18.88 -9.11
C ASP D 528 4.21 -19.30 -10.20
N ILE D 529 5.50 -19.11 -9.94
CA ILE D 529 6.50 -19.44 -10.95
C ILE D 529 6.66 -20.95 -11.06
N ILE D 530 6.78 -21.64 -9.91
CA ILE D 530 7.05 -23.08 -9.93
C ILE D 530 5.89 -23.85 -10.55
N ASP D 531 4.65 -23.41 -10.30
CA ASP D 531 3.52 -24.05 -10.95
C ASP D 531 3.55 -23.82 -12.46
N GLU D 532 4.13 -22.71 -12.90
CA GLU D 532 4.21 -22.41 -14.32
C GLU D 532 5.29 -23.22 -15.02
N ILE D 533 6.46 -23.36 -14.39
CA ILE D 533 7.58 -24.07 -15.01
C ILE D 533 7.20 -25.52 -15.30
N ILE D 534 6.42 -26.15 -14.41
CA ILE D 534 6.03 -27.53 -14.62
C ILE D 534 5.04 -27.65 -15.77
N LEU D 535 4.17 -26.64 -15.94
CA LEU D 535 3.14 -26.73 -16.98
C LEU D 535 3.76 -26.73 -18.38
N ILE D 536 4.51 -25.68 -18.72
CA ILE D 536 5.07 -25.57 -20.07
C ILE D 536 6.02 -26.73 -20.35
N GLU D 537 6.79 -27.15 -19.34
CA GLU D 537 7.70 -28.28 -19.53
C GLU D 537 6.92 -29.54 -19.89
N TYR D 538 5.72 -29.70 -19.33
CA TYR D 538 4.90 -30.87 -19.63
C TYR D 538 4.25 -30.79 -21.00
N LEU D 539 3.89 -29.57 -21.45
CA LEU D 539 3.25 -29.43 -22.74
C LEU D 539 4.23 -29.66 -23.89
N VAL D 540 5.48 -29.20 -23.72
CA VAL D 540 6.47 -29.39 -24.77
C VAL D 540 6.81 -30.87 -24.94
N GLN D 541 6.78 -31.65 -23.86
CA GLN D 541 7.13 -33.06 -23.96
C GLN D 541 6.05 -33.86 -24.67
N ARG D 542 4.78 -33.47 -24.53
CA ARG D 542 3.68 -34.15 -25.20
C ARG D 542 3.31 -33.49 -26.53
N LYS D 543 4.24 -32.73 -27.12
CA LYS D 543 4.11 -32.16 -28.46
C LYS D 543 2.88 -31.27 -28.60
N PHE D 544 2.49 -30.59 -27.51
CA PHE D 544 1.33 -29.70 -27.48
C PHE D 544 0.08 -30.43 -27.98
N ASN D 545 -0.36 -31.39 -27.17
CA ASN D 545 -1.50 -32.20 -27.53
C ASN D 545 -2.76 -31.34 -27.63
N HIS D 546 -3.57 -31.62 -28.64
CA HIS D 546 -4.83 -30.89 -28.82
C HIS D 546 -5.79 -31.15 -27.67
N LYS D 547 -5.72 -32.33 -27.06
CA LYS D 547 -6.53 -32.60 -25.88
C LYS D 547 -6.03 -31.82 -24.68
N ASP D 548 -4.71 -31.77 -24.48
CA ASP D 548 -4.15 -30.97 -23.38
C ASP D 548 -4.43 -29.49 -23.58
N LEU D 549 -4.30 -29.00 -24.82
CA LEU D 549 -4.56 -27.60 -25.10
C LEU D 549 -6.00 -27.23 -24.79
N MET D 550 -6.96 -28.01 -25.33
CA MET D 550 -8.37 -27.72 -25.11
C MET D 550 -8.75 -27.76 -23.65
N THR D 551 -7.90 -28.31 -22.79
CA THR D 551 -8.12 -28.32 -21.35
C THR D 551 -7.63 -27.04 -20.67
N ILE D 552 -6.71 -26.31 -21.29
CA ILE D 552 -6.09 -25.15 -20.65
C ILE D 552 -6.35 -23.90 -21.49
N LEU D 553 -6.44 -24.06 -22.81
CA LEU D 553 -6.62 -22.94 -23.74
C LEU D 553 -7.77 -22.02 -23.32
N GLY D 559 -0.43 -14.19 -20.55
CA GLY D 559 1.01 -14.04 -20.47
C GLY D 559 1.74 -14.78 -21.57
N ILE D 560 1.68 -16.11 -21.54
CA ILE D 560 2.32 -16.93 -22.55
C ILE D 560 1.31 -17.66 -23.43
N LYS D 561 0.09 -17.91 -22.93
CA LYS D 561 -0.90 -18.73 -23.64
C LYS D 561 -1.19 -18.22 -25.05
N GLU D 562 -0.95 -16.94 -25.32
CA GLU D 562 -1.16 -16.42 -26.66
C GLU D 562 -0.17 -17.01 -27.66
N TYR D 563 1.05 -17.32 -27.21
CA TYR D 563 2.06 -17.82 -28.14
C TYR D 563 1.75 -19.25 -28.56
N ILE D 564 1.34 -20.11 -27.62
CA ILE D 564 1.01 -21.49 -27.97
C ILE D 564 -0.18 -21.54 -28.92
N LYS D 565 -1.10 -20.58 -28.82
CA LYS D 565 -2.25 -20.57 -29.72
C LYS D 565 -1.86 -20.11 -31.13
N ALA D 566 -0.93 -19.16 -31.23
CA ALA D 566 -0.63 -18.54 -32.52
C ALA D 566 0.47 -19.24 -33.29
N TYR D 567 1.35 -19.99 -32.64
CA TYR D 567 2.53 -20.53 -33.32
C TYR D 567 2.74 -22.01 -33.07
N GLN D 568 2.28 -22.52 -31.93
CA GLN D 568 2.55 -23.89 -31.54
C GLN D 568 1.48 -24.86 -32.02
N THR D 569 0.52 -24.41 -32.82
CA THR D 569 -0.60 -25.23 -33.24
C THR D 569 -0.62 -25.57 -34.72
N SER D 570 -0.23 -24.63 -35.59
CA SER D 570 -0.33 -24.84 -37.02
C SER D 570 0.84 -24.15 -37.72
N ASP D 571 0.82 -24.23 -39.05
CA ASP D 571 1.82 -23.59 -39.90
C ASP D 571 1.77 -22.07 -39.77
N PHE D 572 2.79 -21.48 -39.15
CA PHE D 572 2.80 -20.03 -38.97
C PHE D 572 3.03 -19.29 -40.28
N ILE D 573 3.58 -19.96 -41.30
CA ILE D 573 3.73 -19.33 -42.61
C ILE D 573 2.37 -19.23 -43.30
N LYS D 574 1.59 -20.31 -43.25
CA LYS D 574 0.22 -20.26 -43.78
C LYS D 574 -0.63 -19.28 -43.00
N SER D 575 -0.44 -19.20 -41.68
CA SER D 575 -1.16 -18.22 -40.88
C SER D 575 -0.72 -16.80 -41.21
N LEU D 576 0.55 -16.63 -41.60
CA LEU D 576 1.04 -15.31 -41.97
C LEU D 576 0.27 -14.76 -43.16
N GLU D 577 0.04 -15.59 -44.17
CA GLU D 577 -0.71 -15.16 -45.35
C GLU D 577 -2.18 -14.90 -45.03
N LYS D 578 -2.69 -15.43 -43.91
CA LYS D 578 -4.09 -15.22 -43.56
C LYS D 578 -4.30 -13.86 -42.91
N ASN D 579 -3.45 -13.51 -41.95
CA ASN D 579 -3.55 -12.23 -41.24
C ASN D 579 -2.82 -11.10 -41.95
N LYS D 580 -2.91 -11.05 -43.28
CA LYS D 580 -2.25 -10.02 -44.08
C LYS D 580 -3.24 -8.93 -44.43
N VAL D 581 -2.82 -7.68 -44.27
CA VAL D 581 -3.67 -6.52 -44.55
C VAL D 581 -3.57 -6.19 -46.03
N ILE D 582 -4.72 -6.00 -46.68
CA ILE D 582 -4.79 -5.61 -48.09
C ILE D 582 -5.43 -4.24 -48.16
N PHE D 583 -4.74 -3.29 -48.80
CA PHE D 583 -5.24 -1.92 -48.94
C PHE D 583 -5.85 -1.74 -50.32
N TYR D 584 -7.05 -1.17 -50.36
CA TYR D 584 -7.81 -0.99 -51.59
C TYR D 584 -7.85 0.47 -51.98
N THR D 585 -7.57 0.76 -53.25
CA THR D 585 -7.70 2.10 -53.77
C THR D 585 -9.16 2.40 -54.11
N ASN D 586 -9.40 3.58 -54.69
CA ASN D 586 -10.74 3.98 -55.08
C ASN D 586 -11.23 3.29 -56.34
N GLN D 587 -10.44 2.37 -56.91
CA GLN D 587 -10.83 1.63 -58.11
C GLN D 587 -10.92 0.13 -57.84
N LYS D 588 -11.17 -0.27 -56.60
CA LYS D 588 -11.32 -1.67 -56.18
C LYS D 588 -10.07 -2.50 -56.47
N GLU D 589 -8.93 -1.86 -56.69
CA GLU D 589 -7.68 -2.55 -56.94
C GLU D 589 -6.86 -2.61 -55.65
N VAL D 590 -5.74 -3.32 -55.72
CA VAL D 590 -4.86 -3.49 -54.57
C VAL D 590 -3.90 -2.32 -54.50
N TYR D 591 -3.58 -1.89 -53.28
CA TYR D 591 -2.63 -0.80 -53.05
C TYR D 591 -1.37 -1.38 -52.42
N PRO D 592 -0.34 -1.68 -53.20
CA PRO D 592 0.85 -2.33 -52.62
C PRO D 592 1.94 -1.34 -52.26
N LEU D 593 1.58 -0.06 -52.12
CA LEU D 593 2.59 0.97 -51.87
C LEU D 593 2.95 1.07 -50.40
N ILE D 594 2.03 0.73 -49.50
CA ILE D 594 2.30 0.89 -48.07
C ILE D 594 3.17 -0.25 -47.54
N SER D 595 2.88 -1.50 -47.96
CA SER D 595 3.63 -2.64 -47.46
C SER D 595 5.07 -2.64 -47.93
N LYS D 596 5.39 -1.92 -49.00
CA LYS D 596 6.74 -1.89 -49.55
C LYS D 596 7.53 -0.66 -49.14
N ASP D 597 6.92 0.28 -48.43
CA ASP D 597 7.57 1.52 -48.04
C ASP D 597 8.63 1.24 -46.98
N LYS D 598 9.90 1.28 -47.38
CA LYS D 598 10.99 1.04 -46.43
C LYS D 598 11.09 2.16 -45.41
N ILE D 599 10.81 3.39 -45.82
CA ILE D 599 10.85 4.52 -44.88
C ILE D 599 9.76 4.39 -43.84
N LEU D 600 8.53 4.10 -44.28
CA LEU D 600 7.40 4.01 -43.37
C LEU D 600 7.54 2.82 -42.42
N ASN D 601 8.08 1.71 -42.92
CA ASN D 601 8.16 0.51 -42.10
C ASN D 601 9.15 0.67 -40.95
N PHE D 602 10.30 1.29 -41.21
CA PHE D 602 11.33 1.45 -40.19
CA PHE D 602 11.30 1.42 -40.16
C PHE D 602 11.02 2.60 -39.23
N ILE D 603 10.30 3.62 -39.72
CA ILE D 603 9.88 4.70 -38.85
C ILE D 603 8.81 4.19 -37.87
N TYR D 604 7.88 3.38 -38.38
CA TYR D 604 6.87 2.79 -37.50
C TYR D 604 7.52 1.82 -36.51
N PHE D 605 8.55 1.09 -36.94
CA PHE D 605 9.22 0.16 -36.04
C PHE D 605 9.93 0.89 -34.91
N ARG D 606 10.49 2.06 -35.20
CA ARG D 606 11.15 2.83 -34.15
C ARG D 606 10.14 3.43 -33.18
N ALA D 607 8.99 3.87 -33.69
CA ALA D 607 7.96 4.40 -32.81
C ALA D 607 7.48 3.35 -31.83
N LYS D 608 7.24 2.12 -32.31
CA LYS D 608 6.88 1.04 -31.41
C LYS D 608 8.03 0.65 -30.50
N TYR D 609 9.27 0.88 -30.94
CA TYR D 609 10.44 0.53 -30.14
C TYR D 609 10.51 1.38 -28.87
N PHE D 610 10.50 2.70 -29.03
CA PHE D 610 10.53 3.59 -27.86
C PHE D 610 9.27 3.44 -27.03
N GLU D 611 8.14 3.06 -27.65
CA GLU D 611 6.91 2.84 -26.89
C GLU D 611 7.05 1.65 -25.96
N SER D 612 7.77 0.61 -26.37
CA SER D 612 8.00 -0.55 -25.52
C SER D 612 8.79 -0.19 -24.27
N LEU D 613 9.68 0.79 -24.36
CA LEU D 613 10.51 1.22 -23.24
C LEU D 613 9.91 2.39 -22.48
N ASP D 614 8.67 2.78 -22.80
CA ASP D 614 7.95 3.85 -22.10
C ASP D 614 8.68 5.19 -22.19
N LEU D 615 9.45 5.40 -23.25
CA LEU D 615 10.11 6.67 -23.50
C LEU D 615 9.22 7.47 -24.44
N VAL D 616 8.45 8.40 -23.88
CA VAL D 616 7.33 8.98 -24.62
C VAL D 616 7.78 10.09 -25.57
N LEU D 617 8.86 10.80 -25.26
CA LEU D 617 9.27 11.91 -26.12
C LEU D 617 9.81 11.41 -27.46
N GLU D 618 10.64 10.37 -27.42
CA GLU D 618 11.18 9.82 -28.66
C GLU D 618 10.13 9.00 -29.40
N SER D 619 9.21 8.36 -28.67
CA SER D 619 8.15 7.59 -29.32
C SER D 619 7.16 8.48 -30.04
N PHE D 620 6.90 9.67 -29.50
CA PHE D 620 5.97 10.59 -30.16
C PHE D 620 6.54 11.13 -31.46
N ALA D 621 7.83 11.51 -31.44
CA ALA D 621 8.44 12.09 -32.64
C ALA D 621 8.46 11.09 -33.79
N TYR D 622 8.73 9.83 -33.50
CA TYR D 622 8.78 8.81 -34.56
C TYR D 622 7.38 8.50 -35.07
N TYR D 623 6.41 8.35 -34.17
CA TYR D 623 5.05 8.07 -34.62
C TYR D 623 4.44 9.26 -35.35
N LYS D 624 4.83 10.48 -34.99
CA LYS D 624 4.34 11.64 -35.71
C LYS D 624 4.86 11.64 -37.15
N ASN D 625 6.10 11.22 -37.36
CA ASN D 625 6.61 11.06 -38.72
C ASN D 625 5.89 9.94 -39.45
N TYR D 626 5.55 8.87 -38.74
CA TYR D 626 4.74 7.81 -39.33
C TYR D 626 3.32 8.30 -39.63
N PHE D 627 2.81 9.22 -38.81
CA PHE D 627 1.47 9.76 -39.02
C PHE D 627 1.40 10.61 -40.28
N ASP D 628 2.35 11.52 -40.46
CA ASP D 628 2.34 12.40 -41.62
C ASP D 628 2.52 11.61 -42.91
N ARG D 629 3.39 10.59 -42.88
CA ARG D 629 3.64 9.80 -44.09
C ARG D 629 2.48 8.86 -44.40
N PHE D 630 1.80 8.35 -43.37
CA PHE D 630 0.67 7.45 -43.61
C PHE D 630 -0.51 8.20 -44.23
N VAL D 631 -0.75 9.44 -43.80
CA VAL D 631 -1.83 10.24 -44.37
C VAL D 631 -1.55 10.50 -45.84
N ALA D 632 -0.29 10.78 -46.19
CA ALA D 632 0.07 10.98 -47.60
C ALA D 632 -0.18 9.73 -48.42
N HIS D 633 0.01 8.55 -47.82
CA HIS D 633 -0.30 7.30 -48.52
C HIS D 633 -1.80 7.16 -48.73
N ALA D 634 -2.60 7.57 -47.74
CA ALA D 634 -4.06 7.52 -47.90
C ALA D 634 -4.54 8.49 -48.97
N MET D 635 -3.82 9.60 -49.18
CA MET D 635 -4.22 10.54 -50.21
C MET D 635 -4.01 9.95 -51.60
N PHE D 636 -2.86 9.33 -51.84
CA PHE D 636 -2.61 8.69 -53.12
C PHE D 636 -3.47 7.44 -53.31
N CYS D 637 -3.82 6.77 -52.23
CA CYS D 637 -4.65 5.56 -52.34
C CYS D 637 -6.11 5.91 -52.61
N THR D 638 -6.62 6.97 -51.99
CA THR D 638 -8.00 7.37 -52.20
C THR D 638 -8.21 8.12 -53.51
N GLY D 639 -7.15 8.71 -54.07
CA GLY D 639 -7.22 9.40 -55.34
C GLY D 639 -7.20 10.91 -55.26
N ILE D 640 -7.25 11.49 -54.05
CA ILE D 640 -7.19 12.94 -53.93
C ILE D 640 -5.86 13.45 -54.46
N ASP D 641 -4.77 12.75 -54.17
CA ASP D 641 -3.45 13.07 -54.70
C ASP D 641 -3.26 12.27 -55.99
N SER D 642 -3.20 12.97 -57.12
CA SER D 642 -3.09 12.36 -58.45
C SER D 642 -1.77 12.80 -59.07
N GLY D 643 -0.71 12.05 -58.77
CA GLY D 643 0.60 12.37 -59.30
C GLY D 643 1.37 11.13 -59.75
N LYS D 645 3.98 9.70 -57.55
CA LYS D 645 4.26 9.24 -56.20
C LYS D 645 3.48 10.05 -55.17
N PRO D 646 3.17 9.45 -54.03
CA PRO D 646 2.49 10.20 -52.96
C PRO D 646 3.30 11.41 -52.52
N ASN D 647 2.61 12.50 -52.24
CA ASN D 647 3.25 13.76 -51.86
C ASN D 647 3.54 13.73 -50.37
N TYR D 648 4.68 13.12 -50.01
CA TYR D 648 5.08 13.05 -48.62
C TYR D 648 5.51 14.41 -48.08
N LYS D 649 6.14 15.24 -48.92
CA LYS D 649 6.69 16.51 -48.45
C LYS D 649 5.59 17.48 -48.04
N LEU D 650 4.49 17.50 -48.79
CA LEU D 650 3.45 18.50 -48.59
C LEU D 650 2.58 18.25 -47.36
N TYR D 651 2.89 17.24 -46.55
CA TYR D 651 2.08 16.92 -45.38
C TYR D 651 2.89 16.99 -44.09
N TYR D 652 4.03 17.68 -44.10
CA TYR D 652 4.79 17.95 -42.89
C TYR D 652 4.31 19.20 -42.16
N THR D 653 3.50 20.04 -42.80
CA THR D 653 3.05 21.28 -42.24
C THR D 653 1.72 21.11 -41.51
N GLU D 654 1.36 22.12 -40.72
CA GLU D 654 0.11 22.06 -39.94
C GLU D 654 -1.11 22.33 -40.81
N GLY D 655 -1.04 23.37 -41.65
CA GLY D 655 -2.20 23.75 -42.43
C GLY D 655 -2.55 22.73 -43.49
N LYS D 656 -1.55 22.29 -44.27
CA LYS D 656 -1.80 21.31 -45.32
C LYS D 656 -2.24 19.97 -44.75
N LEU D 657 -1.96 19.71 -43.47
CA LEU D 657 -2.47 18.49 -42.85
C LEU D 657 -3.94 18.65 -42.46
N ILE D 658 -4.27 19.75 -41.76
CA ILE D 658 -5.64 19.96 -41.29
C ILE D 658 -6.61 19.95 -42.47
N ASP D 659 -6.27 20.66 -43.55
CA ASP D 659 -7.11 20.66 -44.74
C ASP D 659 -7.17 19.29 -45.41
N GLY D 660 -6.23 18.41 -45.11
CA GLY D 660 -6.22 17.08 -45.69
C GLY D 660 -7.10 16.10 -44.95
N LEU D 661 -6.97 16.03 -43.62
CA LEU D 661 -7.77 15.07 -42.85
C LEU D 661 -9.27 15.32 -43.01
N LYS D 662 -9.68 16.54 -43.30
CA LYS D 662 -11.10 16.84 -43.47
C LYS D 662 -11.66 16.26 -44.76
N GLN D 663 -10.80 15.88 -45.71
CA GLN D 663 -11.23 15.43 -47.02
C GLN D 663 -11.56 13.94 -47.07
N LEU D 664 -11.42 13.21 -45.97
CA LEU D 664 -11.70 11.78 -45.96
C LEU D 664 -13.06 11.43 -45.37
N ASN D 665 -13.72 12.38 -44.70
CA ASN D 665 -15.06 12.17 -44.13
C ASN D 665 -15.08 11.02 -43.14
N PHE D 666 -14.05 10.92 -42.31
CA PHE D 666 -13.95 9.88 -41.30
C PHE D 666 -14.31 10.36 -39.91
N LEU D 667 -14.06 11.63 -39.61
CA LEU D 667 -14.38 12.18 -38.30
C LEU D 667 -14.77 13.64 -38.48
N SER D 668 -15.34 14.22 -37.42
CA SER D 668 -15.76 15.62 -37.46
C SER D 668 -14.56 16.53 -37.64
N SER D 669 -14.74 17.59 -38.44
CA SER D 669 -13.67 18.55 -38.67
C SER D 669 -13.26 19.29 -37.41
N ASP D 670 -14.16 19.42 -36.43
CA ASP D 670 -13.79 20.05 -35.16
C ASP D 670 -12.87 19.18 -34.34
N GLU D 671 -12.97 17.85 -34.49
CA GLU D 671 -12.10 16.94 -33.75
C GLU D 671 -10.73 16.82 -34.41
N ILE D 672 -10.68 16.85 -35.74
CA ILE D 672 -9.41 16.72 -36.44
C ILE D 672 -8.53 17.95 -36.19
N THR D 673 -9.13 19.11 -35.97
CA THR D 673 -8.36 20.32 -35.74
C THR D 673 -7.78 20.35 -34.33
N LYS D 674 -8.59 20.04 -33.32
CA LYS D 674 -8.12 20.11 -31.94
C LYS D 674 -7.10 19.03 -31.64
N ILE D 675 -7.14 17.90 -32.35
CA ILE D 675 -6.19 16.83 -32.10
C ILE D 675 -4.85 17.13 -32.74
N ILE D 676 -4.85 17.61 -33.99
CA ILE D 676 -3.60 17.91 -34.68
C ILE D 676 -2.91 19.11 -34.05
N ASN D 677 -3.69 20.12 -33.63
CA ASN D 677 -3.10 21.26 -32.95
C ASN D 677 -2.39 20.84 -31.66
N GLU D 678 -2.94 19.85 -30.96
CA GLU D 678 -2.29 19.34 -29.76
C GLU D 678 -1.00 18.60 -30.10
N ALA D 679 -1.02 17.80 -31.17
CA ALA D 679 0.17 17.06 -31.56
C ALA D 679 1.30 17.99 -31.98
N HIS D 680 0.97 19.00 -32.79
CA HIS D 680 1.99 19.94 -33.25
C HIS D 680 2.49 20.84 -32.11
N LYS D 681 1.71 20.98 -31.04
CA LYS D 681 2.21 21.69 -29.86
C LYS D 681 3.29 20.87 -29.16
N ILE D 682 3.08 19.56 -29.05
CA ILE D 682 4.11 18.69 -28.47
C ILE D 682 5.34 18.65 -29.36
N ARG D 683 5.14 18.61 -30.68
CA ARG D 683 6.27 18.54 -31.60
C ARG D 683 7.07 19.83 -31.59
N ASN D 684 6.41 20.98 -31.43
CA ASN D 684 7.10 22.25 -31.42
C ASN D 684 7.91 22.48 -30.15
N SER D 685 7.92 21.53 -29.22
CA SER D 685 8.78 21.61 -28.05
C SER D 685 9.39 20.26 -27.70
N ASN D 686 9.50 19.37 -28.68
CA ASN D 686 10.11 18.05 -28.45
C ASN D 686 11.61 18.15 -28.60
N PRO D 687 12.39 17.78 -27.58
CA PRO D 687 13.86 17.85 -27.72
C PRO D 687 14.42 16.96 -28.81
N VAL D 688 13.67 15.96 -29.28
CA VAL D 688 14.16 15.08 -30.33
C VAL D 688 13.84 15.65 -31.72
N SER D 689 12.67 16.26 -31.89
CA SER D 689 12.30 16.84 -33.17
C SER D 689 13.00 18.17 -33.39
N ASP D 700 5.12 23.26 -20.82
CA ASP D 700 5.25 22.14 -19.90
C ASP D 700 4.30 21.01 -20.28
N PHE D 701 4.86 19.94 -20.87
CA PHE D 701 4.09 18.78 -21.30
C PHE D 701 4.45 17.60 -20.41
N SER D 702 3.47 17.15 -19.63
CA SER D 702 3.70 16.01 -18.75
C SER D 702 3.79 14.72 -19.55
N ARG D 703 4.20 13.65 -18.86
CA ARG D 703 4.26 12.34 -19.50
C ARG D 703 2.87 11.86 -19.89
N TYR D 704 1.85 12.25 -19.13
CA TYR D 704 0.48 11.86 -19.46
C TYR D 704 -0.02 12.61 -20.68
N ARG D 705 0.37 13.87 -20.83
CA ARG D 705 -0.10 14.67 -21.96
C ARG D 705 0.45 14.15 -23.29
N VAL D 706 1.71 13.71 -23.29
CA VAL D 706 2.31 13.18 -24.51
C VAL D 706 1.63 11.87 -24.90
N LYS D 707 1.42 10.97 -23.92
CA LYS D 707 0.76 9.71 -24.22
C LYS D 707 -0.69 9.92 -24.67
N SER D 708 -1.32 11.00 -24.21
CA SER D 708 -2.70 11.27 -24.62
C SER D 708 -2.75 11.68 -26.10
N SER D 709 -1.87 12.59 -26.51
CA SER D 709 -1.81 12.98 -27.91
C SER D 709 -1.32 11.82 -28.80
N LEU D 710 -0.51 10.93 -28.24
CA LEU D 710 -0.05 9.78 -29.01
C LEU D 710 -1.21 8.83 -29.30
N ASN D 711 -2.04 8.55 -28.30
CA ASN D 711 -3.16 7.65 -28.51
C ASN D 711 -4.20 8.25 -29.46
N ASP D 712 -4.34 9.58 -29.46
CA ASP D 712 -5.27 10.22 -30.39
C ASP D 712 -4.82 10.00 -31.84
N LEU D 713 -3.50 10.01 -32.07
CA LEU D 713 -3.00 9.69 -33.40
C LEU D 713 -3.12 8.21 -33.71
N LYS D 714 -2.90 7.35 -32.71
CA LYS D 714 -3.08 5.92 -32.91
C LYS D 714 -4.54 5.59 -33.22
N ILE D 715 -5.47 6.30 -32.59
CA ILE D 715 -6.89 6.06 -32.85
C ILE D 715 -7.23 6.44 -34.29
N ILE D 716 -6.72 7.58 -34.75
CA ILE D 716 -7.02 8.04 -36.10
C ILE D 716 -6.48 7.06 -37.13
N ILE D 717 -5.26 6.56 -36.92
CA ILE D 717 -4.66 5.62 -37.88
C ILE D 717 -5.49 4.35 -37.97
N GLU D 718 -6.03 3.88 -36.84
CA GLU D 718 -6.84 2.67 -36.85
C GLU D 718 -8.12 2.87 -37.67
N GLN D 719 -8.73 4.05 -37.57
CA GLN D 719 -9.90 4.34 -38.40
C GLN D 719 -9.53 4.41 -39.88
N LEU D 720 -8.31 4.86 -40.19
CA LEU D 720 -7.90 4.93 -41.59
C LEU D 720 -7.72 3.55 -42.19
N SER D 721 -6.92 2.69 -41.55
CA SER D 721 -6.66 1.36 -42.08
C SER D 721 -7.95 0.58 -42.31
N THR D 722 -8.96 0.77 -41.46
CA THR D 722 -10.24 0.12 -41.69
C THR D 722 -10.94 0.68 -42.91
N LEU D 723 -10.74 1.97 -43.21
CA LEU D 723 -11.39 2.57 -44.37
C LEU D 723 -10.65 2.21 -45.66
N LEU D 724 -9.32 2.26 -45.64
CA LEU D 724 -8.56 1.96 -46.86
C LEU D 724 -8.64 0.50 -47.25
N GLN D 725 -8.91 -0.39 -46.29
CA GLN D 725 -8.99 -1.82 -46.58
C GLN D 725 -10.40 -2.28 -46.93
N ASN D 726 -11.37 -1.37 -46.91
CA ASN D 726 -12.76 -1.69 -47.28
C ASN D 726 -12.95 -1.29 -48.73
N LYS D 727 -12.97 -2.27 -49.63
CA LYS D 727 -13.12 -1.99 -51.05
C LYS D 727 -14.51 -1.45 -51.37
N ASN D 728 -15.54 -1.98 -50.71
CA ASN D 728 -16.92 -1.54 -50.93
C ASN D 728 -17.28 -0.28 -50.16
N ARG D 729 -16.38 0.71 -50.14
CA ARG D 729 -16.65 1.96 -49.43
C ARG D 729 -17.14 3.03 -50.41
MG MG I . -17.22 -10.17 31.18
#